data_8YM2
# 
_entry.id   8YM2 
# 
_audit_conform.dict_name       mmcif_pdbx.dic 
_audit_conform.dict_version    5.392 
_audit_conform.dict_location   http://mmcif.pdb.org/dictionaries/ascii/mmcif_pdbx.dic 
# 
loop_
_database_2.database_id 
_database_2.database_code 
_database_2.pdbx_database_accession 
_database_2.pdbx_DOI 
PDB   8YM2         pdb_00008ym2 10.2210/pdb8ym2/pdb 
WWPDB D_1300045934 ?            ?                   
# 
loop_
_pdbx_audit_revision_history.ordinal 
_pdbx_audit_revision_history.data_content_type 
_pdbx_audit_revision_history.major_revision 
_pdbx_audit_revision_history.minor_revision 
_pdbx_audit_revision_history.revision_date 
1 'Structure model' 1 0 2024-05-29 
2 'Structure model' 1 1 2024-06-05 
# 
_pdbx_audit_revision_details.ordinal             1 
_pdbx_audit_revision_details.revision_ordinal    1 
_pdbx_audit_revision_details.data_content_type   'Structure model' 
_pdbx_audit_revision_details.provider            repository 
_pdbx_audit_revision_details.type                'Initial release' 
_pdbx_audit_revision_details.description         ? 
_pdbx_audit_revision_details.details             ? 
# 
_pdbx_audit_revision_group.ordinal             1 
_pdbx_audit_revision_group.revision_ordinal    2 
_pdbx_audit_revision_group.data_content_type   'Structure model' 
_pdbx_audit_revision_group.group               'Database references' 
# 
loop_
_pdbx_audit_revision_category.ordinal 
_pdbx_audit_revision_category.revision_ordinal 
_pdbx_audit_revision_category.data_content_type 
_pdbx_audit_revision_category.category 
1 2 'Structure model' citation        
2 2 'Structure model' citation_author 
# 
loop_
_pdbx_audit_revision_item.ordinal 
_pdbx_audit_revision_item.revision_ordinal 
_pdbx_audit_revision_item.data_content_type 
_pdbx_audit_revision_item.item 
1  2 'Structure model' '_citation.country'                 
2  2 'Structure model' '_citation.journal_abbrev'          
3  2 'Structure model' '_citation.journal_id_ASTM'         
4  2 'Structure model' '_citation.journal_id_CSD'          
5  2 'Structure model' '_citation.journal_id_ISSN'         
6  2 'Structure model' '_citation.journal_volume'          
7  2 'Structure model' '_citation.page_first'              
8  2 'Structure model' '_citation.page_last'               
9  2 'Structure model' '_citation.pdbx_database_id_DOI'    
10 2 'Structure model' '_citation.pdbx_database_id_PubMed' 
11 2 'Structure model' '_citation.title'                   
12 2 'Structure model' '_citation.year'                    
13 2 'Structure model' '_citation_author.identifier_ORCID' 
# 
_pdbx_database_status.status_code                     REL 
_pdbx_database_status.status_code_sf                  REL 
_pdbx_database_status.status_code_mr                  ? 
_pdbx_database_status.entry_id                        8YM2 
_pdbx_database_status.recvd_initial_deposition_date   2024-03-08 
_pdbx_database_status.SG_entry                        N 
_pdbx_database_status.deposit_site                    PDBJ 
_pdbx_database_status.process_site                    PDBJ 
_pdbx_database_status.status_code_cs                  ? 
_pdbx_database_status.status_code_nmr_data            ? 
_pdbx_database_status.methods_development_category    ? 
_pdbx_database_status.pdb_format_compatible           Y 
# 
_pdbx_contact_author.id                 3 
_pdbx_contact_author.email              zhangmj@sustech.edu.cn 
_pdbx_contact_author.name_first         Mingjie 
_pdbx_contact_author.name_last          Zhang 
_pdbx_contact_author.name_mi            ? 
_pdbx_contact_author.role               'principal investigator/group leader' 
_pdbx_contact_author.identifier_ORCID   0000-0001-9404-0190 
# 
loop_
_audit_author.name 
_audit_author.pdbx_ordinal 
_audit_author.identifier_ORCID 
'Wang, X.'  1 0009-0008-9941-5586 
'Wang, Y.'  2 0000-0002-1299-4490 
'Cai, Q.'   3 0000-0002-4525-4261 
'Zhang, M.' 4 0000-0001-9404-0190 
# 
_citation.abstract                  ? 
_citation.abstract_id_CAS           ? 
_citation.book_id_ISBN              ? 
_citation.book_publisher            ? 
_citation.book_publisher_city       ? 
_citation.book_title                ? 
_citation.coordinate_linkage        ? 
_citation.country                   UK 
_citation.database_id_Medline       ? 
_citation.details                   ? 
_citation.id                        primary 
_citation.journal_abbrev            J.Mol.Biol. 
_citation.journal_id_ASTM           JMOBAK 
_citation.journal_id_CSD            0070 
_citation.journal_id_ISSN           1089-8638 
_citation.journal_full              ? 
_citation.journal_issue             ? 
_citation.journal_volume            436 
_citation.language                  ? 
_citation.page_first                168608 
_citation.page_last                 168608 
_citation.title                     'AIDA-1/ANKS1B Binds to the SynGAP Family RasGAPs with High Affinity and Specificity.' 
_citation.year                      2024 
_citation.database_id_CSD           ? 
_citation.pdbx_database_id_DOI      10.1016/j.jmb.2024.168608 
_citation.pdbx_database_id_PubMed   38759928 
_citation.pdbx_database_id_patent   ? 
_citation.unpublished_flag          ? 
# 
loop_
_citation_author.citation_id 
_citation_author.name 
_citation_author.ordinal 
_citation_author.identifier_ORCID 
primary 'Wang, X.'  1 ? 
primary 'Wang, Y.'  2 ? 
primary 'Cai, Q.'   3 ? 
primary 'Zhang, M.' 4 ? 
# 
loop_
_entity.id 
_entity.type 
_entity.src_method 
_entity.pdbx_description 
_entity.formula_weight 
_entity.pdbx_number_of_molecules 
_entity.pdbx_ec 
_entity.pdbx_mutation 
_entity.pdbx_fragment 
_entity.details 
1 polymer man 'Ankyrin repeat and sterile alpha motif domain-containing protein 1B' 18248.781 1  ? ? 'PTB domain' ? 
2 polymer syn 'Ras/Rap GTPase-activating protein SynGAP'                            1331.560  1  ? ? 'NPxF motif' ? 
3 water   nat water                                                                 18.015    30 ? ? ?            ? 
# 
_entity_name_com.entity_id   2 
_entity_name_com.name        'Neuronal RasGAP,Synaptic Ras GTPase-activating protein 1,Synaptic Ras-GAP 1,p135 SynGAP' 
# 
loop_
_entity_poly.entity_id 
_entity_poly.type 
_entity_poly.nstd_linkage 
_entity_poly.nstd_monomer 
_entity_poly.pdbx_seq_one_letter_code 
_entity_poly.pdbx_seq_one_letter_code_can 
_entity_poly.pdbx_strand_id 
_entity_poly.pdbx_target_identifier 
1 'polypeptide(L)' no no 
;GPGSNEATASTPVQYWQHHPEKLIFQSCDYKAFYLGSMLIKELRGTESTQDACAKMRANCQKSTEQMKKVPTIILSVSYK
GVKFIDAANKNIIAEHEIRNISCAAQDPEDLSTFAYITKDLKSNHHYCHVFTAFDVNLAYEIILTLGQAFEVAYQLALQA
RK
;
;GPGSNEATASTPVQYWQHHPEKLIFQSCDYKAFYLGSMLIKELRGTESTQDACAKMRANCQKSTEQMKKVPTIILSVSYK
GVKFIDAANKNIIAEHEIRNISCAAQDPEDLSTFAYITKDLKSNHHYCHVFTAFDVNLAYEIILTLGQAFEVAYQLALQA
RK
;
A ? 
2 'polypeptide(L)' no no PLSFQNPLFHM PLSFQNPLFHM B ? 
# 
_pdbx_entity_nonpoly.entity_id   3 
_pdbx_entity_nonpoly.name        water 
_pdbx_entity_nonpoly.comp_id     HOH 
# 
loop_
_entity_poly_seq.entity_id 
_entity_poly_seq.num 
_entity_poly_seq.mon_id 
_entity_poly_seq.hetero 
1 1   GLY n 
1 2   PRO n 
1 3   GLY n 
1 4   SER n 
1 5   ASN n 
1 6   GLU n 
1 7   ALA n 
1 8   THR n 
1 9   ALA n 
1 10  SER n 
1 11  THR n 
1 12  PRO n 
1 13  VAL n 
1 14  GLN n 
1 15  TYR n 
1 16  TRP n 
1 17  GLN n 
1 18  HIS n 
1 19  HIS n 
1 20  PRO n 
1 21  GLU n 
1 22  LYS n 
1 23  LEU n 
1 24  ILE n 
1 25  PHE n 
1 26  GLN n 
1 27  SER n 
1 28  CYS n 
1 29  ASP n 
1 30  TYR n 
1 31  LYS n 
1 32  ALA n 
1 33  PHE n 
1 34  TYR n 
1 35  LEU n 
1 36  GLY n 
1 37  SER n 
1 38  MET n 
1 39  LEU n 
1 40  ILE n 
1 41  LYS n 
1 42  GLU n 
1 43  LEU n 
1 44  ARG n 
1 45  GLY n 
1 46  THR n 
1 47  GLU n 
1 48  SER n 
1 49  THR n 
1 50  GLN n 
1 51  ASP n 
1 52  ALA n 
1 53  CYS n 
1 54  ALA n 
1 55  LYS n 
1 56  MET n 
1 57  ARG n 
1 58  ALA n 
1 59  ASN n 
1 60  CYS n 
1 61  GLN n 
1 62  LYS n 
1 63  SER n 
1 64  THR n 
1 65  GLU n 
1 66  GLN n 
1 67  MET n 
1 68  LYS n 
1 69  LYS n 
1 70  VAL n 
1 71  PRO n 
1 72  THR n 
1 73  ILE n 
1 74  ILE n 
1 75  LEU n 
1 76  SER n 
1 77  VAL n 
1 78  SER n 
1 79  TYR n 
1 80  LYS n 
1 81  GLY n 
1 82  VAL n 
1 83  LYS n 
1 84  PHE n 
1 85  ILE n 
1 86  ASP n 
1 87  ALA n 
1 88  ALA n 
1 89  ASN n 
1 90  LYS n 
1 91  ASN n 
1 92  ILE n 
1 93  ILE n 
1 94  ALA n 
1 95  GLU n 
1 96  HIS n 
1 97  GLU n 
1 98  ILE n 
1 99  ARG n 
1 100 ASN n 
1 101 ILE n 
1 102 SER n 
1 103 CYS n 
1 104 ALA n 
1 105 ALA n 
1 106 GLN n 
1 107 ASP n 
1 108 PRO n 
1 109 GLU n 
1 110 ASP n 
1 111 LEU n 
1 112 SER n 
1 113 THR n 
1 114 PHE n 
1 115 ALA n 
1 116 TYR n 
1 117 ILE n 
1 118 THR n 
1 119 LYS n 
1 120 ASP n 
1 121 LEU n 
1 122 LYS n 
1 123 SER n 
1 124 ASN n 
1 125 HIS n 
1 126 HIS n 
1 127 TYR n 
1 128 CYS n 
1 129 HIS n 
1 130 VAL n 
1 131 PHE n 
1 132 THR n 
1 133 ALA n 
1 134 PHE n 
1 135 ASP n 
1 136 VAL n 
1 137 ASN n 
1 138 LEU n 
1 139 ALA n 
1 140 TYR n 
1 141 GLU n 
1 142 ILE n 
1 143 ILE n 
1 144 LEU n 
1 145 THR n 
1 146 LEU n 
1 147 GLY n 
1 148 GLN n 
1 149 ALA n 
1 150 PHE n 
1 151 GLU n 
1 152 VAL n 
1 153 ALA n 
1 154 TYR n 
1 155 GLN n 
1 156 LEU n 
1 157 ALA n 
1 158 LEU n 
1 159 GLN n 
1 160 ALA n 
1 161 ARG n 
1 162 LYS n 
2 1   PRO n 
2 2   LEU n 
2 3   SER n 
2 4   PHE n 
2 5   GLN n 
2 6   ASN n 
2 7   PRO n 
2 8   LEU n 
2 9   PHE n 
2 10  HIS n 
2 11  MET n 
# 
_entity_src_gen.entity_id                          1 
_entity_src_gen.pdbx_src_id                        1 
_entity_src_gen.pdbx_alt_source_flag               sample 
_entity_src_gen.pdbx_seq_type                      'Biological sequence' 
_entity_src_gen.pdbx_beg_seq_num                   1 
_entity_src_gen.pdbx_end_seq_num                   162 
_entity_src_gen.gene_src_common_name               'house mouse' 
_entity_src_gen.gene_src_genus                     ? 
_entity_src_gen.pdbx_gene_src_gene                 Anks1b 
_entity_src_gen.gene_src_species                   ? 
_entity_src_gen.gene_src_strain                    ? 
_entity_src_gen.gene_src_tissue                    ? 
_entity_src_gen.gene_src_tissue_fraction           ? 
_entity_src_gen.gene_src_details                   ? 
_entity_src_gen.pdbx_gene_src_fragment             ? 
_entity_src_gen.pdbx_gene_src_scientific_name      'Mus musculus' 
_entity_src_gen.pdbx_gene_src_ncbi_taxonomy_id     10090 
_entity_src_gen.pdbx_gene_src_variant              ? 
_entity_src_gen.pdbx_gene_src_cell_line            ? 
_entity_src_gen.pdbx_gene_src_atcc                 ? 
_entity_src_gen.pdbx_gene_src_organ                ? 
_entity_src_gen.pdbx_gene_src_organelle            ? 
_entity_src_gen.pdbx_gene_src_cell                 ? 
_entity_src_gen.pdbx_gene_src_cellular_location    ? 
_entity_src_gen.host_org_common_name               ? 
_entity_src_gen.pdbx_host_org_scientific_name      'Escherichia coli' 
_entity_src_gen.pdbx_host_org_ncbi_taxonomy_id     562 
_entity_src_gen.host_org_genus                     ? 
_entity_src_gen.pdbx_host_org_gene                 ? 
_entity_src_gen.pdbx_host_org_organ                ? 
_entity_src_gen.host_org_species                   ? 
_entity_src_gen.pdbx_host_org_tissue               ? 
_entity_src_gen.pdbx_host_org_tissue_fraction      ? 
_entity_src_gen.pdbx_host_org_strain               ? 
_entity_src_gen.pdbx_host_org_variant              ? 
_entity_src_gen.pdbx_host_org_cell_line            ? 
_entity_src_gen.pdbx_host_org_atcc                 ? 
_entity_src_gen.pdbx_host_org_culture_collection   ? 
_entity_src_gen.pdbx_host_org_cell                 ? 
_entity_src_gen.pdbx_host_org_organelle            ? 
_entity_src_gen.pdbx_host_org_cellular_location    ? 
_entity_src_gen.pdbx_host_org_vector_type          ? 
_entity_src_gen.pdbx_host_org_vector               ? 
_entity_src_gen.host_org_details                   ? 
_entity_src_gen.expression_system_id               ? 
_entity_src_gen.plasmid_name                       ? 
_entity_src_gen.plasmid_details                    ? 
_entity_src_gen.pdbx_description                   ? 
# 
_pdbx_entity_src_syn.entity_id              2 
_pdbx_entity_src_syn.pdbx_src_id            1 
_pdbx_entity_src_syn.pdbx_alt_source_flag   sample 
_pdbx_entity_src_syn.pdbx_beg_seq_num       1 
_pdbx_entity_src_syn.pdbx_end_seq_num       11 
_pdbx_entity_src_syn.organism_scientific    'Rattus norvegicus' 
_pdbx_entity_src_syn.organism_common_name   'Norway rat' 
_pdbx_entity_src_syn.ncbi_taxonomy_id       10116 
_pdbx_entity_src_syn.details                ? 
# 
loop_
_chem_comp.id 
_chem_comp.type 
_chem_comp.mon_nstd_flag 
_chem_comp.name 
_chem_comp.pdbx_synonyms 
_chem_comp.formula 
_chem_comp.formula_weight 
ALA 'L-peptide linking' y ALANINE         ? 'C3 H7 N O2'     89.093  
ARG 'L-peptide linking' y ARGININE        ? 'C6 H15 N4 O2 1' 175.209 
ASN 'L-peptide linking' y ASPARAGINE      ? 'C4 H8 N2 O3'    132.118 
ASP 'L-peptide linking' y 'ASPARTIC ACID' ? 'C4 H7 N O4'     133.103 
CYS 'L-peptide linking' y CYSTEINE        ? 'C3 H7 N O2 S'   121.158 
GLN 'L-peptide linking' y GLUTAMINE       ? 'C5 H10 N2 O3'   146.144 
GLU 'L-peptide linking' y 'GLUTAMIC ACID' ? 'C5 H9 N O4'     147.129 
GLY 'peptide linking'   y GLYCINE         ? 'C2 H5 N O2'     75.067  
HIS 'L-peptide linking' y HISTIDINE       ? 'C6 H10 N3 O2 1' 156.162 
HOH non-polymer         . WATER           ? 'H2 O'           18.015  
ILE 'L-peptide linking' y ISOLEUCINE      ? 'C6 H13 N O2'    131.173 
LEU 'L-peptide linking' y LEUCINE         ? 'C6 H13 N O2'    131.173 
LYS 'L-peptide linking' y LYSINE          ? 'C6 H15 N2 O2 1' 147.195 
MET 'L-peptide linking' y METHIONINE      ? 'C5 H11 N O2 S'  149.211 
PHE 'L-peptide linking' y PHENYLALANINE   ? 'C9 H11 N O2'    165.189 
PRO 'L-peptide linking' y PROLINE         ? 'C5 H9 N O2'     115.130 
SER 'L-peptide linking' y SERINE          ? 'C3 H7 N O3'     105.093 
THR 'L-peptide linking' y THREONINE       ? 'C4 H9 N O3'     119.119 
TRP 'L-peptide linking' y TRYPTOPHAN      ? 'C11 H12 N2 O2'  204.225 
TYR 'L-peptide linking' y TYROSINE        ? 'C9 H11 N O3'    181.189 
VAL 'L-peptide linking' y VALINE          ? 'C5 H11 N O2'    117.146 
# 
loop_
_pdbx_poly_seq_scheme.asym_id 
_pdbx_poly_seq_scheme.entity_id 
_pdbx_poly_seq_scheme.seq_id 
_pdbx_poly_seq_scheme.mon_id 
_pdbx_poly_seq_scheme.ndb_seq_num 
_pdbx_poly_seq_scheme.pdb_seq_num 
_pdbx_poly_seq_scheme.auth_seq_num 
_pdbx_poly_seq_scheme.pdb_mon_id 
_pdbx_poly_seq_scheme.auth_mon_id 
_pdbx_poly_seq_scheme.pdb_strand_id 
_pdbx_poly_seq_scheme.pdb_ins_code 
_pdbx_poly_seq_scheme.hetero 
A 1 1   GLY 1   1028 ?    ?   ?   A . n 
A 1 2   PRO 2   1029 ?    ?   ?   A . n 
A 1 3   GLY 3   1030 ?    ?   ?   A . n 
A 1 4   SER 4   1031 ?    ?   ?   A . n 
A 1 5   ASN 5   1032 ?    ?   ?   A . n 
A 1 6   GLU 6   1033 ?    ?   ?   A . n 
A 1 7   ALA 7   1034 ?    ?   ?   A . n 
A 1 8   THR 8   1035 1035 THR THR A . n 
A 1 9   ALA 9   1036 1036 ALA ALA A . n 
A 1 10  SER 10  1037 1037 SER SER A . n 
A 1 11  THR 11  1038 1038 THR THR A . n 
A 1 12  PRO 12  1039 1039 PRO PRO A . n 
A 1 13  VAL 13  1040 1040 VAL VAL A . n 
A 1 14  GLN 14  1041 1041 GLN GLN A . n 
A 1 15  TYR 15  1042 1042 TYR TYR A . n 
A 1 16  TRP 16  1043 1043 TRP TRP A . n 
A 1 17  GLN 17  1044 1044 GLN GLN A . n 
A 1 18  HIS 18  1045 1045 HIS HIS A . n 
A 1 19  HIS 19  1046 1046 HIS HIS A . n 
A 1 20  PRO 20  1047 1047 PRO PRO A . n 
A 1 21  GLU 21  1048 1048 GLU GLU A . n 
A 1 22  LYS 22  1049 1049 LYS LYS A . n 
A 1 23  LEU 23  1050 1050 LEU LEU A . n 
A 1 24  ILE 24  1051 1051 ILE ILE A . n 
A 1 25  PHE 25  1052 1052 PHE PHE A . n 
A 1 26  GLN 26  1053 1053 GLN GLN A . n 
A 1 27  SER 27  1054 1054 SER SER A . n 
A 1 28  CYS 28  1055 1055 CYS CYS A . n 
A 1 29  ASP 29  1056 1056 ASP ASP A . n 
A 1 30  TYR 30  1057 1057 TYR TYR A . n 
A 1 31  LYS 31  1058 1058 LYS LYS A . n 
A 1 32  ALA 32  1059 1059 ALA ALA A . n 
A 1 33  PHE 33  1060 1060 PHE PHE A . n 
A 1 34  TYR 34  1061 1061 TYR TYR A . n 
A 1 35  LEU 35  1062 1062 LEU LEU A . n 
A 1 36  GLY 36  1063 1063 GLY GLY A . n 
A 1 37  SER 37  1064 1064 SER SER A . n 
A 1 38  MET 38  1065 1065 MET MET A . n 
A 1 39  LEU 39  1066 1066 LEU LEU A . n 
A 1 40  ILE 40  1067 1067 ILE ILE A . n 
A 1 41  LYS 41  1068 1068 LYS LYS A . n 
A 1 42  GLU 42  1069 1069 GLU GLU A . n 
A 1 43  LEU 43  1070 ?    ?   ?   A . n 
A 1 44  ARG 44  1071 ?    ?   ?   A . n 
A 1 45  GLY 45  1072 1072 GLY GLY A . n 
A 1 46  THR 46  1073 1073 THR THR A . n 
A 1 47  GLU 47  1074 1074 GLU GLU A . n 
A 1 48  SER 48  1075 1075 SER SER A . n 
A 1 49  THR 49  1076 1076 THR THR A . n 
A 1 50  GLN 50  1077 1077 GLN GLN A . n 
A 1 51  ASP 51  1078 1078 ASP ASP A . n 
A 1 52  ALA 52  1079 1079 ALA ALA A . n 
A 1 53  CYS 53  1080 1080 CYS CYS A . n 
A 1 54  ALA 54  1081 1081 ALA ALA A . n 
A 1 55  LYS 55  1082 1082 LYS LYS A . n 
A 1 56  MET 56  1083 1083 MET MET A . n 
A 1 57  ARG 57  1084 1084 ARG ARG A . n 
A 1 58  ALA 58  1085 1085 ALA ALA A . n 
A 1 59  ASN 59  1086 1086 ASN ASN A . n 
A 1 60  CYS 60  1087 1087 CYS CYS A . n 
A 1 61  GLN 61  1088 1088 GLN GLN A . n 
A 1 62  LYS 62  1089 1089 LYS LYS A . n 
A 1 63  SER 63  1090 1090 SER SER A . n 
A 1 64  THR 64  1091 ?    ?   ?   A . n 
A 1 65  GLU 65  1092 ?    ?   ?   A . n 
A 1 66  GLN 66  1093 1093 GLN GLN A . n 
A 1 67  MET 67  1094 1094 MET MET A . n 
A 1 68  LYS 68  1095 1095 LYS LYS A . n 
A 1 69  LYS 69  1096 1096 LYS LYS A . n 
A 1 70  VAL 70  1097 1097 VAL VAL A . n 
A 1 71  PRO 71  1098 1098 PRO PRO A . n 
A 1 72  THR 72  1099 1099 THR THR A . n 
A 1 73  ILE 73  1100 1100 ILE ILE A . n 
A 1 74  ILE 74  1101 1101 ILE ILE A . n 
A 1 75  LEU 75  1102 1102 LEU LEU A . n 
A 1 76  SER 76  1103 1103 SER SER A . n 
A 1 77  VAL 77  1104 1104 VAL VAL A . n 
A 1 78  SER 78  1105 1105 SER SER A . n 
A 1 79  TYR 79  1106 1106 TYR TYR A . n 
A 1 80  LYS 80  1107 1107 LYS LYS A . n 
A 1 81  GLY 81  1108 1108 GLY GLY A . n 
A 1 82  VAL 82  1109 1109 VAL VAL A . n 
A 1 83  LYS 83  1110 1110 LYS LYS A . n 
A 1 84  PHE 84  1111 1111 PHE PHE A . n 
A 1 85  ILE 85  1112 1112 ILE ILE A . n 
A 1 86  ASP 86  1113 1113 ASP ASP A . n 
A 1 87  ALA 87  1114 1114 ALA ALA A . n 
A 1 88  ALA 88  1115 1115 ALA ALA A . n 
A 1 89  ASN 89  1116 1116 ASN ASN A . n 
A 1 90  LYS 90  1117 1117 LYS LYS A . n 
A 1 91  ASN 91  1118 1118 ASN ASN A . n 
A 1 92  ILE 92  1119 1119 ILE ILE A . n 
A 1 93  ILE 93  1120 1120 ILE ILE A . n 
A 1 94  ALA 94  1121 1121 ALA ALA A . n 
A 1 95  GLU 95  1122 1122 GLU GLU A . n 
A 1 96  HIS 96  1123 1123 HIS HIS A . n 
A 1 97  GLU 97  1124 1124 GLU GLU A . n 
A 1 98  ILE 98  1125 1125 ILE ILE A . n 
A 1 99  ARG 99  1126 1126 ARG ARG A . n 
A 1 100 ASN 100 1127 1127 ASN ASN A . n 
A 1 101 ILE 101 1128 1128 ILE ILE A . n 
A 1 102 SER 102 1129 1129 SER SER A . n 
A 1 103 CYS 103 1130 1130 CYS CYS A . n 
A 1 104 ALA 104 1131 1131 ALA ALA A . n 
A 1 105 ALA 105 1132 1132 ALA ALA A . n 
A 1 106 GLN 106 1133 1133 GLN GLN A . n 
A 1 107 ASP 107 1134 1134 ASP ASP A . n 
A 1 108 PRO 108 1135 1135 PRO PRO A . n 
A 1 109 GLU 109 1136 1136 GLU GLU A . n 
A 1 110 ASP 110 1137 1137 ASP ASP A . n 
A 1 111 LEU 111 1138 1138 LEU LEU A . n 
A 1 112 SER 112 1139 1139 SER SER A . n 
A 1 113 THR 113 1140 1140 THR THR A . n 
A 1 114 PHE 114 1141 1141 PHE PHE A . n 
A 1 115 ALA 115 1142 1142 ALA ALA A . n 
A 1 116 TYR 116 1143 1143 TYR TYR A . n 
A 1 117 ILE 117 1144 1144 ILE ILE A . n 
A 1 118 THR 118 1145 1145 THR THR A . n 
A 1 119 LYS 119 1146 1146 LYS LYS A . n 
A 1 120 ASP 120 1147 1147 ASP ASP A . n 
A 1 121 LEU 121 1148 ?    ?   ?   A . n 
A 1 122 LYS 122 1149 ?    ?   ?   A . n 
A 1 123 SER 123 1150 1150 SER SER A . n 
A 1 124 ASN 124 1151 1151 ASN ASN A . n 
A 1 125 HIS 125 1152 1152 HIS HIS A . n 
A 1 126 HIS 126 1153 1153 HIS HIS A . n 
A 1 127 TYR 127 1154 1154 TYR TYR A . n 
A 1 128 CYS 128 1155 1155 CYS CYS A . n 
A 1 129 HIS 129 1156 1156 HIS HIS A . n 
A 1 130 VAL 130 1157 1157 VAL VAL A . n 
A 1 131 PHE 131 1158 1158 PHE PHE A . n 
A 1 132 THR 132 1159 1159 THR THR A . n 
A 1 133 ALA 133 1160 1160 ALA ALA A . n 
A 1 134 PHE 134 1161 1161 PHE PHE A . n 
A 1 135 ASP 135 1162 1162 ASP ASP A . n 
A 1 136 VAL 136 1163 1163 VAL VAL A . n 
A 1 137 ASN 137 1164 1164 ASN ASN A . n 
A 1 138 LEU 138 1165 1165 LEU LEU A . n 
A 1 139 ALA 139 1166 1166 ALA ALA A . n 
A 1 140 TYR 140 1167 1167 TYR TYR A . n 
A 1 141 GLU 141 1168 1168 GLU GLU A . n 
A 1 142 ILE 142 1169 1169 ILE ILE A . n 
A 1 143 ILE 143 1170 1170 ILE ILE A . n 
A 1 144 LEU 144 1171 1171 LEU LEU A . n 
A 1 145 THR 145 1172 1172 THR THR A . n 
A 1 146 LEU 146 1173 1173 LEU LEU A . n 
A 1 147 GLY 147 1174 1174 GLY GLY A . n 
A 1 148 GLN 148 1175 1175 GLN GLN A . n 
A 1 149 ALA 149 1176 1176 ALA ALA A . n 
A 1 150 PHE 150 1177 1177 PHE PHE A . n 
A 1 151 GLU 151 1178 1178 GLU GLU A . n 
A 1 152 VAL 152 1179 1179 VAL VAL A . n 
A 1 153 ALA 153 1180 1180 ALA ALA A . n 
A 1 154 TYR 154 1181 1181 TYR TYR A . n 
A 1 155 GLN 155 1182 1182 GLN GLN A . n 
A 1 156 LEU 156 1183 1183 LEU LEU A . n 
A 1 157 ALA 157 1184 1184 ALA ALA A . n 
A 1 158 LEU 158 1185 1185 LEU LEU A . n 
A 1 159 GLN 159 1186 1186 GLN GLN A . n 
A 1 160 ALA 160 1187 1187 ALA ALA A . n 
A 1 161 ARG 161 1188 1188 ARG ARG A . n 
A 1 162 LYS 162 1189 1189 LYS LYS A . n 
B 2 1   PRO 1   924  924  PRO PRO B . n 
B 2 2   LEU 2   925  925  LEU LEU B . n 
B 2 3   SER 3   926  926  SER SER B . n 
B 2 4   PHE 4   927  927  PHE PHE B . n 
B 2 5   GLN 5   928  928  GLN GLN B . n 
B 2 6   ASN 6   929  929  ASN ASN B . n 
B 2 7   PRO 7   930  930  PRO PRO B . n 
B 2 8   LEU 8   931  931  LEU LEU B . n 
B 2 9   PHE 9   932  932  PHE PHE B . n 
B 2 10  HIS 10  933  ?    ?   ?   B . n 
B 2 11  MET 11  934  ?    ?   ?   B . n 
# 
loop_
_pdbx_nonpoly_scheme.asym_id 
_pdbx_nonpoly_scheme.entity_id 
_pdbx_nonpoly_scheme.mon_id 
_pdbx_nonpoly_scheme.ndb_seq_num 
_pdbx_nonpoly_scheme.pdb_seq_num 
_pdbx_nonpoly_scheme.auth_seq_num 
_pdbx_nonpoly_scheme.pdb_mon_id 
_pdbx_nonpoly_scheme.auth_mon_id 
_pdbx_nonpoly_scheme.pdb_strand_id 
_pdbx_nonpoly_scheme.pdb_ins_code 
C 3 HOH 1  1201 24 HOH HOH A . 
C 3 HOH 2  1202 31 HOH HOH A . 
C 3 HOH 3  1203 6  HOH HOH A . 
C 3 HOH 4  1204 13 HOH HOH A . 
C 3 HOH 5  1205 15 HOH HOH A . 
C 3 HOH 6  1206 14 HOH HOH A . 
C 3 HOH 7  1207 8  HOH HOH A . 
C 3 HOH 8  1208 7  HOH HOH A . 
C 3 HOH 9  1209 3  HOH HOH A . 
C 3 HOH 10 1210 17 HOH HOH A . 
C 3 HOH 11 1211 25 HOH HOH A . 
C 3 HOH 12 1212 22 HOH HOH A . 
C 3 HOH 13 1213 1  HOH HOH A . 
C 3 HOH 14 1214 16 HOH HOH A . 
C 3 HOH 15 1215 26 HOH HOH A . 
C 3 HOH 16 1216 4  HOH HOH A . 
C 3 HOH 17 1217 5  HOH HOH A . 
C 3 HOH 18 1218 21 HOH HOH A . 
C 3 HOH 19 1219 19 HOH HOH A . 
C 3 HOH 20 1220 23 HOH HOH A . 
C 3 HOH 21 1221 9  HOH HOH A . 
C 3 HOH 22 1222 32 HOH HOH A . 
C 3 HOH 23 1223 20 HOH HOH A . 
C 3 HOH 24 1224 11 HOH HOH A . 
C 3 HOH 25 1225 30 HOH HOH A . 
C 3 HOH 26 1226 12 HOH HOH A . 
C 3 HOH 27 1227 27 HOH HOH A . 
C 3 HOH 28 1228 2  HOH HOH A . 
D 3 HOH 1  1001 18 HOH HOH B . 
D 3 HOH 2  1002 33 HOH HOH B . 
# 
loop_
_software.citation_id 
_software.classification 
_software.compiler_name 
_software.compiler_version 
_software.contact_author 
_software.contact_author_email 
_software.date 
_software.description 
_software.dependencies 
_software.hardware 
_software.language 
_software.location 
_software.mods 
_software.name 
_software.os 
_software.os_version 
_software.type 
_software.version 
_software.pdbx_ordinal 
? refinement       ? ? ? ? ? ? ? ? ? ? ? REFMAC   ? ? ? 5.8.0352 1 
? 'data scaling'   ? ? ? ? ? ? ? ? ? ? ? HKL-2000 ? ? ? .        2 
? 'data reduction' ? ? ? ? ? ? ? ? ? ? ? HKL-2000 ? ? ? .        3 
? phasing          ? ? ? ? ? ? ? ? ? ? ? PHASER   ? ? ? .        4 
# 
_cell.angle_alpha                  90.00 
_cell.angle_alpha_esd              ? 
_cell.angle_beta                   90.00 
_cell.angle_beta_esd               ? 
_cell.angle_gamma                  90.00 
_cell.angle_gamma_esd              ? 
_cell.entry_id                     8YM2 
_cell.details                      ? 
_cell.formula_units_Z              ? 
_cell.length_a                     112.919 
_cell.length_a_esd                 ? 
_cell.length_b                     112.919 
_cell.length_b_esd                 ? 
_cell.length_c                     112.919 
_cell.length_c_esd                 ? 
_cell.volume                       ? 
_cell.volume_esd                   ? 
_cell.Z_PDB                        24 
_cell.reciprocal_angle_alpha       ? 
_cell.reciprocal_angle_beta        ? 
_cell.reciprocal_angle_gamma       ? 
_cell.reciprocal_angle_alpha_esd   ? 
_cell.reciprocal_angle_beta_esd    ? 
_cell.reciprocal_angle_gamma_esd   ? 
_cell.reciprocal_length_a          ? 
_cell.reciprocal_length_b          ? 
_cell.reciprocal_length_c          ? 
_cell.reciprocal_length_a_esd      ? 
_cell.reciprocal_length_b_esd      ? 
_cell.reciprocal_length_c_esd      ? 
_cell.pdbx_unique_axis             ? 
_cell.pdbx_esd_method              ? 
# 
_symmetry.entry_id                         8YM2 
_symmetry.cell_setting                     ? 
_symmetry.Int_Tables_number                197 
_symmetry.space_group_name_Hall            ? 
_symmetry.space_group_name_H-M             'I 2 3' 
_symmetry.pdbx_full_space_group_name_H-M   ? 
# 
_exptl.absorpt_coefficient_mu     ? 
_exptl.absorpt_correction_T_max   ? 
_exptl.absorpt_correction_T_min   ? 
_exptl.absorpt_correction_type    ? 
_exptl.absorpt_process_details    ? 
_exptl.entry_id                   8YM2 
_exptl.crystals_number            1 
_exptl.details                    ? 
_exptl.method                     'X-RAY DIFFRACTION' 
_exptl.method_details             ? 
# 
_exptl_crystal.colour                       ? 
_exptl_crystal.density_diffrn               ? 
_exptl_crystal.density_Matthews             3.06 
_exptl_crystal.density_method               ? 
_exptl_crystal.density_percent_sol          59.85 
_exptl_crystal.description                  ? 
_exptl_crystal.F_000                        ? 
_exptl_crystal.id                           1 
_exptl_crystal.preparation                  ? 
_exptl_crystal.size_max                     ? 
_exptl_crystal.size_mid                     ? 
_exptl_crystal.size_min                     ? 
_exptl_crystal.size_rad                     ? 
_exptl_crystal.colour_lustre                ? 
_exptl_crystal.colour_modifier              ? 
_exptl_crystal.colour_primary               ? 
_exptl_crystal.density_meas                 ? 
_exptl_crystal.density_meas_esd             ? 
_exptl_crystal.density_meas_gt              ? 
_exptl_crystal.density_meas_lt              ? 
_exptl_crystal.density_meas_temp            ? 
_exptl_crystal.density_meas_temp_esd        ? 
_exptl_crystal.density_meas_temp_gt         ? 
_exptl_crystal.density_meas_temp_lt         ? 
_exptl_crystal.pdbx_crystal_image_url       ? 
_exptl_crystal.pdbx_crystal_image_format    ? 
_exptl_crystal.pdbx_mosaicity               ? 
_exptl_crystal.pdbx_mosaicity_esd           ? 
_exptl_crystal.pdbx_mosaic_method           ? 
_exptl_crystal.pdbx_mosaic_block_size       ? 
_exptl_crystal.pdbx_mosaic_block_size_esd   ? 
# 
_exptl_crystal_grow.apparatus       ? 
_exptl_crystal_grow.atmosphere      ? 
_exptl_crystal_grow.crystal_id      1 
_exptl_crystal_grow.details         ? 
_exptl_crystal_grow.method          EVAPORATION 
_exptl_crystal_grow.method_ref      ? 
_exptl_crystal_grow.pH              7.1 
_exptl_crystal_grow.pressure        ? 
_exptl_crystal_grow.pressure_esd    ? 
_exptl_crystal_grow.seeding         ? 
_exptl_crystal_grow.seeding_ref     ? 
_exptl_crystal_grow.temp_details    ? 
_exptl_crystal_grow.temp_esd        ? 
_exptl_crystal_grow.time            ? 
_exptl_crystal_grow.pdbx_details    '1.8 M (NH4)2SO4, 10% 1,4-Dioxane, and 0.1 M MES at pH 7.1' 
_exptl_crystal_grow.pdbx_pH_range   ? 
_exptl_crystal_grow.temp            289 
# 
_diffrn.ambient_environment              ? 
_diffrn.ambient_temp                     100 
_diffrn.ambient_temp_details             ? 
_diffrn.ambient_temp_esd                 ? 
_diffrn.crystal_id                       1 
_diffrn.crystal_support                  ? 
_diffrn.crystal_treatment                ? 
_diffrn.details                          ? 
_diffrn.id                               1 
_diffrn.ambient_pressure                 ? 
_diffrn.ambient_pressure_esd             ? 
_diffrn.ambient_pressure_gt              ? 
_diffrn.ambient_pressure_lt              ? 
_diffrn.ambient_temp_gt                  ? 
_diffrn.ambient_temp_lt                  ? 
_diffrn.pdbx_serial_crystal_experiment   N 
# 
_diffrn_detector.details                      ? 
_diffrn_detector.detector                     PIXEL 
_diffrn_detector.diffrn_id                    1 
_diffrn_detector.type                         'DECTRIS PILATUS 6M' 
_diffrn_detector.area_resol_mean              ? 
_diffrn_detector.dtime                        ? 
_diffrn_detector.pdbx_frames_total            ? 
_diffrn_detector.pdbx_collection_time_total   ? 
_diffrn_detector.pdbx_collection_date         2021-10-24 
_diffrn_detector.pdbx_frequency               ? 
_diffrn_detector.id                           ? 
_diffrn_detector.number_of_axes               ? 
# 
_diffrn_radiation.collimation                      ? 
_diffrn_radiation.diffrn_id                        1 
_diffrn_radiation.filter_edge                      ? 
_diffrn_radiation.inhomogeneity                    ? 
_diffrn_radiation.monochromator                    'LN2-cooled DCM with Si(111) crystals' 
_diffrn_radiation.polarisn_norm                    ? 
_diffrn_radiation.polarisn_ratio                   ? 
_diffrn_radiation.probe                            ? 
_diffrn_radiation.type                             ? 
_diffrn_radiation.xray_symbol                      ? 
_diffrn_radiation.wavelength_id                    1 
_diffrn_radiation.pdbx_monochromatic_or_laue_m_l   M 
_diffrn_radiation.pdbx_wavelength_list             ? 
_diffrn_radiation.pdbx_wavelength                  ? 
_diffrn_radiation.pdbx_diffrn_protocol             'SINGLE WAVELENGTH' 
_diffrn_radiation.pdbx_analyzer                    ? 
_diffrn_radiation.pdbx_scattering_type             x-ray 
# 
_diffrn_radiation_wavelength.id           1 
_diffrn_radiation_wavelength.wavelength   0.97852 
_diffrn_radiation_wavelength.wt           1.0 
# 
_diffrn_source.current                     ? 
_diffrn_source.details                     ? 
_diffrn_source.diffrn_id                   1 
_diffrn_source.power                       ? 
_diffrn_source.size                        ? 
_diffrn_source.source                      SYNCHROTRON 
_diffrn_source.target                      ? 
_diffrn_source.type                        'SSRF BEAMLINE BL19U1' 
_diffrn_source.voltage                     ? 
_diffrn_source.take-off_angle              ? 
_diffrn_source.pdbx_wavelength_list        0.97852 
_diffrn_source.pdbx_wavelength             ? 
_diffrn_source.pdbx_synchrotron_beamline   BL19U1 
_diffrn_source.pdbx_synchrotron_site       SSRF 
# 
_reflns.B_iso_Wilson_estimate                          ? 
_reflns.entry_id                                       8YM2 
_reflns.data_reduction_details                         ? 
_reflns.data_reduction_method                          ? 
_reflns.d_resolution_high                              2.00 
_reflns.d_resolution_low                               50.00 
_reflns.details                                        ? 
_reflns.limit_h_max                                    ? 
_reflns.limit_h_min                                    ? 
_reflns.limit_k_max                                    ? 
_reflns.limit_k_min                                    ? 
_reflns.limit_l_max                                    ? 
_reflns.limit_l_min                                    ? 
_reflns.number_all                                     ? 
_reflns.number_obs                                     16295 
_reflns.observed_criterion                             ? 
_reflns.observed_criterion_F_max                       ? 
_reflns.observed_criterion_F_min                       ? 
_reflns.observed_criterion_I_max                       ? 
_reflns.observed_criterion_I_min                       ? 
_reflns.observed_criterion_sigma_F                     ? 
_reflns.observed_criterion_sigma_I                     ? 
_reflns.percent_possible_obs                           100.0 
_reflns.R_free_details                                 ? 
_reflns.Rmerge_F_all                                   ? 
_reflns.Rmerge_F_obs                                   ? 
_reflns.Friedel_coverage                               ? 
_reflns.number_gt                                      ? 
_reflns.threshold_expression                           ? 
_reflns.pdbx_redundancy                                39.0 
_reflns.pdbx_netI_over_av_sigmaI                       ? 
_reflns.pdbx_netI_over_sigmaI                          3.1 
_reflns.pdbx_res_netI_over_av_sigmaI_2                 ? 
_reflns.pdbx_res_netI_over_sigmaI_2                    ? 
_reflns.pdbx_chi_squared                               1.173 
_reflns.pdbx_scaling_rejects                           ? 
_reflns.pdbx_d_res_high_opt                            ? 
_reflns.pdbx_d_res_low_opt                             ? 
_reflns.pdbx_d_res_opt_method                          ? 
_reflns.phase_calculation_details                      ? 
_reflns.pdbx_Rrim_I_all                                0.178 
_reflns.pdbx_Rpim_I_all                                0.030 
_reflns.pdbx_d_opt                                     ? 
_reflns.pdbx_number_measured_all                       635160 
_reflns.pdbx_diffrn_id                                 1 
_reflns.pdbx_ordinal                                   1 
_reflns.pdbx_CC_half                                   0.995 
_reflns.pdbx_CC_star                                   0.999 
_reflns.pdbx_R_split                                   ? 
_reflns.pdbx_Rmerge_I_obs                              0.176 
_reflns.pdbx_Rmerge_I_all                              ? 
_reflns.pdbx_Rsym_value                                ? 
_reflns.pdbx_CC_split_method                           ? 
_reflns.pdbx_aniso_diffraction_limit_axis_1_ortho[1]   ? 
_reflns.pdbx_aniso_diffraction_limit_axis_1_ortho[2]   ? 
_reflns.pdbx_aniso_diffraction_limit_axis_1_ortho[3]   ? 
_reflns.pdbx_aniso_diffraction_limit_axis_2_ortho[1]   ? 
_reflns.pdbx_aniso_diffraction_limit_axis_2_ortho[2]   ? 
_reflns.pdbx_aniso_diffraction_limit_axis_2_ortho[3]   ? 
_reflns.pdbx_aniso_diffraction_limit_axis_3_ortho[1]   ? 
_reflns.pdbx_aniso_diffraction_limit_axis_3_ortho[2]   ? 
_reflns.pdbx_aniso_diffraction_limit_axis_3_ortho[3]   ? 
_reflns.pdbx_aniso_diffraction_limit_1                 ? 
_reflns.pdbx_aniso_diffraction_limit_2                 ? 
_reflns.pdbx_aniso_diffraction_limit_3                 ? 
_reflns.pdbx_aniso_B_tensor_eigenvector_1_ortho[1]     ? 
_reflns.pdbx_aniso_B_tensor_eigenvector_1_ortho[2]     ? 
_reflns.pdbx_aniso_B_tensor_eigenvector_1_ortho[3]     ? 
_reflns.pdbx_aniso_B_tensor_eigenvector_2_ortho[1]     ? 
_reflns.pdbx_aniso_B_tensor_eigenvector_2_ortho[2]     ? 
_reflns.pdbx_aniso_B_tensor_eigenvector_2_ortho[3]     ? 
_reflns.pdbx_aniso_B_tensor_eigenvector_3_ortho[1]     ? 
_reflns.pdbx_aniso_B_tensor_eigenvector_3_ortho[2]     ? 
_reflns.pdbx_aniso_B_tensor_eigenvector_3_ortho[3]     ? 
_reflns.pdbx_aniso_B_tensor_eigenvalue_1               ? 
_reflns.pdbx_aniso_B_tensor_eigenvalue_2               ? 
_reflns.pdbx_aniso_B_tensor_eigenvalue_3               ? 
_reflns.pdbx_orthogonalization_convention              ? 
_reflns.pdbx_percent_possible_ellipsoidal              ? 
_reflns.pdbx_percent_possible_spherical                ? 
_reflns.pdbx_percent_possible_ellipsoidal_anomalous    ? 
_reflns.pdbx_percent_possible_spherical_anomalous      ? 
_reflns.pdbx_redundancy_anomalous                      ? 
_reflns.pdbx_CC_half_anomalous                         ? 
_reflns.pdbx_absDiff_over_sigma_anomalous              ? 
_reflns.pdbx_percent_possible_anomalous                ? 
_reflns.pdbx_observed_signal_threshold                 ? 
_reflns.pdbx_signal_type                               ? 
_reflns.pdbx_signal_details                            ? 
_reflns.pdbx_signal_software_id                        ? 
# 
loop_
_reflns_shell.d_res_high 
_reflns_shell.d_res_low 
_reflns_shell.meanI_over_sigI_all 
_reflns_shell.meanI_over_sigI_obs 
_reflns_shell.number_measured_all 
_reflns_shell.number_measured_obs 
_reflns_shell.number_possible 
_reflns_shell.number_unique_all 
_reflns_shell.number_unique_obs 
_reflns_shell.percent_possible_obs 
_reflns_shell.Rmerge_F_all 
_reflns_shell.Rmerge_F_obs 
_reflns_shell.meanI_over_sigI_gt 
_reflns_shell.meanI_over_uI_all 
_reflns_shell.meanI_over_uI_gt 
_reflns_shell.number_measured_gt 
_reflns_shell.number_unique_gt 
_reflns_shell.percent_possible_gt 
_reflns_shell.Rmerge_F_gt 
_reflns_shell.Rmerge_I_gt 
_reflns_shell.pdbx_redundancy 
_reflns_shell.pdbx_chi_squared 
_reflns_shell.pdbx_netI_over_sigmaI_all 
_reflns_shell.pdbx_netI_over_sigmaI_obs 
_reflns_shell.pdbx_Rrim_I_all 
_reflns_shell.pdbx_Rpim_I_all 
_reflns_shell.pdbx_rejects 
_reflns_shell.pdbx_ordinal 
_reflns_shell.pdbx_diffrn_id 
_reflns_shell.pdbx_CC_half 
_reflns_shell.pdbx_CC_star 
_reflns_shell.pdbx_R_split 
_reflns_shell.percent_possible_all 
_reflns_shell.Rmerge_I_all 
_reflns_shell.Rmerge_I_obs 
_reflns_shell.pdbx_Rsym_value 
_reflns_shell.pdbx_percent_possible_ellipsoidal 
_reflns_shell.pdbx_percent_possible_spherical 
_reflns_shell.pdbx_percent_possible_ellipsoidal_anomalous 
_reflns_shell.pdbx_percent_possible_spherical_anomalous 
_reflns_shell.pdbx_redundancy_anomalous 
_reflns_shell.pdbx_CC_half_anomalous 
_reflns_shell.pdbx_absDiff_over_sigma_anomalous 
_reflns_shell.pdbx_percent_possible_anomalous 
2.00 2.03  ? ? ? ? ? ? 808 ? ? ? ? ? ? ? ? ? ? ? 40.6 0.426 ? ? 2.548 0.399 ? 1  1 0.697 0.906 ? 100.0 ? 2.517 ? ? ? ? ? ? ? ? ? 
2.03 2.07  ? ? ? ? ? ? 811 ? ? ? ? ? ? ? ? ? ? ? 40.5 0.439 ? ? 1.866 0.293 ? 2  1 0.696 0.906 ? 100.0 ? 1.843 ? ? ? ? ? ? ? ? ? 
2.07 2.11  ? ? ? ? ? ? 782 ? ? ? ? ? ? ? ? ? ? ? 40.4 0.432 ? ? 1.665 0.261 ? 3  1 0.795 0.941 ? 100.0 ? 1.645 ? ? ? ? ? ? ? ? ? 
2.11 2.15  ? ? ? ? ? ? 813 ? ? ? ? ? ? ? ? ? ? ? 40.6 0.438 ? ? 1.607 0.252 ? 4  1 0.840 0.956 ? 100.0 ? 1.587 ? ? ? ? ? ? ? ? ? 
2.15 2.20  ? ? ? ? ? ? 802 ? ? ? ? ? ? ? ? ? ? ? 40.3 0.671 ? ? ?     1.759 ? 5  1 0.863 0.963 ? 100.0 ? ?     ? ? ? ? ? ? ? ? ? 
2.20 2.25  ? ? ? ? ? ? 815 ? ? ? ? ? ? ? ? ? ? ? 34.8 1.826 ? ? 3.099 0.518 ? 6  1 0.951 0.987 ? 100.0 ? 3.055 ? ? ? ? ? ? ? ? ? 
2.25 2.31  ? ? ? ? ? ? 804 ? ? ? ? ? ? ? ? ? ? ? 36.8 1.846 ? ? 5.291 0.872 ? 7  1 0.956 0.989 ? 100.0 ? 5.217 ? ? ? ? ? ? ? ? ? 
2.31 2.37  ? ? ? ? ? ? 808 ? ? ? ? ? ? ? ? ? ? ? 35.8 0.568 ? ? 1.175 0.196 ? 8  1 0.946 0.986 ? 100.0 ? 1.159 ? ? ? ? ? ? ? ? ? 
2.37 2.44  ? ? ? ? ? ? 812 ? ? ? ? ? ? ? ? ? ? ? 37.8 0.519 ? ? 0.706 0.114 ? 9  1 0.964 0.991 ? 100.0 ? 0.696 ? ? ? ? ? ? ? ? ? 
2.44 2.52  ? ? ? ? ? ? 804 ? ? ? ? ? ? ? ? ? ? ? 41.7 0.556 ? ? 0.573 0.089 ? 10 1 0.980 0.995 ? 100.0 ? 0.566 ? ? ? ? ? ? ? ? ? 
2.52 2.61  ? ? ? ? ? ? 805 ? ? ? ? ? ? ? ? ? ? ? 42.1 0.594 ? ? 0.488 0.075 ? 11 1 0.986 0.996 ? 100.0 ? 0.482 ? ? ? ? ? ? ? ? ? 
2.61 2.71  ? ? ? ? ? ? 824 ? ? ? ? ? ? ? ? ? ? ? 41.7 0.704 ? ? 0.368 0.057 ? 12 1 0.993 0.998 ? 100.0 ? 0.363 ? ? ? ? ? ? ? ? ? 
2.71 2.84  ? ? ? ? ? ? 800 ? ? ? ? ? ? ? ? ? ? ? 41.2 0.786 ? ? 0.323 0.050 ? 13 1 0.992 0.998 ? 100.0 ? 0.319 ? ? ? ? ? ? ? ? ? 
2.84 2.99  ? ? ? ? ? ? 806 ? ? ? ? ? ? ? ? ? ? ? 40.8 0.954 ? ? 0.260 0.041 ? 14 1 0.995 0.999 ? 100.0 ? 0.256 ? ? ? ? ? ? ? ? ? 
2.99 3.17  ? ? ? ? ? ? 820 ? ? ? ? ? ? ? ? ? ? ? 39.6 1.243 ? ? 0.206 0.033 ? 15 1 0.995 0.999 ? 100.0 ? 0.203 ? ? ? ? ? ? ? ? ? 
3.17 3.42  ? ? ? ? ? ? 824 ? ? ? ? ? ? ? ? ? ? ? 35.4 1.673 ? ? 0.174 0.029 ? 16 1 0.996 0.999 ? 100.0 ? 0.171 ? ? ? ? ? ? ? ? ? 
3.42 3.76  ? ? ? ? ? ? 827 ? ? ? ? ? ? ? ? ? ? ? 36.9 2.683 ? ? 0.156 0.026 ? 17 1 0.998 1.000 ? 100.0 ? 0.154 ? ? ? ? ? ? ? ? ? 
3.76 4.31  ? ? ? ? ? ? 827 ? ? ? ? ? ? ? ? ? ? ? 39.8 2.704 ? ? 0.121 0.019 ? 18 1 0.998 1.000 ? 100.0 ? 0.119 ? ? ? ? ? ? ? ? ? 
4.31 5.43  ? ? ? ? ? ? 832 ? ? ? ? ? ? ? ? ? ? ? 37.9 2.586 ? ? 0.106 0.017 ? 19 1 0.999 1.000 ? 100.0 ? 0.104 ? ? ? ? ? ? ? ? ? 
5.43 50.00 ? ? ? ? ? ? 871 ? ? ? ? ? ? ? ? ? ? ? 35.3 2.159 ? ? 0.094 0.016 ? 20 1 0.999 1.000 ? 100.0 ? 0.092 ? ? ? ? ? ? ? ? ? 
# 
_refine.aniso_B[1][1]                            0.00 
_refine.aniso_B[1][2]                            0.00 
_refine.aniso_B[1][3]                            0.00 
_refine.aniso_B[2][2]                            0.00 
_refine.aniso_B[2][3]                            0.00 
_refine.aniso_B[3][3]                            0.00 
_refine.B_iso_max                                ? 
_refine.B_iso_mean                               54.826 
_refine.B_iso_min                                ? 
_refine.correlation_coeff_Fo_to_Fc               0.962 
_refine.correlation_coeff_Fo_to_Fc_free          0.935 
_refine.details                                  'HYDROGENS HAVE BEEN ADDED IN THE RIDING POSITIONS' 
_refine.diff_density_max                         ? 
_refine.diff_density_max_esd                     ? 
_refine.diff_density_min                         ? 
_refine.diff_density_min_esd                     ? 
_refine.diff_density_rms                         ? 
_refine.diff_density_rms_esd                     ? 
_refine.entry_id                                 8YM2 
_refine.pdbx_refine_id                           'X-RAY DIFFRACTION' 
_refine.ls_abs_structure_details                 ? 
_refine.ls_abs_structure_Flack                   ? 
_refine.ls_abs_structure_Flack_esd               ? 
_refine.ls_abs_structure_Rogers                  ? 
_refine.ls_abs_structure_Rogers_esd              ? 
_refine.ls_d_res_high                            2.00 
_refine.ls_d_res_low                             25.26 
_refine.ls_extinction_coef                       ? 
_refine.ls_extinction_coef_esd                   ? 
_refine.ls_extinction_expression                 ? 
_refine.ls_extinction_method                     ? 
_refine.ls_goodness_of_fit_all                   ? 
_refine.ls_goodness_of_fit_all_esd               ? 
_refine.ls_goodness_of_fit_obs                   ? 
_refine.ls_goodness_of_fit_obs_esd               ? 
_refine.ls_hydrogen_treatment                    ? 
_refine.ls_matrix_type                           ? 
_refine.ls_number_constraints                    ? 
_refine.ls_number_parameters                     ? 
_refine.ls_number_reflns_all                     ? 
_refine.ls_number_reflns_obs                     15191 
_refine.ls_number_reflns_R_free                  750 
_refine.ls_number_reflns_R_work                  ? 
_refine.ls_number_restraints                     ? 
_refine.ls_percent_reflns_obs                    97.84 
_refine.ls_percent_reflns_R_free                 4.7 
_refine.ls_R_factor_all                          ? 
_refine.ls_R_factor_obs                          0.21551 
_refine.ls_R_factor_R_free                       0.26378 
_refine.ls_R_factor_R_free_error                 ? 
_refine.ls_R_factor_R_free_error_details         ? 
_refine.ls_R_factor_R_work                       0.21311 
_refine.ls_R_Fsqd_factor_obs                     ? 
_refine.ls_R_I_factor_obs                        ? 
_refine.ls_redundancy_reflns_all                 ? 
_refine.ls_redundancy_reflns_obs                 ? 
_refine.ls_restrained_S_all                      ? 
_refine.ls_restrained_S_obs                      ? 
_refine.ls_shift_over_esd_max                    ? 
_refine.ls_shift_over_esd_mean                   ? 
_refine.ls_structure_factor_coef                 ? 
_refine.ls_weighting_details                     ? 
_refine.ls_weighting_scheme                      ? 
_refine.ls_wR_factor_all                         ? 
_refine.ls_wR_factor_obs                         ? 
_refine.ls_wR_factor_R_free                      ? 
_refine.ls_wR_factor_R_work                      ? 
_refine.occupancy_max                            ? 
_refine.occupancy_min                            ? 
_refine.solvent_model_details                    MASK 
_refine.solvent_model_param_bsol                 ? 
_refine.solvent_model_param_ksol                 ? 
_refine.pdbx_R_complete                          ? 
_refine.ls_R_factor_gt                           ? 
_refine.ls_goodness_of_fit_gt                    ? 
_refine.ls_goodness_of_fit_ref                   ? 
_refine.ls_shift_over_su_max                     ? 
_refine.ls_shift_over_su_max_lt                  ? 
_refine.ls_shift_over_su_mean                    ? 
_refine.ls_shift_over_su_mean_lt                 ? 
_refine.pdbx_ls_sigma_I                          ? 
_refine.pdbx_ls_sigma_F                          ? 
_refine.pdbx_ls_sigma_Fsqd                       ? 
_refine.pdbx_data_cutoff_high_absF               ? 
_refine.pdbx_data_cutoff_high_rms_absF           ? 
_refine.pdbx_data_cutoff_low_absF                ? 
_refine.pdbx_isotropic_thermal_model             ? 
_refine.pdbx_ls_cross_valid_method               THROUGHOUT 
_refine.pdbx_method_to_determine_struct          'MOLECULAR REPLACEMENT' 
_refine.pdbx_starting_model                      6ITU 
_refine.pdbx_stereochemistry_target_values       'MAXIMUM LIKELIHOOD' 
_refine.pdbx_R_Free_selection_details            RANDOM 
_refine.pdbx_stereochem_target_val_spec_case     ? 
_refine.pdbx_overall_ESU_R                       0.157 
_refine.pdbx_overall_ESU_R_Free                  0.158 
_refine.pdbx_solvent_vdw_probe_radii             1.20 
_refine.pdbx_solvent_ion_probe_radii             0.80 
_refine.pdbx_solvent_shrinkage_radii             0.80 
_refine.pdbx_real_space_R                        ? 
_refine.pdbx_density_correlation                 ? 
_refine.pdbx_pd_number_of_powder_patterns        ? 
_refine.pdbx_pd_number_of_points                 ? 
_refine.pdbx_pd_meas_number_of_points            ? 
_refine.pdbx_pd_proc_ls_prof_R_factor            ? 
_refine.pdbx_pd_proc_ls_prof_wR_factor           ? 
_refine.pdbx_pd_Marquardt_correlation_coeff      ? 
_refine.pdbx_pd_Fsqrd_R_factor                   ? 
_refine.pdbx_pd_ls_matrix_band_width             ? 
_refine.pdbx_overall_phase_error                 ? 
_refine.pdbx_overall_SU_R_free_Cruickshank_DPI   ? 
_refine.pdbx_overall_SU_R_free_Blow_DPI          ? 
_refine.pdbx_overall_SU_R_Blow_DPI               ? 
_refine.pdbx_TLS_residual_ADP_flag               ? 
_refine.pdbx_diffrn_id                           1 
_refine.overall_SU_B                             5.198 
_refine.overall_SU_ML                            0.136 
_refine.overall_SU_R_Cruickshank_DPI             ? 
_refine.overall_SU_R_free                        ? 
_refine.overall_FOM_free_R_set                   ? 
_refine.overall_FOM_work_R_set                   ? 
_refine.pdbx_average_fsc_overall                 ? 
_refine.pdbx_average_fsc_work                    ? 
_refine.pdbx_average_fsc_free                    ? 
# 
_refine_hist.pdbx_refine_id                   'X-RAY DIFFRACTION' 
_refine_hist.cycle_id                         1 
_refine_hist.details                          ? 
_refine_hist.d_res_high                       2.00 
_refine_hist.d_res_low                        25.26 
_refine_hist.number_atoms_solvent             30 
_refine_hist.number_atoms_total               1290 
_refine_hist.number_reflns_all                ? 
_refine_hist.number_reflns_obs                ? 
_refine_hist.number_reflns_R_free             ? 
_refine_hist.number_reflns_R_work             ? 
_refine_hist.R_factor_all                     ? 
_refine_hist.R_factor_obs                     ? 
_refine_hist.R_factor_R_free                  ? 
_refine_hist.R_factor_R_work                  ? 
_refine_hist.pdbx_number_residues_total       ? 
_refine_hist.pdbx_B_iso_mean_ligand           ? 
_refine_hist.pdbx_B_iso_mean_solvent          ? 
_refine_hist.pdbx_number_atoms_protein        1260 
_refine_hist.pdbx_number_atoms_nucleic_acid   0 
_refine_hist.pdbx_number_atoms_ligand         0 
_refine_hist.pdbx_number_atoms_lipid          ? 
_refine_hist.pdbx_number_atoms_carb           ? 
_refine_hist.pdbx_pseudo_atom_details         ? 
# 
loop_
_refine_ls_restr.pdbx_refine_id 
_refine_ls_restr.criterion 
_refine_ls_restr.dev_ideal 
_refine_ls_restr.dev_ideal_target 
_refine_ls_restr.number 
_refine_ls_restr.rejects 
_refine_ls_restr.type 
_refine_ls_restr.weight 
_refine_ls_restr.pdbx_restraint_function 
'X-RAY DIFFRACTION' ? 0.007  0.012   1292 ? r_bond_refined_d             ? ? 
'X-RAY DIFFRACTION' ? 0.002  0.016   1173 ? r_bond_other_d               ? ? 
'X-RAY DIFFRACTION' ? 1.365  1.651   1744 ? r_angle_refined_deg          ? ? 
'X-RAY DIFFRACTION' ? 0.483  1.572   2741 ? r_angle_other_deg            ? ? 
'X-RAY DIFFRACTION' ? 6.730  5.000   155  ? r_dihedral_angle_1_deg       ? ? 
'X-RAY DIFFRACTION' ? 6.553  5.000   3    ? r_dihedral_angle_2_deg       ? ? 
'X-RAY DIFFRACTION' ? 19.221 10.000  223  ? r_dihedral_angle_3_deg       ? ? 
'X-RAY DIFFRACTION' ? ?      ?       ?    ? r_dihedral_angle_4_deg       ? ? 
'X-RAY DIFFRACTION' ? 0.072  0.200   195  ? r_chiral_restr               ? ? 
'X-RAY DIFFRACTION' ? 0.007  0.020   1419 ? r_gen_planes_refined         ? ? 
'X-RAY DIFFRACTION' ? 0.001  0.020   253  ? r_gen_planes_other           ? ? 
'X-RAY DIFFRACTION' ? ?      ?       ?    ? r_nbd_refined                ? ? 
'X-RAY DIFFRACTION' ? ?      ?       ?    ? r_nbd_other                  ? ? 
'X-RAY DIFFRACTION' ? ?      ?       ?    ? r_nbtor_refined              ? ? 
'X-RAY DIFFRACTION' ? ?      ?       ?    ? r_nbtor_other                ? ? 
'X-RAY DIFFRACTION' ? ?      ?       ?    ? r_xyhbond_nbd_refined        ? ? 
'X-RAY DIFFRACTION' ? ?      ?       ?    ? r_xyhbond_nbd_other          ? ? 
'X-RAY DIFFRACTION' ? ?      ?       ?    ? r_metal_ion_refined          ? ? 
'X-RAY DIFFRACTION' ? ?      ?       ?    ? r_metal_ion_other            ? ? 
'X-RAY DIFFRACTION' ? ?      ?       ?    ? r_symmetry_vdw_refined       ? ? 
'X-RAY DIFFRACTION' ? ?      ?       ?    ? r_symmetry_vdw_other         ? ? 
'X-RAY DIFFRACTION' ? ?      ?       ?    ? r_symmetry_hbond_refined     ? ? 
'X-RAY DIFFRACTION' ? ?      ?       ?    ? r_symmetry_hbond_other       ? ? 
'X-RAY DIFFRACTION' ? ?      ?       ?    ? r_symmetry_metal_ion_refined ? ? 
'X-RAY DIFFRACTION' ? ?      ?       ?    ? r_symmetry_metal_ion_other   ? ? 
'X-RAY DIFFRACTION' ? 4.740  5.449   629  ? r_mcbond_it                  ? ? 
'X-RAY DIFFRACTION' ? 4.735  5.449   629  ? r_mcbond_other               ? ? 
'X-RAY DIFFRACTION' ? 6.601  8.088   778  ? r_mcangle_it                 ? ? 
'X-RAY DIFFRACTION' ? 6.597  8.089   779  ? r_mcangle_other              ? ? 
'X-RAY DIFFRACTION' ? 5.709  5.991   663  ? r_scbond_it                  ? ? 
'X-RAY DIFFRACTION' ? 5.706  5.991   664  ? r_scbond_other               ? ? 
'X-RAY DIFFRACTION' ? ?      ?       ?    ? r_scangle_it                 ? ? 
'X-RAY DIFFRACTION' ? 8.265  8.725   966  ? r_scangle_other              ? ? 
'X-RAY DIFFRACTION' ? 12.448 108.324 5210 ? r_long_range_B_refined       ? ? 
'X-RAY DIFFRACTION' ? 12.433 108.140 5203 ? r_long_range_B_other         ? ? 
'X-RAY DIFFRACTION' ? ?      ?       ?    ? r_rigid_bond_restr           ? ? 
'X-RAY DIFFRACTION' ? ?      ?       ?    ? r_sphericity_free            ? ? 
'X-RAY DIFFRACTION' ? ?      ?       ?    ? r_sphericity_bonded          ? ? 
# 
_refine_ls_shell.pdbx_refine_id                   'X-RAY DIFFRACTION' 
_refine_ls_shell.d_res_high                       2.002 
_refine_ls_shell.d_res_low                        2.054 
_refine_ls_shell.number_reflns_all                ? 
_refine_ls_shell.number_reflns_obs                ? 
_refine_ls_shell.number_reflns_R_free             56 
_refine_ls_shell.number_reflns_R_work             1143 
_refine_ls_shell.percent_reflns_obs               100.00 
_refine_ls_shell.percent_reflns_R_free            ? 
_refine_ls_shell.R_factor_all                     ? 
_refine_ls_shell.R_factor_obs                     ? 
_refine_ls_shell.R_factor_R_free_error            ? 
_refine_ls_shell.R_factor_R_work                  0.293 
_refine_ls_shell.redundancy_reflns_all            ? 
_refine_ls_shell.redundancy_reflns_obs            ? 
_refine_ls_shell.wR_factor_all                    ? 
_refine_ls_shell.wR_factor_obs                    ? 
_refine_ls_shell.wR_factor_R_free                 ? 
_refine_ls_shell.wR_factor_R_work                 ? 
_refine_ls_shell.pdbx_R_complete                  ? 
_refine_ls_shell.pdbx_total_number_of_bins_used   20 
_refine_ls_shell.pdbx_phase_error                 ? 
_refine_ls_shell.pdbx_fsc_work                    ? 
_refine_ls_shell.pdbx_fsc_free                    ? 
_refine_ls_shell.R_factor_R_free                  0.312 
# 
_struct.entry_id                     8YM2 
_struct.title                        'Crystal structure of AIDA-1 PTB domain in complex with SynGAP NPxF motif' 
_struct.pdbx_model_details           ? 
_struct.pdbx_formula_weight          ? 
_struct.pdbx_formula_weight_method   ? 
_struct.pdbx_model_type_details      ? 
_struct.pdbx_CASP_flag               N 
# 
_struct_keywords.entry_id        8YM2 
_struct_keywords.text            'AIDA-1, ANKS1B, SynGAP, Ras and Rab interactor, PTB domain, PROTEIN BINDING' 
_struct_keywords.pdbx_keywords   'PROTEIN BINDING' 
# 
loop_
_struct_asym.id 
_struct_asym.pdbx_blank_PDB_chainid_flag 
_struct_asym.pdbx_modified 
_struct_asym.entity_id 
_struct_asym.details 
A N N 1 ? 
B N N 2 ? 
C N N 3 ? 
D N N 3 ? 
# 
loop_
_struct_ref.id 
_struct_ref.db_name 
_struct_ref.db_code 
_struct_ref.pdbx_db_accession 
_struct_ref.pdbx_db_isoform 
_struct_ref.entity_id 
_struct_ref.pdbx_seq_one_letter_code 
_struct_ref.pdbx_align_begin 
1 UNP Q8BZM2_MOUSE Q8BZM2 ? 1 
;NEATASTPVQYWQHHPEKLIFQSCDYKAFYLGSMLIKELRGTESTQDACAKMRANCQKSTEQMKKVPTIILSVSYKGVKF
IDAANKNIIAEHEIRNISCAAQDPEDLSTFAYITKDLKSNHHYCHVFTAFDVNLAYEIILTLGQAFEVAYQLALQARK
;
241 
2 UNP SYGP1_RAT    Q9QUH6 ? 2 PLSFQNPLFHM 924 
# 
loop_
_struct_ref_seq.align_id 
_struct_ref_seq.ref_id 
_struct_ref_seq.pdbx_PDB_id_code 
_struct_ref_seq.pdbx_strand_id 
_struct_ref_seq.seq_align_beg 
_struct_ref_seq.pdbx_seq_align_beg_ins_code 
_struct_ref_seq.seq_align_end 
_struct_ref_seq.pdbx_seq_align_end_ins_code 
_struct_ref_seq.pdbx_db_accession 
_struct_ref_seq.db_align_beg 
_struct_ref_seq.pdbx_db_align_beg_ins_code 
_struct_ref_seq.db_align_end 
_struct_ref_seq.pdbx_db_align_end_ins_code 
_struct_ref_seq.pdbx_auth_seq_align_beg 
_struct_ref_seq.pdbx_auth_seq_align_end 
1 1 8YM2 A 5 ? 162 ? Q8BZM2 241 ? 398 ? 1032 1189 
2 2 8YM2 B 1 ? 11  ? Q9QUH6 924 ? 934 ? 924  934  
# 
loop_
_struct_ref_seq_dif.align_id 
_struct_ref_seq_dif.pdbx_pdb_id_code 
_struct_ref_seq_dif.mon_id 
_struct_ref_seq_dif.pdbx_pdb_strand_id 
_struct_ref_seq_dif.seq_num 
_struct_ref_seq_dif.pdbx_pdb_ins_code 
_struct_ref_seq_dif.pdbx_seq_db_name 
_struct_ref_seq_dif.pdbx_seq_db_accession_code 
_struct_ref_seq_dif.db_mon_id 
_struct_ref_seq_dif.pdbx_seq_db_seq_num 
_struct_ref_seq_dif.details 
_struct_ref_seq_dif.pdbx_auth_seq_num 
_struct_ref_seq_dif.pdbx_ordinal 
1 8YM2 GLY A 1 ? UNP Q8BZM2 ? ? 'expression tag' 1028 1 
1 8YM2 PRO A 2 ? UNP Q8BZM2 ? ? 'expression tag' 1029 2 
1 8YM2 GLY A 3 ? UNP Q8BZM2 ? ? 'expression tag' 1030 3 
1 8YM2 SER A 4 ? UNP Q8BZM2 ? ? 'expression tag' 1031 4 
# 
_pdbx_struct_assembly.id                   1 
_pdbx_struct_assembly.details              author_and_software_defined_assembly 
_pdbx_struct_assembly.method_details       PISA 
_pdbx_struct_assembly.oligomeric_details   dimeric 
_pdbx_struct_assembly.oligomeric_count     2 
# 
loop_
_pdbx_struct_assembly_prop.biol_id 
_pdbx_struct_assembly_prop.type 
_pdbx_struct_assembly_prop.value 
_pdbx_struct_assembly_prop.details 
1 'ABSA (A^2)' 1560 ? 
1 MORE         -13  ? 
1 'SSA (A^2)'  8350 ? 
# 
_pdbx_struct_assembly_gen.assembly_id       1 
_pdbx_struct_assembly_gen.oper_expression   1 
_pdbx_struct_assembly_gen.asym_id_list      A,B,C,D 
# 
_pdbx_struct_assembly_auth_evidence.id                     1 
_pdbx_struct_assembly_auth_evidence.assembly_id            1 
_pdbx_struct_assembly_auth_evidence.experimental_support   'light scattering' 
_pdbx_struct_assembly_auth_evidence.details                ? 
# 
_pdbx_struct_oper_list.id                   1 
_pdbx_struct_oper_list.type                 'identity operation' 
_pdbx_struct_oper_list.name                 1_555 
_pdbx_struct_oper_list.symmetry_operation   x,y,z 
_pdbx_struct_oper_list.matrix[1][1]         1.0000000000 
_pdbx_struct_oper_list.matrix[1][2]         0.0000000000 
_pdbx_struct_oper_list.matrix[1][3]         0.0000000000 
_pdbx_struct_oper_list.vector[1]            0.0000000000 
_pdbx_struct_oper_list.matrix[2][1]         0.0000000000 
_pdbx_struct_oper_list.matrix[2][2]         1.0000000000 
_pdbx_struct_oper_list.matrix[2][3]         0.0000000000 
_pdbx_struct_oper_list.vector[2]            0.0000000000 
_pdbx_struct_oper_list.matrix[3][1]         0.0000000000 
_pdbx_struct_oper_list.matrix[3][2]         0.0000000000 
_pdbx_struct_oper_list.matrix[3][3]         1.0000000000 
_pdbx_struct_oper_list.vector[3]            0.0000000000 
# 
loop_
_struct_conf.conf_type_id 
_struct_conf.id 
_struct_conf.pdbx_PDB_helix_id 
_struct_conf.beg_label_comp_id 
_struct_conf.beg_label_asym_id 
_struct_conf.beg_label_seq_id 
_struct_conf.pdbx_beg_PDB_ins_code 
_struct_conf.end_label_comp_id 
_struct_conf.end_label_asym_id 
_struct_conf.end_label_seq_id 
_struct_conf.pdbx_end_PDB_ins_code 
_struct_conf.beg_auth_comp_id 
_struct_conf.beg_auth_asym_id 
_struct_conf.beg_auth_seq_id 
_struct_conf.end_auth_comp_id 
_struct_conf.end_auth_asym_id 
_struct_conf.end_auth_seq_id 
_struct_conf.pdbx_PDB_helix_class 
_struct_conf.details 
_struct_conf.pdbx_PDB_helix_length 
HELX_P HELX_P1 AA1 PRO A 12  ? TRP A 16  ? PRO A 1039 TRP A 1043 5 ? 5  
HELX_P HELX_P2 AA2 PRO A 20  ? PHE A 25  ? PRO A 1047 PHE A 1052 1 ? 6  
HELX_P HELX_P3 AA3 THR A 46  ? GLN A 61  ? THR A 1073 GLN A 1088 1 ? 16 
HELX_P HELX_P4 AA4 ASP A 135 ? GLN A 159 ? ASP A 1162 GLN A 1186 1 ? 25 
# 
_struct_conf_type.id          HELX_P 
_struct_conf_type.criteria    ? 
_struct_conf_type.reference   ? 
# 
_struct_sheet.id               AA1 
_struct_sheet.type             ? 
_struct_sheet.number_strands   8 
_struct_sheet.details          ? 
# 
loop_
_struct_sheet_order.sheet_id 
_struct_sheet_order.range_id_1 
_struct_sheet_order.range_id_2 
_struct_sheet_order.offset 
_struct_sheet_order.sense 
AA1 1 2 ? anti-parallel 
AA1 2 3 ? anti-parallel 
AA1 3 4 ? anti-parallel 
AA1 4 5 ? anti-parallel 
AA1 5 6 ? anti-parallel 
AA1 6 7 ? anti-parallel 
AA1 7 8 ? anti-parallel 
# 
loop_
_struct_sheet_range.sheet_id 
_struct_sheet_range.id 
_struct_sheet_range.beg_label_comp_id 
_struct_sheet_range.beg_label_asym_id 
_struct_sheet_range.beg_label_seq_id 
_struct_sheet_range.pdbx_beg_PDB_ins_code 
_struct_sheet_range.end_label_comp_id 
_struct_sheet_range.end_label_asym_id 
_struct_sheet_range.end_label_seq_id 
_struct_sheet_range.pdbx_end_PDB_ins_code 
_struct_sheet_range.beg_auth_comp_id 
_struct_sheet_range.beg_auth_asym_id 
_struct_sheet_range.beg_auth_seq_id 
_struct_sheet_range.end_auth_comp_id 
_struct_sheet_range.end_auth_asym_id 
_struct_sheet_range.end_auth_seq_id 
AA1 1 ILE A 92  ? GLU A 97  ? ILE A 1119 GLU A 1124 
AA1 2 GLY A 81  ? ASP A 86  ? GLY A 1108 ASP A 1113 
AA1 3 THR A 72  ? SER A 78  ? THR A 1099 SER A 1105 
AA1 4 CYS A 28  ? ILE A 40  ? CYS A 1055 ILE A 1067 
AA1 5 HIS A 126 ? THR A 132 ? HIS A 1153 THR A 1159 
AA1 6 THR A 113 ? LYS A 119 ? THR A 1140 LYS A 1146 
AA1 7 ILE A 101 ? GLN A 106 ? ILE A 1128 GLN A 1133 
AA1 8 SER B 3   ? GLN B 5   ? SER B 926  GLN B 928  
# 
loop_
_pdbx_struct_sheet_hbond.sheet_id 
_pdbx_struct_sheet_hbond.range_id_1 
_pdbx_struct_sheet_hbond.range_id_2 
_pdbx_struct_sheet_hbond.range_1_label_atom_id 
_pdbx_struct_sheet_hbond.range_1_label_comp_id 
_pdbx_struct_sheet_hbond.range_1_label_asym_id 
_pdbx_struct_sheet_hbond.range_1_label_seq_id 
_pdbx_struct_sheet_hbond.range_1_PDB_ins_code 
_pdbx_struct_sheet_hbond.range_1_auth_atom_id 
_pdbx_struct_sheet_hbond.range_1_auth_comp_id 
_pdbx_struct_sheet_hbond.range_1_auth_asym_id 
_pdbx_struct_sheet_hbond.range_1_auth_seq_id 
_pdbx_struct_sheet_hbond.range_2_label_atom_id 
_pdbx_struct_sheet_hbond.range_2_label_comp_id 
_pdbx_struct_sheet_hbond.range_2_label_asym_id 
_pdbx_struct_sheet_hbond.range_2_label_seq_id 
_pdbx_struct_sheet_hbond.range_2_PDB_ins_code 
_pdbx_struct_sheet_hbond.range_2_auth_atom_id 
_pdbx_struct_sheet_hbond.range_2_auth_comp_id 
_pdbx_struct_sheet_hbond.range_2_auth_asym_id 
_pdbx_struct_sheet_hbond.range_2_auth_seq_id 
AA1 1 2 O HIS A 96  ? O HIS A 1123 N VAL A 82  ? N VAL A 1109 
AA1 2 3 O LYS A 83  ? O LYS A 1110 N SER A 76  ? N SER A 1103 
AA1 3 4 O LEU A 75  ? O LEU A 1102 N TYR A 30  ? N TYR A 1057 
AA1 4 5 N ILE A 40  ? N ILE A 1067 O HIS A 126 ? O HIS A 1153 
AA1 5 6 O PHE A 131 ? O PHE A 1158 N PHE A 114 ? N PHE A 1141 
AA1 6 7 O ALA A 115 ? O ALA A 1142 N ALA A 105 ? N ALA A 1132 
AA1 7 8 N ALA A 104 ? N ALA A 1131 O PHE B 4   ? O PHE B 927  
# 
loop_
_pdbx_validate_symm_contact.id 
_pdbx_validate_symm_contact.PDB_model_num 
_pdbx_validate_symm_contact.auth_atom_id_1 
_pdbx_validate_symm_contact.auth_asym_id_1 
_pdbx_validate_symm_contact.auth_comp_id_1 
_pdbx_validate_symm_contact.auth_seq_id_1 
_pdbx_validate_symm_contact.PDB_ins_code_1 
_pdbx_validate_symm_contact.label_alt_id_1 
_pdbx_validate_symm_contact.site_symmetry_1 
_pdbx_validate_symm_contact.auth_atom_id_2 
_pdbx_validate_symm_contact.auth_asym_id_2 
_pdbx_validate_symm_contact.auth_comp_id_2 
_pdbx_validate_symm_contact.auth_seq_id_2 
_pdbx_validate_symm_contact.PDB_ins_code_2 
_pdbx_validate_symm_contact.label_alt_id_2 
_pdbx_validate_symm_contact.site_symmetry_2 
_pdbx_validate_symm_contact.dist 
1 1 O A HOH 1211 ? ? 1_555 O A HOH 1216 ? ? 20_545 2.05 
2 1 O A HOH 1220 ? ? 1_555 O A HOH 1221 ? ? 4_556  2.18 
# 
loop_
_pdbx_validate_torsion.id 
_pdbx_validate_torsion.PDB_model_num 
_pdbx_validate_torsion.auth_comp_id 
_pdbx_validate_torsion.auth_asym_id 
_pdbx_validate_torsion.auth_seq_id 
_pdbx_validate_torsion.PDB_ins_code 
_pdbx_validate_torsion.label_alt_id 
_pdbx_validate_torsion.phi 
_pdbx_validate_torsion.psi 
1 1 ALA A 1036 ? ? 55.81   7.18   
2 1 ALA A 1121 ? ? -170.05 138.34 
3 1 ASN A 1151 ? ? -140.14 21.79  
4 1 ASP A 1162 ? ? -174.56 145.65 
# 
loop_
_pdbx_unobs_or_zero_occ_residues.id 
_pdbx_unobs_or_zero_occ_residues.PDB_model_num 
_pdbx_unobs_or_zero_occ_residues.polymer_flag 
_pdbx_unobs_or_zero_occ_residues.occupancy_flag 
_pdbx_unobs_or_zero_occ_residues.auth_asym_id 
_pdbx_unobs_or_zero_occ_residues.auth_comp_id 
_pdbx_unobs_or_zero_occ_residues.auth_seq_id 
_pdbx_unobs_or_zero_occ_residues.PDB_ins_code 
_pdbx_unobs_or_zero_occ_residues.label_asym_id 
_pdbx_unobs_or_zero_occ_residues.label_comp_id 
_pdbx_unobs_or_zero_occ_residues.label_seq_id 
1  1 Y 1 A GLY 1028 ? A GLY 1   
2  1 Y 1 A PRO 1029 ? A PRO 2   
3  1 Y 1 A GLY 1030 ? A GLY 3   
4  1 Y 1 A SER 1031 ? A SER 4   
5  1 Y 1 A ASN 1032 ? A ASN 5   
6  1 Y 1 A GLU 1033 ? A GLU 6   
7  1 Y 1 A ALA 1034 ? A ALA 7   
8  1 Y 1 A LEU 1070 ? A LEU 43  
9  1 Y 1 A ARG 1071 ? A ARG 44  
10 1 Y 1 A THR 1091 ? A THR 64  
11 1 Y 1 A GLU 1092 ? A GLU 65  
12 1 Y 1 A LEU 1148 ? A LEU 121 
13 1 Y 1 A LYS 1149 ? A LYS 122 
14 1 Y 1 B HIS 933  ? B HIS 10  
15 1 Y 1 B MET 934  ? B MET 11  
# 
loop_
_chem_comp_atom.comp_id 
_chem_comp_atom.atom_id 
_chem_comp_atom.type_symbol 
_chem_comp_atom.pdbx_aromatic_flag 
_chem_comp_atom.pdbx_stereo_config 
_chem_comp_atom.pdbx_ordinal 
ALA N    N N N 1   
ALA CA   C N S 2   
ALA C    C N N 3   
ALA O    O N N 4   
ALA CB   C N N 5   
ALA OXT  O N N 6   
ALA H    H N N 7   
ALA H2   H N N 8   
ALA HA   H N N 9   
ALA HB1  H N N 10  
ALA HB2  H N N 11  
ALA HB3  H N N 12  
ALA HXT  H N N 13  
ARG N    N N N 14  
ARG CA   C N S 15  
ARG C    C N N 16  
ARG O    O N N 17  
ARG CB   C N N 18  
ARG CG   C N N 19  
ARG CD   C N N 20  
ARG NE   N N N 21  
ARG CZ   C N N 22  
ARG NH1  N N N 23  
ARG NH2  N N N 24  
ARG OXT  O N N 25  
ARG H    H N N 26  
ARG H2   H N N 27  
ARG HA   H N N 28  
ARG HB2  H N N 29  
ARG HB3  H N N 30  
ARG HG2  H N N 31  
ARG HG3  H N N 32  
ARG HD2  H N N 33  
ARG HD3  H N N 34  
ARG HE   H N N 35  
ARG HH11 H N N 36  
ARG HH12 H N N 37  
ARG HH21 H N N 38  
ARG HH22 H N N 39  
ARG HXT  H N N 40  
ASN N    N N N 41  
ASN CA   C N S 42  
ASN C    C N N 43  
ASN O    O N N 44  
ASN CB   C N N 45  
ASN CG   C N N 46  
ASN OD1  O N N 47  
ASN ND2  N N N 48  
ASN OXT  O N N 49  
ASN H    H N N 50  
ASN H2   H N N 51  
ASN HA   H N N 52  
ASN HB2  H N N 53  
ASN HB3  H N N 54  
ASN HD21 H N N 55  
ASN HD22 H N N 56  
ASN HXT  H N N 57  
ASP N    N N N 58  
ASP CA   C N S 59  
ASP C    C N N 60  
ASP O    O N N 61  
ASP CB   C N N 62  
ASP CG   C N N 63  
ASP OD1  O N N 64  
ASP OD2  O N N 65  
ASP OXT  O N N 66  
ASP H    H N N 67  
ASP H2   H N N 68  
ASP HA   H N N 69  
ASP HB2  H N N 70  
ASP HB3  H N N 71  
ASP HD2  H N N 72  
ASP HXT  H N N 73  
CYS N    N N N 74  
CYS CA   C N R 75  
CYS C    C N N 76  
CYS O    O N N 77  
CYS CB   C N N 78  
CYS SG   S N N 79  
CYS OXT  O N N 80  
CYS H    H N N 81  
CYS H2   H N N 82  
CYS HA   H N N 83  
CYS HB2  H N N 84  
CYS HB3  H N N 85  
CYS HG   H N N 86  
CYS HXT  H N N 87  
GLN N    N N N 88  
GLN CA   C N S 89  
GLN C    C N N 90  
GLN O    O N N 91  
GLN CB   C N N 92  
GLN CG   C N N 93  
GLN CD   C N N 94  
GLN OE1  O N N 95  
GLN NE2  N N N 96  
GLN OXT  O N N 97  
GLN H    H N N 98  
GLN H2   H N N 99  
GLN HA   H N N 100 
GLN HB2  H N N 101 
GLN HB3  H N N 102 
GLN HG2  H N N 103 
GLN HG3  H N N 104 
GLN HE21 H N N 105 
GLN HE22 H N N 106 
GLN HXT  H N N 107 
GLU N    N N N 108 
GLU CA   C N S 109 
GLU C    C N N 110 
GLU O    O N N 111 
GLU CB   C N N 112 
GLU CG   C N N 113 
GLU CD   C N N 114 
GLU OE1  O N N 115 
GLU OE2  O N N 116 
GLU OXT  O N N 117 
GLU H    H N N 118 
GLU H2   H N N 119 
GLU HA   H N N 120 
GLU HB2  H N N 121 
GLU HB3  H N N 122 
GLU HG2  H N N 123 
GLU HG3  H N N 124 
GLU HE2  H N N 125 
GLU HXT  H N N 126 
GLY N    N N N 127 
GLY CA   C N N 128 
GLY C    C N N 129 
GLY O    O N N 130 
GLY OXT  O N N 131 
GLY H    H N N 132 
GLY H2   H N N 133 
GLY HA2  H N N 134 
GLY HA3  H N N 135 
GLY HXT  H N N 136 
HIS N    N N N 137 
HIS CA   C N S 138 
HIS C    C N N 139 
HIS O    O N N 140 
HIS CB   C N N 141 
HIS CG   C Y N 142 
HIS ND1  N Y N 143 
HIS CD2  C Y N 144 
HIS CE1  C Y N 145 
HIS NE2  N Y N 146 
HIS OXT  O N N 147 
HIS H    H N N 148 
HIS H2   H N N 149 
HIS HA   H N N 150 
HIS HB2  H N N 151 
HIS HB3  H N N 152 
HIS HD1  H N N 153 
HIS HD2  H N N 154 
HIS HE1  H N N 155 
HIS HE2  H N N 156 
HIS HXT  H N N 157 
HOH O    O N N 158 
HOH H1   H N N 159 
HOH H2   H N N 160 
ILE N    N N N 161 
ILE CA   C N S 162 
ILE C    C N N 163 
ILE O    O N N 164 
ILE CB   C N S 165 
ILE CG1  C N N 166 
ILE CG2  C N N 167 
ILE CD1  C N N 168 
ILE OXT  O N N 169 
ILE H    H N N 170 
ILE H2   H N N 171 
ILE HA   H N N 172 
ILE HB   H N N 173 
ILE HG12 H N N 174 
ILE HG13 H N N 175 
ILE HG21 H N N 176 
ILE HG22 H N N 177 
ILE HG23 H N N 178 
ILE HD11 H N N 179 
ILE HD12 H N N 180 
ILE HD13 H N N 181 
ILE HXT  H N N 182 
LEU N    N N N 183 
LEU CA   C N S 184 
LEU C    C N N 185 
LEU O    O N N 186 
LEU CB   C N N 187 
LEU CG   C N N 188 
LEU CD1  C N N 189 
LEU CD2  C N N 190 
LEU OXT  O N N 191 
LEU H    H N N 192 
LEU H2   H N N 193 
LEU HA   H N N 194 
LEU HB2  H N N 195 
LEU HB3  H N N 196 
LEU HG   H N N 197 
LEU HD11 H N N 198 
LEU HD12 H N N 199 
LEU HD13 H N N 200 
LEU HD21 H N N 201 
LEU HD22 H N N 202 
LEU HD23 H N N 203 
LEU HXT  H N N 204 
LYS N    N N N 205 
LYS CA   C N S 206 
LYS C    C N N 207 
LYS O    O N N 208 
LYS CB   C N N 209 
LYS CG   C N N 210 
LYS CD   C N N 211 
LYS CE   C N N 212 
LYS NZ   N N N 213 
LYS OXT  O N N 214 
LYS H    H N N 215 
LYS H2   H N N 216 
LYS HA   H N N 217 
LYS HB2  H N N 218 
LYS HB3  H N N 219 
LYS HG2  H N N 220 
LYS HG3  H N N 221 
LYS HD2  H N N 222 
LYS HD3  H N N 223 
LYS HE2  H N N 224 
LYS HE3  H N N 225 
LYS HZ1  H N N 226 
LYS HZ2  H N N 227 
LYS HZ3  H N N 228 
LYS HXT  H N N 229 
MET N    N N N 230 
MET CA   C N S 231 
MET C    C N N 232 
MET O    O N N 233 
MET CB   C N N 234 
MET CG   C N N 235 
MET SD   S N N 236 
MET CE   C N N 237 
MET OXT  O N N 238 
MET H    H N N 239 
MET H2   H N N 240 
MET HA   H N N 241 
MET HB2  H N N 242 
MET HB3  H N N 243 
MET HG2  H N N 244 
MET HG3  H N N 245 
MET HE1  H N N 246 
MET HE2  H N N 247 
MET HE3  H N N 248 
MET HXT  H N N 249 
PHE N    N N N 250 
PHE CA   C N S 251 
PHE C    C N N 252 
PHE O    O N N 253 
PHE CB   C N N 254 
PHE CG   C Y N 255 
PHE CD1  C Y N 256 
PHE CD2  C Y N 257 
PHE CE1  C Y N 258 
PHE CE2  C Y N 259 
PHE CZ   C Y N 260 
PHE OXT  O N N 261 
PHE H    H N N 262 
PHE H2   H N N 263 
PHE HA   H N N 264 
PHE HB2  H N N 265 
PHE HB3  H N N 266 
PHE HD1  H N N 267 
PHE HD2  H N N 268 
PHE HE1  H N N 269 
PHE HE2  H N N 270 
PHE HZ   H N N 271 
PHE HXT  H N N 272 
PRO N    N N N 273 
PRO CA   C N S 274 
PRO C    C N N 275 
PRO O    O N N 276 
PRO CB   C N N 277 
PRO CG   C N N 278 
PRO CD   C N N 279 
PRO OXT  O N N 280 
PRO H    H N N 281 
PRO HA   H N N 282 
PRO HB2  H N N 283 
PRO HB3  H N N 284 
PRO HG2  H N N 285 
PRO HG3  H N N 286 
PRO HD2  H N N 287 
PRO HD3  H N N 288 
PRO HXT  H N N 289 
SER N    N N N 290 
SER CA   C N S 291 
SER C    C N N 292 
SER O    O N N 293 
SER CB   C N N 294 
SER OG   O N N 295 
SER OXT  O N N 296 
SER H    H N N 297 
SER H2   H N N 298 
SER HA   H N N 299 
SER HB2  H N N 300 
SER HB3  H N N 301 
SER HG   H N N 302 
SER HXT  H N N 303 
THR N    N N N 304 
THR CA   C N S 305 
THR C    C N N 306 
THR O    O N N 307 
THR CB   C N R 308 
THR OG1  O N N 309 
THR CG2  C N N 310 
THR OXT  O N N 311 
THR H    H N N 312 
THR H2   H N N 313 
THR HA   H N N 314 
THR HB   H N N 315 
THR HG1  H N N 316 
THR HG21 H N N 317 
THR HG22 H N N 318 
THR HG23 H N N 319 
THR HXT  H N N 320 
TRP N    N N N 321 
TRP CA   C N S 322 
TRP C    C N N 323 
TRP O    O N N 324 
TRP CB   C N N 325 
TRP CG   C Y N 326 
TRP CD1  C Y N 327 
TRP CD2  C Y N 328 
TRP NE1  N Y N 329 
TRP CE2  C Y N 330 
TRP CE3  C Y N 331 
TRP CZ2  C Y N 332 
TRP CZ3  C Y N 333 
TRP CH2  C Y N 334 
TRP OXT  O N N 335 
TRP H    H N N 336 
TRP H2   H N N 337 
TRP HA   H N N 338 
TRP HB2  H N N 339 
TRP HB3  H N N 340 
TRP HD1  H N N 341 
TRP HE1  H N N 342 
TRP HE3  H N N 343 
TRP HZ2  H N N 344 
TRP HZ3  H N N 345 
TRP HH2  H N N 346 
TRP HXT  H N N 347 
TYR N    N N N 348 
TYR CA   C N S 349 
TYR C    C N N 350 
TYR O    O N N 351 
TYR CB   C N N 352 
TYR CG   C Y N 353 
TYR CD1  C Y N 354 
TYR CD2  C Y N 355 
TYR CE1  C Y N 356 
TYR CE2  C Y N 357 
TYR CZ   C Y N 358 
TYR OH   O N N 359 
TYR OXT  O N N 360 
TYR H    H N N 361 
TYR H2   H N N 362 
TYR HA   H N N 363 
TYR HB2  H N N 364 
TYR HB3  H N N 365 
TYR HD1  H N N 366 
TYR HD2  H N N 367 
TYR HE1  H N N 368 
TYR HE2  H N N 369 
TYR HH   H N N 370 
TYR HXT  H N N 371 
VAL N    N N N 372 
VAL CA   C N S 373 
VAL C    C N N 374 
VAL O    O N N 375 
VAL CB   C N N 376 
VAL CG1  C N N 377 
VAL CG2  C N N 378 
VAL OXT  O N N 379 
VAL H    H N N 380 
VAL H2   H N N 381 
VAL HA   H N N 382 
VAL HB   H N N 383 
VAL HG11 H N N 384 
VAL HG12 H N N 385 
VAL HG13 H N N 386 
VAL HG21 H N N 387 
VAL HG22 H N N 388 
VAL HG23 H N N 389 
VAL HXT  H N N 390 
# 
loop_
_chem_comp_bond.comp_id 
_chem_comp_bond.atom_id_1 
_chem_comp_bond.atom_id_2 
_chem_comp_bond.value_order 
_chem_comp_bond.pdbx_aromatic_flag 
_chem_comp_bond.pdbx_stereo_config 
_chem_comp_bond.pdbx_ordinal 
ALA N   CA   sing N N 1   
ALA N   H    sing N N 2   
ALA N   H2   sing N N 3   
ALA CA  C    sing N N 4   
ALA CA  CB   sing N N 5   
ALA CA  HA   sing N N 6   
ALA C   O    doub N N 7   
ALA C   OXT  sing N N 8   
ALA CB  HB1  sing N N 9   
ALA CB  HB2  sing N N 10  
ALA CB  HB3  sing N N 11  
ALA OXT HXT  sing N N 12  
ARG N   CA   sing N N 13  
ARG N   H    sing N N 14  
ARG N   H2   sing N N 15  
ARG CA  C    sing N N 16  
ARG CA  CB   sing N N 17  
ARG CA  HA   sing N N 18  
ARG C   O    doub N N 19  
ARG C   OXT  sing N N 20  
ARG CB  CG   sing N N 21  
ARG CB  HB2  sing N N 22  
ARG CB  HB3  sing N N 23  
ARG CG  CD   sing N N 24  
ARG CG  HG2  sing N N 25  
ARG CG  HG3  sing N N 26  
ARG CD  NE   sing N N 27  
ARG CD  HD2  sing N N 28  
ARG CD  HD3  sing N N 29  
ARG NE  CZ   sing N N 30  
ARG NE  HE   sing N N 31  
ARG CZ  NH1  sing N N 32  
ARG CZ  NH2  doub N N 33  
ARG NH1 HH11 sing N N 34  
ARG NH1 HH12 sing N N 35  
ARG NH2 HH21 sing N N 36  
ARG NH2 HH22 sing N N 37  
ARG OXT HXT  sing N N 38  
ASN N   CA   sing N N 39  
ASN N   H    sing N N 40  
ASN N   H2   sing N N 41  
ASN CA  C    sing N N 42  
ASN CA  CB   sing N N 43  
ASN CA  HA   sing N N 44  
ASN C   O    doub N N 45  
ASN C   OXT  sing N N 46  
ASN CB  CG   sing N N 47  
ASN CB  HB2  sing N N 48  
ASN CB  HB3  sing N N 49  
ASN CG  OD1  doub N N 50  
ASN CG  ND2  sing N N 51  
ASN ND2 HD21 sing N N 52  
ASN ND2 HD22 sing N N 53  
ASN OXT HXT  sing N N 54  
ASP N   CA   sing N N 55  
ASP N   H    sing N N 56  
ASP N   H2   sing N N 57  
ASP CA  C    sing N N 58  
ASP CA  CB   sing N N 59  
ASP CA  HA   sing N N 60  
ASP C   O    doub N N 61  
ASP C   OXT  sing N N 62  
ASP CB  CG   sing N N 63  
ASP CB  HB2  sing N N 64  
ASP CB  HB3  sing N N 65  
ASP CG  OD1  doub N N 66  
ASP CG  OD2  sing N N 67  
ASP OD2 HD2  sing N N 68  
ASP OXT HXT  sing N N 69  
CYS N   CA   sing N N 70  
CYS N   H    sing N N 71  
CYS N   H2   sing N N 72  
CYS CA  C    sing N N 73  
CYS CA  CB   sing N N 74  
CYS CA  HA   sing N N 75  
CYS C   O    doub N N 76  
CYS C   OXT  sing N N 77  
CYS CB  SG   sing N N 78  
CYS CB  HB2  sing N N 79  
CYS CB  HB3  sing N N 80  
CYS SG  HG   sing N N 81  
CYS OXT HXT  sing N N 82  
GLN N   CA   sing N N 83  
GLN N   H    sing N N 84  
GLN N   H2   sing N N 85  
GLN CA  C    sing N N 86  
GLN CA  CB   sing N N 87  
GLN CA  HA   sing N N 88  
GLN C   O    doub N N 89  
GLN C   OXT  sing N N 90  
GLN CB  CG   sing N N 91  
GLN CB  HB2  sing N N 92  
GLN CB  HB3  sing N N 93  
GLN CG  CD   sing N N 94  
GLN CG  HG2  sing N N 95  
GLN CG  HG3  sing N N 96  
GLN CD  OE1  doub N N 97  
GLN CD  NE2  sing N N 98  
GLN NE2 HE21 sing N N 99  
GLN NE2 HE22 sing N N 100 
GLN OXT HXT  sing N N 101 
GLU N   CA   sing N N 102 
GLU N   H    sing N N 103 
GLU N   H2   sing N N 104 
GLU CA  C    sing N N 105 
GLU CA  CB   sing N N 106 
GLU CA  HA   sing N N 107 
GLU C   O    doub N N 108 
GLU C   OXT  sing N N 109 
GLU CB  CG   sing N N 110 
GLU CB  HB2  sing N N 111 
GLU CB  HB3  sing N N 112 
GLU CG  CD   sing N N 113 
GLU CG  HG2  sing N N 114 
GLU CG  HG3  sing N N 115 
GLU CD  OE1  doub N N 116 
GLU CD  OE2  sing N N 117 
GLU OE2 HE2  sing N N 118 
GLU OXT HXT  sing N N 119 
GLY N   CA   sing N N 120 
GLY N   H    sing N N 121 
GLY N   H2   sing N N 122 
GLY CA  C    sing N N 123 
GLY CA  HA2  sing N N 124 
GLY CA  HA3  sing N N 125 
GLY C   O    doub N N 126 
GLY C   OXT  sing N N 127 
GLY OXT HXT  sing N N 128 
HIS N   CA   sing N N 129 
HIS N   H    sing N N 130 
HIS N   H2   sing N N 131 
HIS CA  C    sing N N 132 
HIS CA  CB   sing N N 133 
HIS CA  HA   sing N N 134 
HIS C   O    doub N N 135 
HIS C   OXT  sing N N 136 
HIS CB  CG   sing N N 137 
HIS CB  HB2  sing N N 138 
HIS CB  HB3  sing N N 139 
HIS CG  ND1  sing Y N 140 
HIS CG  CD2  doub Y N 141 
HIS ND1 CE1  doub Y N 142 
HIS ND1 HD1  sing N N 143 
HIS CD2 NE2  sing Y N 144 
HIS CD2 HD2  sing N N 145 
HIS CE1 NE2  sing Y N 146 
HIS CE1 HE1  sing N N 147 
HIS NE2 HE2  sing N N 148 
HIS OXT HXT  sing N N 149 
HOH O   H1   sing N N 150 
HOH O   H2   sing N N 151 
ILE N   CA   sing N N 152 
ILE N   H    sing N N 153 
ILE N   H2   sing N N 154 
ILE CA  C    sing N N 155 
ILE CA  CB   sing N N 156 
ILE CA  HA   sing N N 157 
ILE C   O    doub N N 158 
ILE C   OXT  sing N N 159 
ILE CB  CG1  sing N N 160 
ILE CB  CG2  sing N N 161 
ILE CB  HB   sing N N 162 
ILE CG1 CD1  sing N N 163 
ILE CG1 HG12 sing N N 164 
ILE CG1 HG13 sing N N 165 
ILE CG2 HG21 sing N N 166 
ILE CG2 HG22 sing N N 167 
ILE CG2 HG23 sing N N 168 
ILE CD1 HD11 sing N N 169 
ILE CD1 HD12 sing N N 170 
ILE CD1 HD13 sing N N 171 
ILE OXT HXT  sing N N 172 
LEU N   CA   sing N N 173 
LEU N   H    sing N N 174 
LEU N   H2   sing N N 175 
LEU CA  C    sing N N 176 
LEU CA  CB   sing N N 177 
LEU CA  HA   sing N N 178 
LEU C   O    doub N N 179 
LEU C   OXT  sing N N 180 
LEU CB  CG   sing N N 181 
LEU CB  HB2  sing N N 182 
LEU CB  HB3  sing N N 183 
LEU CG  CD1  sing N N 184 
LEU CG  CD2  sing N N 185 
LEU CG  HG   sing N N 186 
LEU CD1 HD11 sing N N 187 
LEU CD1 HD12 sing N N 188 
LEU CD1 HD13 sing N N 189 
LEU CD2 HD21 sing N N 190 
LEU CD2 HD22 sing N N 191 
LEU CD2 HD23 sing N N 192 
LEU OXT HXT  sing N N 193 
LYS N   CA   sing N N 194 
LYS N   H    sing N N 195 
LYS N   H2   sing N N 196 
LYS CA  C    sing N N 197 
LYS CA  CB   sing N N 198 
LYS CA  HA   sing N N 199 
LYS C   O    doub N N 200 
LYS C   OXT  sing N N 201 
LYS CB  CG   sing N N 202 
LYS CB  HB2  sing N N 203 
LYS CB  HB3  sing N N 204 
LYS CG  CD   sing N N 205 
LYS CG  HG2  sing N N 206 
LYS CG  HG3  sing N N 207 
LYS CD  CE   sing N N 208 
LYS CD  HD2  sing N N 209 
LYS CD  HD3  sing N N 210 
LYS CE  NZ   sing N N 211 
LYS CE  HE2  sing N N 212 
LYS CE  HE3  sing N N 213 
LYS NZ  HZ1  sing N N 214 
LYS NZ  HZ2  sing N N 215 
LYS NZ  HZ3  sing N N 216 
LYS OXT HXT  sing N N 217 
MET N   CA   sing N N 218 
MET N   H    sing N N 219 
MET N   H2   sing N N 220 
MET CA  C    sing N N 221 
MET CA  CB   sing N N 222 
MET CA  HA   sing N N 223 
MET C   O    doub N N 224 
MET C   OXT  sing N N 225 
MET CB  CG   sing N N 226 
MET CB  HB2  sing N N 227 
MET CB  HB3  sing N N 228 
MET CG  SD   sing N N 229 
MET CG  HG2  sing N N 230 
MET CG  HG3  sing N N 231 
MET SD  CE   sing N N 232 
MET CE  HE1  sing N N 233 
MET CE  HE2  sing N N 234 
MET CE  HE3  sing N N 235 
MET OXT HXT  sing N N 236 
PHE N   CA   sing N N 237 
PHE N   H    sing N N 238 
PHE N   H2   sing N N 239 
PHE CA  C    sing N N 240 
PHE CA  CB   sing N N 241 
PHE CA  HA   sing N N 242 
PHE C   O    doub N N 243 
PHE C   OXT  sing N N 244 
PHE CB  CG   sing N N 245 
PHE CB  HB2  sing N N 246 
PHE CB  HB3  sing N N 247 
PHE CG  CD1  doub Y N 248 
PHE CG  CD2  sing Y N 249 
PHE CD1 CE1  sing Y N 250 
PHE CD1 HD1  sing N N 251 
PHE CD2 CE2  doub Y N 252 
PHE CD2 HD2  sing N N 253 
PHE CE1 CZ   doub Y N 254 
PHE CE1 HE1  sing N N 255 
PHE CE2 CZ   sing Y N 256 
PHE CE2 HE2  sing N N 257 
PHE CZ  HZ   sing N N 258 
PHE OXT HXT  sing N N 259 
PRO N   CA   sing N N 260 
PRO N   CD   sing N N 261 
PRO N   H    sing N N 262 
PRO CA  C    sing N N 263 
PRO CA  CB   sing N N 264 
PRO CA  HA   sing N N 265 
PRO C   O    doub N N 266 
PRO C   OXT  sing N N 267 
PRO CB  CG   sing N N 268 
PRO CB  HB2  sing N N 269 
PRO CB  HB3  sing N N 270 
PRO CG  CD   sing N N 271 
PRO CG  HG2  sing N N 272 
PRO CG  HG3  sing N N 273 
PRO CD  HD2  sing N N 274 
PRO CD  HD3  sing N N 275 
PRO OXT HXT  sing N N 276 
SER N   CA   sing N N 277 
SER N   H    sing N N 278 
SER N   H2   sing N N 279 
SER CA  C    sing N N 280 
SER CA  CB   sing N N 281 
SER CA  HA   sing N N 282 
SER C   O    doub N N 283 
SER C   OXT  sing N N 284 
SER CB  OG   sing N N 285 
SER CB  HB2  sing N N 286 
SER CB  HB3  sing N N 287 
SER OG  HG   sing N N 288 
SER OXT HXT  sing N N 289 
THR N   CA   sing N N 290 
THR N   H    sing N N 291 
THR N   H2   sing N N 292 
THR CA  C    sing N N 293 
THR CA  CB   sing N N 294 
THR CA  HA   sing N N 295 
THR C   O    doub N N 296 
THR C   OXT  sing N N 297 
THR CB  OG1  sing N N 298 
THR CB  CG2  sing N N 299 
THR CB  HB   sing N N 300 
THR OG1 HG1  sing N N 301 
THR CG2 HG21 sing N N 302 
THR CG2 HG22 sing N N 303 
THR CG2 HG23 sing N N 304 
THR OXT HXT  sing N N 305 
TRP N   CA   sing N N 306 
TRP N   H    sing N N 307 
TRP N   H2   sing N N 308 
TRP CA  C    sing N N 309 
TRP CA  CB   sing N N 310 
TRP CA  HA   sing N N 311 
TRP C   O    doub N N 312 
TRP C   OXT  sing N N 313 
TRP CB  CG   sing N N 314 
TRP CB  HB2  sing N N 315 
TRP CB  HB3  sing N N 316 
TRP CG  CD1  doub Y N 317 
TRP CG  CD2  sing Y N 318 
TRP CD1 NE1  sing Y N 319 
TRP CD1 HD1  sing N N 320 
TRP CD2 CE2  doub Y N 321 
TRP CD2 CE3  sing Y N 322 
TRP NE1 CE2  sing Y N 323 
TRP NE1 HE1  sing N N 324 
TRP CE2 CZ2  sing Y N 325 
TRP CE3 CZ3  doub Y N 326 
TRP CE3 HE3  sing N N 327 
TRP CZ2 CH2  doub Y N 328 
TRP CZ2 HZ2  sing N N 329 
TRP CZ3 CH2  sing Y N 330 
TRP CZ3 HZ3  sing N N 331 
TRP CH2 HH2  sing N N 332 
TRP OXT HXT  sing N N 333 
TYR N   CA   sing N N 334 
TYR N   H    sing N N 335 
TYR N   H2   sing N N 336 
TYR CA  C    sing N N 337 
TYR CA  CB   sing N N 338 
TYR CA  HA   sing N N 339 
TYR C   O    doub N N 340 
TYR C   OXT  sing N N 341 
TYR CB  CG   sing N N 342 
TYR CB  HB2  sing N N 343 
TYR CB  HB3  sing N N 344 
TYR CG  CD1  doub Y N 345 
TYR CG  CD2  sing Y N 346 
TYR CD1 CE1  sing Y N 347 
TYR CD1 HD1  sing N N 348 
TYR CD2 CE2  doub Y N 349 
TYR CD2 HD2  sing N N 350 
TYR CE1 CZ   doub Y N 351 
TYR CE1 HE1  sing N N 352 
TYR CE2 CZ   sing Y N 353 
TYR CE2 HE2  sing N N 354 
TYR CZ  OH   sing N N 355 
TYR OH  HH   sing N N 356 
TYR OXT HXT  sing N N 357 
VAL N   CA   sing N N 358 
VAL N   H    sing N N 359 
VAL N   H2   sing N N 360 
VAL CA  C    sing N N 361 
VAL CA  CB   sing N N 362 
VAL CA  HA   sing N N 363 
VAL C   O    doub N N 364 
VAL C   OXT  sing N N 365 
VAL CB  CG1  sing N N 366 
VAL CB  CG2  sing N N 367 
VAL CB  HB   sing N N 368 
VAL CG1 HG11 sing N N 369 
VAL CG1 HG12 sing N N 370 
VAL CG1 HG13 sing N N 371 
VAL CG2 HG21 sing N N 372 
VAL CG2 HG22 sing N N 373 
VAL CG2 HG23 sing N N 374 
VAL OXT HXT  sing N N 375 
# 
_pdbx_audit_support.funding_organization   'Ministry of Science and Technology (MoST, China)' 
_pdbx_audit_support.country                China 
_pdbx_audit_support.grant_number           2019YFA0508402 
_pdbx_audit_support.ordinal                1 
# 
_pdbx_initial_refinement_model.accession_code   6ITU 
_pdbx_initial_refinement_model.details          ? 
_pdbx_initial_refinement_model.entity_id_list   ? 
_pdbx_initial_refinement_model.id               1 
_pdbx_initial_refinement_model.source_name      PDB 
_pdbx_initial_refinement_model.type             'experimental model' 
# 
_atom_sites.entry_id                    8YM2 
_atom_sites.Cartn_transf_matrix[1][1]   ? 
_atom_sites.Cartn_transf_matrix[1][2]   ? 
_atom_sites.Cartn_transf_matrix[1][3]   ? 
_atom_sites.Cartn_transf_matrix[2][1]   ? 
_atom_sites.Cartn_transf_matrix[2][2]   ? 
_atom_sites.Cartn_transf_matrix[2][3]   ? 
_atom_sites.Cartn_transf_matrix[3][1]   ? 
_atom_sites.Cartn_transf_matrix[3][2]   ? 
_atom_sites.Cartn_transf_matrix[3][3]   ? 
_atom_sites.Cartn_transf_vector[1]      ? 
_atom_sites.Cartn_transf_vector[2]      ? 
_atom_sites.Cartn_transf_vector[3]      ? 
_atom_sites.Cartn_transform_axes        ? 
_atom_sites.fract_transf_matrix[1][1]   -0.00689696 
_atom_sites.fract_transf_matrix[1][2]   0.00015019 
_atom_sites.fract_transf_matrix[1][3]   -0.00555321 
_atom_sites.fract_transf_matrix[2][1]   0.00537139 
_atom_sites.fract_transf_matrix[2][2]   0.00243897 
_atom_sites.fract_transf_matrix[2][3]   -0.00660517 
_atom_sites.fract_transf_matrix[3][1]   0.00141735 
_atom_sites.fract_transf_matrix[3][2]   -0.00851220 
_atom_sites.fract_transf_matrix[3][3]   -0.00199054 
_atom_sites.fract_transf_vector[1]      0.255327 
_atom_sites.fract_transf_vector[2]      0.027143 
_atom_sites.fract_transf_vector[3]      0.329448 
_atom_sites.solution_primary            ? 
_atom_sites.solution_secondary          ? 
_atom_sites.solution_hydrogens          ? 
_atom_sites.special_details             ? 
# 
loop_
_atom_type.symbol 
C 
N 
O 
S 
# 
loop_
_atom_site.group_PDB 
_atom_site.id 
_atom_site.type_symbol 
_atom_site.label_atom_id 
_atom_site.label_alt_id 
_atom_site.label_comp_id 
_atom_site.label_asym_id 
_atom_site.label_entity_id 
_atom_site.label_seq_id 
_atom_site.pdbx_PDB_ins_code 
_atom_site.Cartn_x 
_atom_site.Cartn_y 
_atom_site.Cartn_z 
_atom_site.occupancy 
_atom_site.B_iso_or_equiv 
_atom_site.pdbx_formal_charge 
_atom_site.auth_seq_id 
_atom_site.auth_comp_id 
_atom_site.auth_asym_id 
_atom_site.auth_atom_id 
_atom_site.pdbx_PDB_model_num 
ATOM   1    N N   . THR A 1 8   ? 6.983   -13.429 7.035   1.00 102.49 ? 1035 THR A N   1 
ATOM   2    C CA  . THR A 1 8   ? 7.492   -12.853 8.312   1.00 109.47 ? 1035 THR A CA  1 
ATOM   3    C C   . THR A 1 8   ? 6.796   -11.520 8.618   1.00 103.94 ? 1035 THR A C   1 
ATOM   4    O O   . THR A 1 8   ? 7.151   -10.496 8.034   1.00 110.29 ? 1035 THR A O   1 
ATOM   5    C CB  . THR A 1 8   ? 9.014   -12.669 8.234   1.00 116.03 ? 1035 THR A CB  1 
ATOM   6    O OG1 . THR A 1 8   ? 9.535   -13.616 7.292   1.00 125.97 ? 1035 THR A OG1 1 
ATOM   7    C CG2 . THR A 1 8   ? 9.683   -12.795 9.587   1.00 113.86 ? 1035 THR A CG2 1 
ATOM   8    N N   . ALA A 1 9   ? 5.811   -11.536 9.538   1.00 97.08  ? 1036 ALA A N   1 
ATOM   9    C CA  . ALA A 1 9   ? 4.964   -10.384 9.868   1.00 84.93  ? 1036 ALA A CA  1 
ATOM   10   C C   . ALA A 1 9   ? 4.270   -9.841  8.611   1.00 78.13  ? 1036 ALA A C   1 
ATOM   11   O O   . ALA A 1 9   ? 3.631   -8.785  8.647   1.00 61.23  ? 1036 ALA A O   1 
ATOM   12   C CB  . ALA A 1 9   ? 5.762   -9.313  10.584  1.00 78.41  ? 1036 ALA A CB  1 
ATOM   13   N N   . SER A 1 10  ? 4.426   -10.576 7.498   1.00 74.50  ? 1037 SER A N   1 
ATOM   14   C CA  . SER A 1 10  ? 3.748   -10.323 6.236   1.00 70.49  ? 1037 SER A CA  1 
ATOM   15   C C   . SER A 1 10  ? 2.542   -11.263 6.179   1.00 64.38  ? 1037 SER A C   1 
ATOM   16   O O   . SER A 1 10  ? 2.251   -11.933 7.157   1.00 48.04  ? 1037 SER A O   1 
ATOM   17   C CB  . SER A 1 10  ? 4.696   -10.513 5.082   1.00 70.94  ? 1037 SER A CB  1 
ATOM   18   O OG  . SER A 1 10  ? 5.449   -11.713 5.254   1.00 56.70  ? 1037 SER A OG  1 
ATOM   19   N N   . THR A 1 11  ? 1.796   -11.271 5.070   1.00 58.72  ? 1038 THR A N   1 
ATOM   20   C CA  . THR A 1 11  ? 0.619   -12.113 4.996   1.00 55.09  ? 1038 THR A CA  1 
ATOM   21   C C   . THR A 1 11  ? 1.037   -13.583 4.907   1.00 51.94  ? 1038 THR A C   1 
ATOM   22   O O   . THR A 1 11  ? 1.668   -13.967 3.923   1.00 49.55  ? 1038 THR A O   1 
ATOM   23   C CB  . THR A 1 11  ? -0.242  -11.683 3.809   1.00 46.85  ? 1038 THR A CB  1 
ATOM   24   O OG1 . THR A 1 11  ? -0.500  -10.293 3.982   1.00 63.42  ? 1038 THR A OG1 1 
ATOM   25   C CG2 . THR A 1 11  ? -1.527  -12.450 3.701   1.00 45.49  ? 1038 THR A CG2 1 
ATOM   26   N N   . PRO A 1 12  ? 0.659   -14.439 5.885   1.00 49.19  ? 1039 PRO A N   1 
ATOM   27   C CA  . PRO A 1 12  ? 0.821   -15.883 5.759   1.00 47.02  ? 1039 PRO A CA  1 
ATOM   28   C C   . PRO A 1 12  ? -0.226  -16.466 4.822   1.00 49.00  ? 1039 PRO A C   1 
ATOM   29   O O   . PRO A 1 12  ? -1.246  -15.844 4.497   1.00 43.53  ? 1039 PRO A O   1 
ATOM   30   C CB  . PRO A 1 12  ? 0.595   -16.396 7.190   1.00 47.25  ? 1039 PRO A CB  1 
ATOM   31   C CG  . PRO A 1 12  ? -0.427  -15.435 7.750   1.00 50.02  ? 1039 PRO A CG  1 
ATOM   32   C CD  . PRO A 1 12  ? -0.008  -14.096 7.159   1.00 55.08  ? 1039 PRO A CD  1 
ATOM   33   N N   . VAL A 1 13  ? 0.015   -17.723 4.469   1.00 45.16  ? 1040 VAL A N   1 
ATOM   34   C CA  . VAL A 1 13  ? -0.479  -18.285 3.231   1.00 43.11  ? 1040 VAL A CA  1 
ATOM   35   C C   . VAL A 1 13  ? -1.993  -18.444 3.305   1.00 39.42  ? 1040 VAL A C   1 
ATOM   36   O O   . VAL A 1 13  ? -2.688  -18.265 2.308   1.00 38.39  ? 1040 VAL A O   1 
ATOM   37   C CB  . VAL A 1 13  ? 0.301   -19.585 2.940   1.00 47.59  ? 1040 VAL A CB  1 
ATOM   38   C CG1 . VAL A 1 13  ? -0.030  -20.671 3.954   1.00 41.86  ? 1040 VAL A CG1 1 
ATOM   39   C CG2 . VAL A 1 13  ? 0.105   -20.083 1.525   1.00 48.48  ? 1040 VAL A CG2 1 
ATOM   40   N N   . GLN A 1 14  ? -2.547  -18.652 4.498   1.00 37.22  ? 1041 GLN A N   1 
ATOM   41   C CA  . GLN A 1 14  ? -3.987  -18.867 4.598   1.00 36.42  ? 1041 GLN A CA  1 
ATOM   42   C C   . GLN A 1 14  ? -4.784  -17.571 4.368   1.00 31.60  ? 1041 GLN A C   1 
ATOM   43   O O   . GLN A 1 14  ? -5.986  -17.654 4.216   1.00 32.70  ? 1041 GLN A O   1 
ATOM   44   C CB  . GLN A 1 14  ? -4.369  -19.555 5.907   1.00 38.78  ? 1041 GLN A CB  1 
ATOM   45   C CG  . GLN A 1 14  ? -4.365  -18.673 7.144   1.00 37.44  ? 1041 GLN A CG  1 
ATOM   46   C CD  . GLN A 1 14  ? -3.035  -18.583 7.834   1.00 40.30  ? 1041 GLN A CD  1 
ATOM   47   O OE1 . GLN A 1 14  ? -1.976  -18.790 7.238   1.00 37.59  ? 1041 GLN A OE1 1 
ATOM   48   N NE2 . GLN A 1 14  ? -3.100  -18.233 9.114   1.00 39.09  ? 1041 GLN A NE2 1 
ATOM   49   N N   . TYR A 1 15  ? -4.143  -16.398 4.381   1.00 36.00  ? 1042 TYR A N   1 
ATOM   50   C CA  . TYR A 1 15  ? -4.787  -15.105 4.098   1.00 40.97  ? 1042 TYR A CA  1 
ATOM   51   C C   . TYR A 1 15  ? -4.555  -14.637 2.654   1.00 39.64  ? 1042 TYR A C   1 
ATOM   52   O O   . TYR A 1 15  ? -5.055  -13.565 2.261   1.00 37.13  ? 1042 TYR A O   1 
ATOM   53   C CB  . TYR A 1 15  ? -4.239  -14.012 5.032   1.00 39.66  ? 1042 TYR A CB  1 
ATOM   54   C CG  . TYR A 1 15  ? -4.783  -14.085 6.444   1.00 50.47  ? 1042 TYR A CG  1 
ATOM   55   C CD1 . TYR A 1 15  ? -6.059  -13.622 6.738   1.00 61.21  ? 1042 TYR A CD1 1 
ATOM   56   C CD2 . TYR A 1 15  ? -4.077  -14.682 7.480   1.00 59.03  ? 1042 TYR A CD2 1 
ATOM   57   C CE1 . TYR A 1 15  ? -6.595  -13.701 8.018   1.00 62.88  ? 1042 TYR A CE1 1 
ATOM   58   C CE2 . TYR A 1 15  ? -4.598  -14.775 8.767   1.00 58.45  ? 1042 TYR A CE2 1 
ATOM   59   C CZ  . TYR A 1 15  ? -5.867  -14.286 9.042   1.00 61.40  ? 1042 TYR A CZ  1 
ATOM   60   O OH  . TYR A 1 15  ? -6.431  -14.343 10.303  1.00 60.75  ? 1042 TYR A OH  1 
ATOM   61   N N   . TRP A 1 16  ? -3.715  -15.366 1.890   1.00 34.07  ? 1043 TRP A N   1 
ATOM   62   C CA  . TRP A 1 16  ? -3.429  -14.999 0.507   1.00 34.96  ? 1043 TRP A CA  1 
ATOM   63   C C   . TRP A 1 16  ? -4.745  -14.906 -0.274  1.00 33.40  ? 1043 TRP A C   1 
ATOM   64   O O   . TRP A 1 16  ? -5.546  -15.831 -0.259  1.00 36.55  ? 1043 TRP A O   1 
ATOM   65   C CB  . TRP A 1 16  ? -2.407  -15.959 -0.128  1.00 35.06  ? 1043 TRP A CB  1 
ATOM   66   C CG  . TRP A 1 16  ? -1.012  -15.812 0.392   1.00 37.31  ? 1043 TRP A CG  1 
ATOM   67   C CD1 . TRP A 1 16  ? -0.618  -15.097 1.487   1.00 37.09  ? 1043 TRP A CD1 1 
ATOM   68   C CD2 . TRP A 1 16  ? 0.177   -16.419 -0.139  1.00 37.42  ? 1043 TRP A CD2 1 
ATOM   69   N NE1 . TRP A 1 16  ? 0.726   -15.207 1.667   1.00 40.30  ? 1043 TRP A NE1 1 
ATOM   70   C CE2 . TRP A 1 16  ? 1.246   -15.996 0.670   1.00 37.76  ? 1043 TRP A CE2 1 
ATOM   71   C CE3 . TRP A 1 16  ? 0.438   -17.283 -1.210  1.00 39.43  ? 1043 TRP A CE3 1 
ATOM   72   C CZ2 . TRP A 1 16  ? 2.545   -16.456 0.481   1.00 42.40  ? 1043 TRP A CZ2 1 
ATOM   73   C CZ3 . TRP A 1 16  ? 1.731   -17.687 -1.434  1.00 42.62  ? 1043 TRP A CZ3 1 
ATOM   74   C CH2 . TRP A 1 16  ? 2.779   -17.254 -0.615  1.00 43.65  ? 1043 TRP A CH2 1 
ATOM   75   N N   . GLN A 1 17  ? -4.965  -13.774 -0.945  1.00 38.86  ? 1044 GLN A N   1 
ATOM   76   C CA  . GLN A 1 17  ? -6.174  -13.553 -1.734  1.00 39.72  ? 1044 GLN A CA  1 
ATOM   77   C C   . GLN A 1 17  ? -5.991  -14.065 -3.157  1.00 41.70  ? 1044 GLN A C   1 
ATOM   78   O O   . GLN A 1 17  ? -6.977  -14.307 -3.832  1.00 40.70  ? 1044 GLN A O   1 
ATOM   79   C CB  . GLN A 1 17  ? -6.533  -12.070 -1.776  1.00 40.78  ? 1044 GLN A CB  1 
ATOM   80   C CG  . GLN A 1 17  ? -6.784  -11.504 -0.385  1.00 53.68  ? 1044 GLN A CG  1 
ATOM   81   C CD  . GLN A 1 17  ? -7.992  -12.157 0.234   1.00 52.27  ? 1044 GLN A CD  1 
ATOM   82   O OE1 . GLN A 1 17  ? -7.897  -12.995 1.139   1.00 58.39  ? 1044 GLN A OE1 1 
ATOM   83   N NE2 . GLN A 1 17  ? -9.146  -11.800 -0.292  1.00 54.45  ? 1044 GLN A NE2 1 
ATOM   84   N N   . HIS A 1 18  ? -4.746  -14.253 -3.599  1.00 36.90  ? 1045 HIS A N   1 
ATOM   85   C CA  . HIS A 1 18  ? -4.460  -14.548 -5.006  1.00 38.03  ? 1045 HIS A CA  1 
ATOM   86   C C   . HIS A 1 18  ? -3.618  -15.811 -5.117  1.00 37.90  ? 1045 HIS A C   1 
ATOM   87   O O   . HIS A 1 18  ? -2.788  -16.089 -4.241  1.00 32.59  ? 1045 HIS A O   1 
ATOM   88   C CB  . HIS A 1 18  ? -3.718  -13.382 -5.683  1.00 38.98  ? 1045 HIS A CB  1 
ATOM   89   C CG  . HIS A 1 18  ? -4.419  -12.092 -5.506  1.00 36.04  ? 1045 HIS A CG  1 
ATOM   90   N ND1 . HIS A 1 18  ? -5.543  -11.759 -6.232  1.00 36.81  ? 1045 HIS A ND1 1 
ATOM   91   C CD2 . HIS A 1 18  ? -4.191  -11.078 -4.652  1.00 36.59  ? 1045 HIS A CD2 1 
ATOM   92   C CE1 . HIS A 1 18  ? -5.989  -10.580 -5.791  1.00 38.18  ? 1045 HIS A CE1 1 
ATOM   93   N NE2 . HIS A 1 18  ? -5.178  -10.133 -4.834  1.00 34.49  ? 1045 HIS A NE2 1 
ATOM   94   N N   . HIS A 1 19  ? -3.865  -16.577 -6.197  1.00 34.91  ? 1046 HIS A N   1 
ATOM   95   C CA  . HIS A 1 19  ? -2.861  -17.480 -6.706  1.00 33.21  ? 1046 HIS A CA  1 
ATOM   96   C C   . HIS A 1 19  ? -1.562  -16.683 -6.852  1.00 31.78  ? 1046 HIS A C   1 
ATOM   97   O O   . HIS A 1 19  ? -1.550  -15.599 -7.455  1.00 32.30  ? 1046 HIS A O   1 
ATOM   98   C CB  . HIS A 1 19  ? -3.329  -18.077 -8.032  1.00 35.37  ? 1046 HIS A CB  1 
ATOM   99   C CG  . HIS A 1 19  ? -2.527  -19.211 -8.525  1.00 33.48  ? 1046 HIS A CG  1 
ATOM   100  N ND1 . HIS A 1 19  ? -1.145  -19.194 -8.567  1.00 37.93  ? 1046 HIS A ND1 1 
ATOM   101  C CD2 . HIS A 1 19  ? -2.922  -20.420 -8.983  1.00 36.03  ? 1046 HIS A CD2 1 
ATOM   102  C CE1 . HIS A 1 19  ? -0.726  -20.353 -9.042  1.00 39.06  ? 1046 HIS A CE1 1 
ATOM   103  N NE2 . HIS A 1 19  ? -1.783  -21.118 -9.285  1.00 36.46  ? 1046 HIS A NE2 1 
ATOM   104  N N   . PRO A 1 20  ? -0.425  -17.168 -6.300  1.00 35.69  ? 1047 PRO A N   1 
ATOM   105  C CA  . PRO A 1 20  ? 0.839   -16.423 -6.373  1.00 33.85  ? 1047 PRO A CA  1 
ATOM   106  C C   . PRO A 1 20  ? 1.283   -16.061 -7.789  1.00 33.47  ? 1047 PRO A C   1 
ATOM   107  O O   . PRO A 1 20  ? 2.016   -15.092 -7.953  1.00 33.74  ? 1047 PRO A O   1 
ATOM   108  C CB  . PRO A 1 20  ? 1.889   -17.325 -5.709  1.00 37.46  ? 1047 PRO A CB  1 
ATOM   109  C CG  . PRO A 1 20  ? 1.222   -18.677 -5.557  1.00 36.42  ? 1047 PRO A CG  1 
ATOM   110  C CD  . PRO A 1 20  ? -0.279  -18.426 -5.558  1.00 35.86  ? 1047 PRO A CD  1 
ATOM   111  N N   . GLU A 1 21  ? 0.834   -16.820 -8.801  1.00 33.87  ? 1048 GLU A N   1 
ATOM   112  C CA  . GLU A 1 21  ? 1.182   -16.529 -10.187 1.00 33.62  ? 1048 GLU A CA  1 
ATOM   113  C C   . GLU A 1 21  ? 0.722   -15.130 -10.586 1.00 34.67  ? 1048 GLU A C   1 
ATOM   114  O O   . GLU A 1 21  ? 1.374   -14.492 -11.411 1.00 34.99  ? 1048 GLU A O   1 
ATOM   115  C CB  . GLU A 1 21  ? 0.600   -17.597 -11.126 1.00 38.42  ? 1048 GLU A CB  1 
ATOM   116  C CG  . GLU A 1 21  ? -0.891  -17.429 -11.364 1.00 40.28  ? 1048 GLU A CG  1 
ATOM   117  C CD  . GLU A 1 21  ? -1.605  -18.533 -12.153 1.00 45.93  ? 1048 GLU A CD  1 
ATOM   118  O OE1 . GLU A 1 21  ? -0.952  -19.514 -12.569 1.00 44.14  ? 1048 GLU A OE1 1 
ATOM   119  O OE2 . GLU A 1 21  ? -2.831  -18.415 -12.309 1.00 46.91  ? 1048 GLU A OE2 1 
ATOM   120  N N   . LYS A 1 22  ? -0.359  -14.620 -9.976  1.00 32.47  ? 1049 LYS A N   1 
ATOM   121  C CA  . LYS A 1 22  ? -0.882  -13.308 -10.328 1.00 38.92  ? 1049 LYS A CA  1 
ATOM   122  C C   . LYS A 1 22  ? -0.012  -12.173 -9.778  1.00 39.43  ? 1049 LYS A C   1 
ATOM   123  O O   . LYS A 1 22  ? -0.315  -11.002 -9.997  1.00 35.73  ? 1049 LYS A O   1 
ATOM   124  C CB  . LYS A 1 22  ? -2.315  -13.170 -9.799  1.00 42.40  ? 1049 LYS A CB  1 
ATOM   125  C CG  . LYS A 1 22  ? -3.264  -14.250 -10.315 1.00 46.84  ? 1049 LYS A CG  1 
ATOM   126  C CD  . LYS A 1 22  ? -4.720  -13.826 -10.393 1.00 58.69  ? 1049 LYS A CD  1 
ATOM   127  C CE  . LYS A 1 22  ? -5.697  -14.956 -10.691 1.00 62.77  ? 1049 LYS A CE  1 
ATOM   128  N NZ  . LYS A 1 22  ? -5.110  -16.020 -11.547 1.00 77.76  ? 1049 LYS A NZ  1 
ATOM   129  N N   . LEU A 1 23  ? 0.958   -12.498 -8.913  1.00 33.55  ? 1050 LEU A N   1 
ATOM   130  C CA  . LEU A 1 23  ? 1.877   -11.501 -8.391  1.00 34.23  ? 1050 LEU A CA  1 
ATOM   131  C C   . LEU A 1 23  ? 3.272   -11.729 -8.996  1.00 39.17  ? 1050 LEU A C   1 
ATOM   132  O O   . LEU A 1 23  ? 4.163   -10.897 -8.833  1.00 34.57  ? 1050 LEU A O   1 
ATOM   133  C CB  . LEU A 1 23  ? 1.881   -11.617 -6.863  1.00 36.68  ? 1050 LEU A CB  1 
ATOM   134  C CG  . LEU A 1 23  ? 0.643   -11.074 -6.136  1.00 34.62  ? 1050 LEU A CG  1 
ATOM   135  C CD1 . LEU A 1 23  ? 0.655   -11.509 -4.701  1.00 32.47  ? 1050 LEU A CD1 1 
ATOM   136  C CD2 . LEU A 1 23  ? 0.588   -9.558  -6.198  1.00 38.15  ? 1050 LEU A CD2 1 
ATOM   137  N N   . ILE A 1 24  ? 3.460   -12.845 -9.721  1.00 33.66  ? 1051 ILE A N   1 
ATOM   138  C CA  . ILE A 1 24  ? 4.795   -13.209 -10.177 1.00 34.51  ? 1051 ILE A CA  1 
ATOM   139  C C   . ILE A 1 24  ? 4.893   -12.942 -11.666 1.00 35.95  ? 1051 ILE A C   1 
ATOM   140  O O   . ILE A 1 24  ? 5.767   -12.199 -12.109 1.00 35.78  ? 1051 ILE A O   1 
ATOM   141  C CB  . ILE A 1 24  ? 5.164   -14.659 -9.799  1.00 36.01  ? 1051 ILE A CB  1 
ATOM   142  C CG1 . ILE A 1 24  ? 5.189   -14.842 -8.286  1.00 33.04  ? 1051 ILE A CG1 1 
ATOM   143  C CG2 . ILE A 1 24  ? 6.487   -15.066 -10.454 1.00 39.39  ? 1051 ILE A CG2 1 
ATOM   144  C CD1 . ILE A 1 24  ? 5.242   -16.255 -7.805  1.00 34.84  ? 1051 ILE A CD1 1 
ATOM   145  N N   . PHE A 1 25  ? 3.959   -13.509 -12.427 1.00 37.43  ? 1052 PHE A N   1 
ATOM   146  C CA  . PHE A 1 25  ? 3.978   -13.436 -13.875 1.00 39.13  ? 1052 PHE A CA  1 
ATOM   147  C C   . PHE A 1 25  ? 3.067   -12.303 -14.334 1.00 41.99  ? 1052 PHE A C   1 
ATOM   148  O O   . PHE A 1 25  ? 2.987   -12.034 -15.529 1.00 45.00  ? 1052 PHE A O   1 
ATOM   149  C CB  . PHE A 1 25  ? 3.560   -14.791 -14.460 1.00 39.43  ? 1052 PHE A CB  1 
ATOM   150  C CG  . PHE A 1 25  ? 4.492   -15.899 -14.062 1.00 40.07  ? 1052 PHE A CG  1 
ATOM   151  C CD1 . PHE A 1 25  ? 5.777   -15.954 -14.590 1.00 45.52  ? 1052 PHE A CD1 1 
ATOM   152  C CD2 . PHE A 1 25  ? 4.149   -16.803 -13.076 1.00 42.13  ? 1052 PHE A CD2 1 
ATOM   153  C CE1 . PHE A 1 25  ? 6.669   -16.917 -14.160 1.00 41.17  ? 1052 PHE A CE1 1 
ATOM   154  C CE2 . PHE A 1 25  ? 5.027   -17.809 -12.697 1.00 39.45  ? 1052 PHE A CE2 1 
ATOM   155  C CZ  . PHE A 1 25  ? 6.289   -17.849 -13.231 1.00 41.42  ? 1052 PHE A CZ  1 
ATOM   156  N N   . GLN A 1 26  ? 2.374   -11.646 -13.392 1.00 35.97  ? 1053 GLN A N   1 
ATOM   157  C CA  . GLN A 1 26  ? 1.544   -10.497 -13.722 1.00 41.07  ? 1053 GLN A CA  1 
ATOM   158  C C   . GLN A 1 26  ? 1.521   -9.579  -12.503 1.00 38.66  ? 1053 GLN A C   1 
ATOM   159  O O   . GLN A 1 26  ? 2.207   -9.842  -11.535 1.00 38.49  ? 1053 GLN A O   1 
ATOM   160  C CB  . GLN A 1 26  ? 0.145   -10.990 -14.120 1.00 47.23  ? 1053 GLN A CB  1 
ATOM   161  C CG  . GLN A 1 26  ? -0.055  -12.460 -13.783 1.00 61.20  ? 1053 GLN A CG  1 
ATOM   162  C CD  . GLN A 1 26  ? -1.358  -13.094 -14.208 1.00 67.62  ? 1053 GLN A CD  1 
ATOM   163  O OE1 . GLN A 1 26  ? -2.353  -12.411 -14.406 1.00 51.89  ? 1053 GLN A OE1 1 
ATOM   164  N NE2 . GLN A 1 26  ? -1.370  -14.424 -14.266 1.00 65.58  ? 1053 GLN A NE2 1 
ATOM   165  N N   . SER A 1 27  ? 0.661   -8.565  -12.533 1.00 40.86  ? 1054 SER A N   1 
ATOM   166  C CA  . SER A 1 27  ? 0.349   -7.752  -11.370 1.00 38.73  ? 1054 SER A CA  1 
ATOM   167  C C   . SER A 1 27  ? -1.128  -7.869  -11.016 1.00 38.39  ? 1054 SER A C   1 
ATOM   168  O O   . SER A 1 27  ? -1.935  -8.276  -11.839 1.00 36.39  ? 1054 SER A O   1 
ATOM   169  C CB  . SER A 1 27  ? 0.742   -6.319  -11.614 1.00 39.50  ? 1054 SER A CB  1 
ATOM   170  O OG  . SER A 1 27  ? -0.079  -5.761  -12.627 1.00 40.35  ? 1054 SER A OG  1 
ATOM   171  N N   . CYS A 1 28  ? -1.446  -7.520  -9.768  1.00 35.11  ? 1055 CYS A N   1 
ATOM   172  C CA  . CYS A 1 28  ? -2.799  -7.386  -9.266  1.00 35.01  ? 1055 CYS A CA  1 
ATOM   173  C C   . CYS A 1 28  ? -3.096  -5.894  -9.171  1.00 37.41  ? 1055 CYS A C   1 
ATOM   174  O O   . CYS A 1 28  ? -2.391  -5.180  -8.465  1.00 39.37  ? 1055 CYS A O   1 
ATOM   175  C CB  . CYS A 1 28  ? -2.932  -8.001  -7.878  1.00 36.04  ? 1055 CYS A CB  1 
ATOM   176  S SG  . CYS A 1 28  ? -2.835  -9.792  -7.929  1.00 38.95  ? 1055 CYS A SG  1 
ATOM   177  N N   . ASP A 1 29  ? -4.113  -5.452  -9.906  1.00 33.49  ? 1056 ASP A N   1 
ATOM   178  C CA  . ASP A 1 29  ? -4.374  -4.042  -10.139 1.00 39.88  ? 1056 ASP A CA  1 
ATOM   179  C C   . ASP A 1 29  ? -5.726  -3.672  -9.527  1.00 35.97  ? 1056 ASP A C   1 
ATOM   180  O O   . ASP A 1 29  ? -6.717  -4.350  -9.746  1.00 38.10  ? 1056 ASP A O   1 
ATOM   181  C CB  . ASP A 1 29  ? -4.337  -3.724  -11.636 1.00 40.39  ? 1056 ASP A CB  1 
ATOM   182  C CG  . ASP A 1 29  ? -2.992  -4.033  -12.298 1.00 41.20  ? 1056 ASP A CG  1 
ATOM   183  O OD1 . ASP A 1 29  ? -2.033  -4.342  -11.603 1.00 37.49  ? 1056 ASP A OD1 1 
ATOM   184  O OD2 . ASP A 1 29  ? -2.942  -4.051  -13.503 1.00 50.30  ? 1056 ASP A OD2 1 
ATOM   185  N N   . TYR A 1 30  ? -5.739  -2.602  -8.740  1.00 38.86  ? 1057 TYR A N   1 
ATOM   186  C CA  . TYR A 1 30  ? -6.964  -2.130  -8.101  1.00 39.14  ? 1057 TYR A CA  1 
ATOM   187  C C   . TYR A 1 30  ? -7.140  -0.643  -8.385  1.00 39.42  ? 1057 TYR A C   1 
ATOM   188  O O   . TYR A 1 30  ? -6.149  0.063   -8.630  1.00 36.53  ? 1057 TYR A O   1 
ATOM   189  C CB  . TYR A 1 30  ? -6.900  -2.328  -6.581  1.00 35.79  ? 1057 TYR A CB  1 
ATOM   190  C CG  . TYR A 1 30  ? -6.931  -3.771  -6.139  1.00 35.08  ? 1057 TYR A CG  1 
ATOM   191  C CD1 . TYR A 1 30  ? -8.138  -4.442  -5.933  1.00 33.91  ? 1057 TYR A CD1 1 
ATOM   192  C CD2 . TYR A 1 30  ? -5.760  -4.513  -6.081  1.00 33.89  ? 1057 TYR A CD2 1 
ATOM   193  C CE1 . TYR A 1 30  ? -8.172  -5.772  -5.550  1.00 37.85  ? 1057 TYR A CE1 1 
ATOM   194  C CE2 . TYR A 1 30  ? -5.780  -5.847  -5.704  1.00 35.41  ? 1057 TYR A CE2 1 
ATOM   195  C CZ  . TYR A 1 30  ? -6.982  -6.480  -5.442  1.00 37.43  ? 1057 TYR A CZ  1 
ATOM   196  O OH  . TYR A 1 30  ? -7.002  -7.795  -5.038  1.00 37.06  ? 1057 TYR A OH  1 
ATOM   197  N N   . LYS A 1 31  ? -8.388  -0.156  -8.241  1.00 39.15  ? 1058 LYS A N   1 
ATOM   198  C CA  . LYS A 1 31  ? -8.590  1.295   -8.220  1.00 41.59  ? 1058 LYS A CA  1 
ATOM   199  C C   . LYS A 1 31  ? -8.989  1.751   -6.823  1.00 35.76  ? 1058 LYS A C   1 
ATOM   200  O O   . LYS A 1 31  ? -9.652  1.043   -6.110  1.00 40.78  ? 1058 LYS A O   1 
ATOM   201  C CB  . LYS A 1 31  ? -9.615  1.679   -9.292  1.00 46.53  ? 1058 LYS A CB  1 
ATOM   202  C CG  . LYS A 1 31  ? -8.994  1.760   -10.676 1.00 49.42  ? 1058 LYS A CG  1 
ATOM   203  C CD  . LYS A 1 31  ? -9.894  1.305   -11.748 1.00 52.31  ? 1058 LYS A CD  1 
ATOM   204  C CE  . LYS A 1 31  ? -9.461  1.797   -13.101 1.00 54.00  ? 1058 LYS A CE  1 
ATOM   205  N NZ  . LYS A 1 31  ? -10.385 1.322   -14.144 1.00 53.17  ? 1058 LYS A NZ  1 
ATOM   206  N N   . ALA A 1 32  ? -8.543  2.945   -6.444  1.00 41.29  ? 1059 ALA A N   1 
ATOM   207  C CA  . ALA A 1 32  ? -8.900  3.545   -5.182  1.00 43.70  ? 1059 ALA A CA  1 
ATOM   208  C C   . ALA A 1 32  ? -8.774  5.060   -5.298  1.00 45.37  ? 1059 ALA A C   1 
ATOM   209  O O   . ALA A 1 32  ? -8.090  5.563   -6.178  1.00 43.16  ? 1059 ALA A O   1 
ATOM   210  C CB  . ALA A 1 32  ? -7.989  3.029   -4.086  1.00 45.13  ? 1059 ALA A CB  1 
ATOM   211  N N   . PHE A 1 33  ? -9.372  5.774   -4.339  1.00 42.40  ? 1060 PHE A N   1 
ATOM   212  C CA  . PHE A 1 33  ? -9.120  7.198   -4.193  1.00 42.12  ? 1060 PHE A CA  1 
ATOM   213  C C   . PHE A 1 33  ? -7.747  7.390   -3.590  1.00 44.28  ? 1060 PHE A C   1 
ATOM   214  O O   . PHE A 1 33  ? -7.386  6.647   -2.684  1.00 47.22  ? 1060 PHE A O   1 
ATOM   215  C CB  . PHE A 1 33  ? -10.165 7.864   -3.284  1.00 43.24  ? 1060 PHE A CB  1 
ATOM   216  C CG  . PHE A 1 33  ? -11.538 7.941   -3.883  1.00 43.03  ? 1060 PHE A CG  1 
ATOM   217  C CD1 . PHE A 1 33  ? -11.751 8.683   -5.038  1.00 48.73  ? 1060 PHE A CD1 1 
ATOM   218  C CD2 . PHE A 1 33  ? -12.598 7.227   -3.334  1.00 48.75  ? 1060 PHE A CD2 1 
ATOM   219  C CE1 . PHE A 1 33  ? -13.004 8.713   -5.632  1.00 50.30  ? 1060 PHE A CE1 1 
ATOM   220  C CE2 . PHE A 1 33  ? -13.855 7.262   -3.932  1.00 46.10  ? 1060 PHE A CE2 1 
ATOM   221  C CZ  . PHE A 1 33  ? -14.057 8.024   -5.064  1.00 48.07  ? 1060 PHE A CZ  1 
ATOM   222  N N   . TYR A 1 34  ? -7.007  8.375   -4.118  1.00 44.26  ? 1061 TYR A N   1 
ATOM   223  C CA  . TYR A 1 34  ? -5.737  8.808   -3.573  1.00 45.56  ? 1061 TYR A CA  1 
ATOM   224  C C   . TYR A 1 34  ? -5.913  10.113  -2.784  1.00 55.43  ? 1061 TYR A C   1 
ATOM   225  O O   . TYR A 1 34  ? -6.358  11.139  -3.323  1.00 51.11  ? 1061 TYR A O   1 
ATOM   226  C CB  . TYR A 1 34  ? -4.737  8.985   -4.711  1.00 49.90  ? 1061 TYR A CB  1 
ATOM   227  C CG  . TYR A 1 34  ? -3.369  9.509   -4.332  1.00 52.73  ? 1061 TYR A CG  1 
ATOM   228  C CD1 . TYR A 1 34  ? -2.636  8.945   -3.294  1.00 48.50  ? 1061 TYR A CD1 1 
ATOM   229  C CD2 . TYR A 1 34  ? -2.762  10.525  -5.065  1.00 52.46  ? 1061 TYR A CD2 1 
ATOM   230  C CE1 . TYR A 1 34  ? -1.369  9.408   -2.960  1.00 47.83  ? 1061 TYR A CE1 1 
ATOM   231  C CE2 . TYR A 1 34  ? -1.487  10.985  -4.754  1.00 50.63  ? 1061 TYR A CE2 1 
ATOM   232  C CZ  . TYR A 1 34  ? -0.782  10.413  -3.712  1.00 48.80  ? 1061 TYR A CZ  1 
ATOM   233  O OH  . TYR A 1 34  ? 0.480   10.851  -3.402  1.00 50.74  ? 1061 TYR A OH  1 
ATOM   234  N N   . LEU A 1 35  ? -5.527  10.063  -1.501  1.00 50.73  ? 1062 LEU A N   1 
ATOM   235  C CA  . LEU A 1 35  ? -5.703  11.158  -0.559  1.00 53.69  ? 1062 LEU A CA  1 
ATOM   236  C C   . LEU A 1 35  ? -4.427  11.990  -0.467  1.00 55.28  ? 1062 LEU A C   1 
ATOM   237  O O   . LEU A 1 35  ? -4.433  13.068  0.119   1.00 61.01  ? 1062 LEU A O   1 
ATOM   238  C CB  . LEU A 1 35  ? -6.057  10.556  0.812   1.00 53.46  ? 1062 LEU A CB  1 
ATOM   239  C CG  . LEU A 1 35  ? -7.539  10.508  1.178   1.00 54.32  ? 1062 LEU A CG  1 
ATOM   240  C CD1 . LEU A 1 35  ? -8.383  9.917   0.073   1.00 52.09  ? 1062 LEU A CD1 1 
ATOM   241  C CD2 . LEU A 1 35  ? -7.760  9.753   2.479   1.00 49.92  ? 1062 LEU A CD2 1 
ATOM   242  N N   . GLY A 1 36  ? -3.307  11.458  -0.957  1.00 57.64  ? 1063 GLY A N   1 
ATOM   243  C CA  . GLY A 1 36  ? -2.043  12.178  -0.892  1.00 54.21  ? 1063 GLY A CA  1 
ATOM   244  C C   . GLY A 1 36  ? -0.955  11.424  -0.136  1.00 53.31  ? 1063 GLY A C   1 
ATOM   245  O O   . GLY A 1 36  ? -1.208  10.460  0.579   1.00 50.73  ? 1063 GLY A O   1 
ATOM   246  N N   . SER A 1 37  ? 0.274   11.900  -0.327  1.00 52.49  ? 1064 SER A N   1 
ATOM   247  C CA  . SER A 1 37  ? 1.447   11.345  0.313   1.00 53.04  ? 1064 SER A CA  1 
ATOM   248  C C   . SER A 1 37  ? 2.052   12.390  1.245   1.00 61.19  ? 1064 SER A C   1 
ATOM   249  O O   . SER A 1 37  ? 2.105   13.568  0.907   1.00 67.56  ? 1064 SER A O   1 
ATOM   250  C CB  . SER A 1 37  ? 2.453   10.904  -0.723  1.00 49.27  ? 1064 SER A CB  1 
ATOM   251  O OG  . SER A 1 37  ? 1.915   9.863   -1.504  1.00 49.07  ? 1064 SER A OG  1 
ATOM   252  N N   . MET A 1 38  ? 2.581   11.914  2.373   1.00 61.60  ? 1065 MET A N   1 
ATOM   253  C CA  . MET A 1 38  ? 3.030   12.753  3.467   1.00 67.40  ? 1065 MET A CA  1 
ATOM   254  C C   . MET A 1 38  ? 4.436   12.307  3.860   1.00 67.16  ? 1065 MET A C   1 
ATOM   255  O O   . MET A 1 38  ? 4.708   11.113  3.854   1.00 56.56  ? 1065 MET A O   1 
ATOM   256  C CB  . MET A 1 38  ? 2.062   12.582  4.646   1.00 70.06  ? 1065 MET A CB  1 
ATOM   257  C CG  . MET A 1 38  ? 2.482   13.332  5.887   1.00 77.43  ? 1065 MET A CG  1 
ATOM   258  S SD  . MET A 1 38  ? 1.274   13.173  7.215   1.00 84.00  ? 1065 MET A SD  1 
ATOM   259  C CE  . MET A 1 38  ? 2.348   12.654  8.557   1.00 77.44  ? 1065 MET A CE  1 
ATOM   260  N N   . LEU A 1 39  ? 5.335   13.255  4.165   1.00 72.31  ? 1066 LEU A N   1 
ATOM   261  C CA  . LEU A 1 39  ? 6.688   12.929  4.605   1.00 71.84  ? 1066 LEU A CA  1 
ATOM   262  C C   . LEU A 1 39  ? 6.619   12.567  6.089   1.00 70.72  ? 1066 LEU A C   1 
ATOM   263  O O   . LEU A 1 39  ? 5.802   13.148  6.804   1.00 70.09  ? 1066 LEU A O   1 
ATOM   264  C CB  . LEU A 1 39  ? 7.616   14.118  4.326   1.00 81.79  ? 1066 LEU A CB  1 
ATOM   265  C CG  . LEU A 1 39  ? 9.105   13.792  4.160   1.00 90.46  ? 1066 LEU A CG  1 
ATOM   266  C CD1 . LEU A 1 39  ? 9.807   14.862  3.332   1.00 94.00  ? 1066 LEU A CD1 1 
ATOM   267  C CD2 . LEU A 1 39  ? 9.805   13.630  5.506   1.00 89.22  ? 1066 LEU A CD2 1 
ATOM   268  N N   . ILE A 1 40  ? 7.395   11.550  6.511   1.00 69.69  ? 1067 ILE A N   1 
ATOM   269  C CA  . ILE A 1 40  ? 7.338   11.001  7.865   1.00 87.39  ? 1067 ILE A CA  1 
ATOM   270  C C   . ILE A 1 40  ? 8.720   11.170  8.512   1.00 94.26  ? 1067 ILE A C   1 
ATOM   271  O O   . ILE A 1 40  ? 9.735   10.808  7.912   1.00 80.48  ? 1067 ILE A O   1 
ATOM   272  C CB  . ILE A 1 40  ? 6.842   9.526   7.886   1.00 94.13  ? 1067 ILE A CB  1 
ATOM   273  C CG1 . ILE A 1 40  ? 5.329   9.372   8.081   1.00 92.23  ? 1067 ILE A CG1 1 
ATOM   274  C CG2 . ILE A 1 40  ? 7.532   8.714   8.966   1.00 94.83  ? 1067 ILE A CG2 1 
ATOM   275  C CD1 . ILE A 1 40  ? 4.494   9.938   6.982   1.00 102.07 ? 1067 ILE A CD1 1 
ATOM   276  N N   . LYS A 1 41  ? 8.718   11.737  9.737   1.00 110.45 ? 1068 LYS A N   1 
ATOM   277  C CA  . LYS A 1 41  ? 9.889   11.894  10.598  1.00 113.94 ? 1068 LYS A CA  1 
ATOM   278  C C   . LYS A 1 41  ? 10.521  10.535  10.945  1.00 117.00 ? 1068 LYS A C   1 
ATOM   279  O O   . LYS A 1 41  ? 11.676  10.307  10.591  1.00 112.29 ? 1068 LYS A O   1 
ATOM   280  C CB  . LYS A 1 41  ? 9.545   12.716  11.854  1.00 110.69 ? 1068 LYS A CB  1 
ATOM   281  C CG  . LYS A 1 41  ? 8.209   12.425  12.534  1.00 113.11 ? 1068 LYS A CG  1 
ATOM   282  C CD  . LYS A 1 41  ? 7.034   13.225  11.970  1.00 116.93 ? 1068 LYS A CD  1 
ATOM   283  C CE  . LYS A 1 41  ? 5.718   12.472  11.959  1.00 114.03 ? 1068 LYS A CE  1 
ATOM   284  N NZ  . LYS A 1 41  ? 5.807   11.194  11.205  1.00 117.52 ? 1068 LYS A NZ  1 
ATOM   285  N N   . GLU A 1 42  ? 9.777   9.641   11.627  1.00 116.90 ? 1069 GLU A N   1 
ATOM   286  C CA  . GLU A 1 42  ? 10.274  8.323   12.021  1.00 113.57 ? 1069 GLU A CA  1 
ATOM   287  C C   . GLU A 1 42  ? 10.723  7.539   10.781  1.00 112.84 ? 1069 GLU A C   1 
ATOM   288  O O   . GLU A 1 42  ? 11.941  7.364   10.663  1.00 116.68 ? 1069 GLU A O   1 
ATOM   289  C CB  . GLU A 1 42  ? 9.256   7.474   12.800  1.00 117.26 ? 1069 GLU A CB  1 
ATOM   290  C CG  . GLU A 1 42  ? 7.791   7.791   12.526  1.00 129.77 ? 1069 GLU A CG  1 
ATOM   291  C CD  . GLU A 1 42  ? 7.222   8.904   13.389  1.00 139.23 ? 1069 GLU A CD  1 
ATOM   292  O OE1 . GLU A 1 42  ? 6.072   9.327   13.148  1.00 136.45 ? 1069 GLU A OE1 1 
ATOM   293  O OE2 . GLU A 1 42  ? 7.934   9.353   14.302  1.00 151.32 ? 1069 GLU A OE2 1 
ATOM   294  N N   . GLY A 1 45  ? 6.143   3.635   15.161  1.00 97.90  ? 1072 GLY A N   1 
ATOM   295  C CA  . GLY A 1 45  ? 5.067   2.691   15.517  1.00 99.23  ? 1072 GLY A CA  1 
ATOM   296  C C   . GLY A 1 45  ? 4.085   2.537   14.362  1.00 109.28 ? 1072 GLY A C   1 
ATOM   297  O O   . GLY A 1 45  ? 4.431   2.798   13.213  1.00 118.83 ? 1072 GLY A O   1 
ATOM   298  N N   . THR A 1 46  ? 2.867   2.082   14.678  1.00 109.54 ? 1073 THR A N   1 
ATOM   299  C CA  . THR A 1 46  ? 1.755   2.132   13.735  1.00 110.23 ? 1073 THR A CA  1 
ATOM   300  C C   . THR A 1 46  ? 1.082   3.503   13.834  1.00 108.66 ? 1073 THR A C   1 
ATOM   301  O O   . THR A 1 46  ? 0.298   3.872   12.961  1.00 92.30  ? 1073 THR A O   1 
ATOM   302  C CB  . THR A 1 46  ? 0.748   0.992   13.961  1.00 107.98 ? 1073 THR A CB  1 
ATOM   303  O OG1 . THR A 1 46  ? 0.516   0.885   15.366  1.00 116.79 ? 1073 THR A OG1 1 
ATOM   304  C CG2 . THR A 1 46  ? 1.202   -0.344  13.411  1.00 100.19 ? 1073 THR A CG2 1 
ATOM   305  N N   . GLU A 1 47  ? 1.378   4.230   14.924  1.00 106.33 ? 1074 GLU A N   1 
ATOM   306  C CA  . GLU A 1 47  ? 1.121   5.658   15.059  1.00 104.36 ? 1074 GLU A CA  1 
ATOM   307  C C   . GLU A 1 47  ? 1.406   6.392   13.752  1.00 101.22 ? 1074 GLU A C   1 
ATOM   308  O O   . GLU A 1 47  ? 0.571   7.160   13.290  1.00 98.24  ? 1074 GLU A O   1 
ATOM   309  C CB  . GLU A 1 47  ? 2.040   6.262   16.120  1.00 114.83 ? 1074 GLU A CB  1 
ATOM   310  C CG  . GLU A 1 47  ? 1.943   5.594   17.481  1.00 127.31 ? 1074 GLU A CG  1 
ATOM   311  C CD  . GLU A 1 47  ? 3.240   5.598   18.273  1.00 138.21 ? 1074 GLU A CD  1 
ATOM   312  O OE1 . GLU A 1 47  ? 4.248   6.099   17.743  1.00 141.85 ? 1074 GLU A OE1 1 
ATOM   313  O OE2 . GLU A 1 47  ? 3.239   5.093   19.414  1.00 145.98 ? 1074 GLU A OE2 1 
ATOM   314  N N   . SER A 1 48  ? 2.590   6.134   13.176  1.00 95.01  ? 1075 SER A N   1 
ATOM   315  C CA  . SER A 1 48  ? 3.032   6.740   11.927  1.00 98.79  ? 1075 SER A CA  1 
ATOM   316  C C   . SER A 1 48  ? 1.938   6.682   10.857  1.00 100.70 ? 1075 SER A C   1 
ATOM   317  O O   . SER A 1 48  ? 1.499   7.730   10.389  1.00 91.97  ? 1075 SER A O   1 
ATOM   318  C CB  . SER A 1 48  ? 4.310   6.102   11.440  1.00 96.71  ? 1075 SER A CB  1 
ATOM   319  O OG  . SER A 1 48  ? 4.183   4.688   11.398  1.00 106.04 ? 1075 SER A OG  1 
ATOM   320  N N   . THR A 1 49  ? 1.503   5.464   10.483  1.00 95.01  ? 1076 THR A N   1 
ATOM   321  C CA  . THR A 1 49  ? 0.432   5.283   9.503   1.00 89.51  ? 1076 THR A CA  1 
ATOM   322  C C   . THR A 1 49  ? -0.873  5.928   9.983   1.00 77.59  ? 1076 THR A C   1 
ATOM   323  O O   . THR A 1 49  ? -1.511  6.632   9.208   1.00 70.23  ? 1076 THR A O   1 
ATOM   324  C CB  . THR A 1 49  ? 0.169   3.807   9.155   1.00 78.75  ? 1076 THR A CB  1 
ATOM   325  O OG1 . THR A 1 49  ? 0.158   3.060   10.375  1.00 74.48  ? 1076 THR A OG1 1 
ATOM   326  C CG2 . THR A 1 49  ? 1.178   3.227   8.188   1.00 76.09  ? 1076 THR A CG2 1 
ATOM   327  N N   . GLN A 1 50  ? -1.280  5.668   11.235  1.00 78.30  ? 1077 GLN A N   1 
ATOM   328  C CA  . GLN A 1 50  ? -2.520  6.212   11.785  1.00 82.88  ? 1077 GLN A CA  1 
ATOM   329  C C   . GLN A 1 50  ? -2.548  7.744   11.728  1.00 80.01  ? 1077 GLN A C   1 
ATOM   330  O O   . GLN A 1 50  ? -3.570  8.317   11.335  1.00 76.44  ? 1077 GLN A O   1 
ATOM   331  C CB  . GLN A 1 50  ? -2.726  5.777   13.234  1.00 84.34  ? 1077 GLN A CB  1 
ATOM   332  C CG  . GLN A 1 50  ? -3.565  6.766   14.032  1.00 93.55  ? 1077 GLN A CG  1 
ATOM   333  C CD  . GLN A 1 50  ? -4.197  6.125   15.237  1.00 98.08  ? 1077 GLN A CD  1 
ATOM   334  O OE1 . GLN A 1 50  ? -5.365  6.362   15.544  1.00 90.32  ? 1077 GLN A OE1 1 
ATOM   335  N NE2 . GLN A 1 50  ? -3.413  5.302   15.917  1.00 91.74  ? 1077 GLN A NE2 1 
ATOM   336  N N   . ASP A 1 51  ? -1.430  8.372   12.144  1.00 79.35  ? 1078 ASP A N   1 
ATOM   337  C CA  A ASP A 1 51  ? -1.306  9.822   12.201  0.50 76.73  ? 1078 ASP A CA  1 
ATOM   338  C CA  B ASP A 1 51  ? -1.290  9.821   12.195  0.50 77.86  ? 1078 ASP A CA  1 
ATOM   339  C C   . ASP A 1 51  ? -1.422  10.395  10.788  1.00 72.40  ? 1078 ASP A C   1 
ATOM   340  O O   . ASP A 1 51  ? -2.224  11.296  10.553  1.00 69.95  ? 1078 ASP A O   1 
ATOM   341  C CB  A ASP A 1 51  ? 0.005   10.258  12.871  0.50 74.62  ? 1078 ASP A CB  1 
ATOM   342  C CB  B ASP A 1 51  ? 0.057   10.237  12.803  0.50 76.99  ? 1078 ASP A CB  1 
ATOM   343  C CG  A ASP A 1 51  ? 0.154   9.849   14.331  0.50 70.47  ? 1078 ASP A CG  1 
ATOM   344  C CG  B ASP A 1 51  ? 0.299   11.736  12.778  0.50 73.18  ? 1078 ASP A CG  1 
ATOM   345  O OD1 A ASP A 1 51  ? -0.707  9.092   14.833  0.50 64.56  ? 1078 ASP A OD1 1 
ATOM   346  O OD1 B ASP A 1 51  ? -0.488  12.457  13.419  0.50 79.84  ? 1078 ASP A OD1 1 
ATOM   347  O OD2 A ASP A 1 51  ? 1.138   10.288  14.950  0.50 66.16  ? 1078 ASP A OD2 1 
ATOM   348  O OD2 B ASP A 1 51  ? 1.254   12.167  12.104  0.50 67.04  ? 1078 ASP A OD2 1 
ATOM   349  N N   . ALA A 1 52  ? -0.619  9.849   9.864   1.00 72.15  ? 1079 ALA A N   1 
ATOM   350  C CA  . ALA A 1 52  ? -0.595  10.266  8.473   1.00 67.03  ? 1079 ALA A CA  1 
ATOM   351  C C   . ALA A 1 52  ? -1.963  10.093  7.810   1.00 64.61  ? 1079 ALA A C   1 
ATOM   352  O O   . ALA A 1 52  ? -2.369  10.930  7.012   1.00 62.90  ? 1079 ALA A O   1 
ATOM   353  C CB  . ALA A 1 52  ? 0.465   9.491   7.736   1.00 71.34  ? 1079 ALA A CB  1 
ATOM   354  N N   . CYS A 1 53  ? -2.673  9.006   8.126   1.00 60.82  ? 1080 CYS A N   1 
ATOM   355  C CA  . CYS A 1 53  ? -3.968  8.743   7.510   1.00 63.82  ? 1080 CYS A CA  1 
ATOM   356  C C   . CYS A 1 53  ? -4.979  9.819   7.913   1.00 64.56  ? 1080 CYS A C   1 
ATOM   357  O O   . CYS A 1 53  ? -5.690  10.335  7.058   1.00 62.15  ? 1080 CYS A O   1 
ATOM   358  C CB  . CYS A 1 53  ? -4.481  7.344   7.851   1.00 58.58  ? 1080 CYS A CB  1 
ATOM   359  S SG  . CYS A 1 53  ? -3.626  6.014   6.954   1.00 60.83  ? 1080 CYS A SG  1 
ATOM   360  N N   . ALA A 1 54  ? -5.009  10.160  9.212   1.00 69.06  ? 1081 ALA A N   1 
ATOM   361  C CA  . ALA A 1 54  ? -5.946  11.125  9.773   1.00 67.72  ? 1081 ALA A CA  1 
ATOM   362  C C   . ALA A 1 54  ? -5.664  12.530  9.232   1.00 56.89  ? 1081 ALA A C   1 
ATOM   363  O O   . ALA A 1 54  ? -6.599  13.240  8.853   1.00 60.17  ? 1081 ALA A O   1 
ATOM   364  C CB  . ALA A 1 54  ? -5.863  11.062  11.282  1.00 62.64  ? 1081 ALA A CB  1 
ATOM   365  N N   . LYS A 1 55  ? -4.370  12.889  9.133   1.00 63.00  ? 1082 LYS A N   1 
ATOM   366  C CA  . LYS A 1 55  ? -3.937  14.155  8.556   1.00 66.34  ? 1082 LYS A CA  1 
ATOM   367  C C   . LYS A 1 55  ? -4.324  14.254  7.081   1.00 73.17  ? 1082 LYS A C   1 
ATOM   368  O O   . LYS A 1 55  ? -4.866  15.279  6.664   1.00 68.69  ? 1082 LYS A O   1 
ATOM   369  C CB  . LYS A 1 55  ? -2.423  14.330  8.676   1.00 72.90  ? 1082 LYS A CB  1 
ATOM   370  C CG  . LYS A 1 55  ? -1.909  14.609  10.082  1.00 81.20  ? 1082 LYS A CG  1 
ATOM   371  C CD  . LYS A 1 55  ? -0.518  14.045  10.314  1.00 92.56  ? 1082 LYS A CD  1 
ATOM   372  C CE  . LYS A 1 55  ? 0.383   14.953  11.119  1.00 97.04  ? 1082 LYS A CE  1 
ATOM   373  N NZ  . LYS A 1 55  ? -0.213  15.279  12.433  1.00 103.58 ? 1082 LYS A NZ  1 
ATOM   374  N N   . MET A 1 56  ? -4.015  13.216  6.287   1.00 69.79  ? 1083 MET A N   1 
ATOM   375  C CA  . MET A 1 56  ? -4.296  13.252  4.858   1.00 65.17  ? 1083 MET A CA  1 
ATOM   376  C C   . MET A 1 56  ? -5.805  13.346  4.619   1.00 60.38  ? 1083 MET A C   1 
ATOM   377  O O   . MET A 1 56  ? -6.217  14.031  3.693   1.00 62.91  ? 1083 MET A O   1 
ATOM   378  C CB  . MET A 1 56  ? -3.720  12.035  4.120   1.00 68.65  ? 1083 MET A CB  1 
ATOM   379  C CG  . MET A 1 56  ? -2.711  12.379  3.049   1.00 71.62  ? 1083 MET A CG  1 
ATOM   380  S SD  . MET A 1 56  ? -1.435  13.551  3.584   1.00 75.99  ? 1083 MET A SD  1 
ATOM   381  C CE  . MET A 1 56  ? -0.999  14.284  2.010   1.00 75.13  ? 1083 MET A CE  1 
ATOM   382  N N   . ARG A 1 57  ? -6.624  12.667  5.435   1.00 58.15  ? 1084 ARG A N   1 
ATOM   383  C CA  . ARG A 1 57  ? -8.070  12.777  5.307   1.00 66.27  ? 1084 ARG A CA  1 
ATOM   384  C C   . ARG A 1 57  ? -8.507  14.214  5.615   1.00 74.85  ? 1084 ARG A C   1 
ATOM   385  O O   . ARG A 1 57  ? -9.276  14.791  4.849   1.00 67.60  ? 1084 ARG A O   1 
ATOM   386  C CB  . ARG A 1 57  ? -8.783  11.765  6.206   1.00 62.48  ? 1084 ARG A CB  1 
ATOM   387  C CG  . ARG A 1 57  ? -8.834  10.362  5.612   1.00 70.99  ? 1084 ARG A CG  1 
ATOM   388  C CD  . ARG A 1 57  ? -9.598  9.331   6.436   1.00 62.84  ? 1084 ARG A CD  1 
ATOM   389  N NE  . ARG A 1 57  ? -8.887  9.048   7.682   1.00 72.71  ? 1084 ARG A NE  1 
ATOM   390  C CZ  . ARG A 1 57  ? -9.357  9.294   8.912   1.00 80.09  ? 1084 ARG A CZ  1 
ATOM   391  N NH1 . ARG A 1 57  ? -10.584 9.770   9.054   1.00 79.77  ? 1084 ARG A NH1 1 
ATOM   392  N NH2 . ARG A 1 57  ? -8.610  9.058   9.991   1.00 68.87  ? 1084 ARG A NH2 1 
ATOM   393  N N   . ALA A 1 58  ? -7.971  14.784  6.709   1.00 74.03  ? 1085 ALA A N   1 
ATOM   394  C CA  . ALA A 1 58  ? -8.244  16.158  7.114   1.00 79.70  ? 1085 ALA A CA  1 
ATOM   395  C C   . ALA A 1 58  ? -7.928  17.143  5.988   1.00 71.91  ? 1085 ALA A C   1 
ATOM   396  O O   . ALA A 1 58  ? -8.731  18.027  5.708   1.00 77.03  ? 1085 ALA A O   1 
ATOM   397  C CB  . ALA A 1 58  ? -7.474  16.504  8.372   1.00 70.60  ? 1085 ALA A CB  1 
ATOM   398  N N   . ASN A 1 59  ? -6.766  16.985  5.341   1.00 76.26  ? 1086 ASN A N   1 
ATOM   399  C CA  . ASN A 1 59  ? -6.357  17.822  4.217   1.00 74.99  ? 1086 ASN A CA  1 
ATOM   400  C C   . ASN A 1 59  ? -7.343  17.743  3.045   1.00 83.87  ? 1086 ASN A C   1 
ATOM   401  O O   . ASN A 1 59  ? -7.432  18.692  2.256   1.00 88.15  ? 1086 ASN A O   1 
ATOM   402  C CB  . ASN A 1 59  ? -4.973  17.438  3.679   1.00 86.37  ? 1086 ASN A CB  1 
ATOM   403  C CG  . ASN A 1 59  ? -3.821  18.097  4.405   1.00 94.79  ? 1086 ASN A CG  1 
ATOM   404  O OD1 . ASN A 1 59  ? -3.604  19.295  4.255   1.00 108.50 ? 1086 ASN A OD1 1 
ATOM   405  N ND2 . ASN A 1 59  ? -3.062  17.327  5.166   1.00 101.42 ? 1086 ASN A ND2 1 
ATOM   406  N N   . CYS A 1 60  ? -8.048  16.603  2.907   1.00 75.05  ? 1087 CYS A N   1 
ATOM   407  C CA  . CYS A 1 60  ? -8.899  16.338  1.751   1.00 78.39  ? 1087 CYS A CA  1 
ATOM   408  C C   . CYS A 1 60  ? -10.342 16.780  2.012   1.00 70.80  ? 1087 CYS A C   1 
ATOM   409  O O   . CYS A 1 60  ? -11.170 16.704  1.112   1.00 67.99  ? 1087 CYS A O   1 
ATOM   410  C CB  . CYS A 1 60  ? -8.821  14.861  1.348   1.00 70.52  ? 1087 CYS A CB  1 
ATOM   411  S SG  . CYS A 1 60  ? -7.232  14.429  0.577   1.00 64.07  ? 1087 CYS A SG  1 
ATOM   412  N N   . GLN A 1 61  ? -10.626 17.231  3.244   1.00 76.95  ? 1088 GLN A N   1 
ATOM   413  C CA  . GLN A 1 61  ? -11.933 17.757  3.614   1.00 91.92  ? 1088 GLN A CA  1 
ATOM   414  C C   . GLN A 1 61  ? -12.046 19.257  3.349   1.00 95.01  ? 1088 GLN A C   1 
ATOM   415  O O   . GLN A 1 61  ? -11.425 20.056  4.050   1.00 92.97  ? 1088 GLN A O   1 
ATOM   416  C CB  . GLN A 1 61  ? -12.186 17.539  5.103   1.00 88.88  ? 1088 GLN A CB  1 
ATOM   417  C CG  . GLN A 1 61  ? -12.024 16.094  5.516   1.00 96.11  ? 1088 GLN A CG  1 
ATOM   418  C CD  . GLN A 1 61  ? -13.274 15.618  6.205   1.00 107.31 ? 1088 GLN A CD  1 
ATOM   419  O OE1 . GLN A 1 61  ? -13.220 14.830  7.145   1.00 125.29 ? 1088 GLN A OE1 1 
ATOM   420  N NE2 . GLN A 1 61  ? -14.416 16.078  5.715   1.00 107.16 ? 1088 GLN A NE2 1 
ATOM   421  N N   . LYS A 1 62  ? -12.882 19.627  2.367   1.00 98.65  ? 1089 LYS A N   1 
ATOM   422  C CA  . LYS A 1 62  ? -13.306 21.007  2.185   1.00 101.09 ? 1089 LYS A CA  1 
ATOM   423  C C   . LYS A 1 62  ? -14.551 21.303  3.025   1.00 107.52 ? 1089 LYS A C   1 
ATOM   424  O O   . LYS A 1 62  ? -14.933 22.462  3.165   1.00 117.22 ? 1089 LYS A O   1 
ATOM   425  C CB  . LYS A 1 62  ? -13.597 21.298  0.712   1.00 99.30  ? 1089 LYS A CB  1 
ATOM   426  C CG  . LYS A 1 62  ? -14.657 20.413  0.067   1.00 100.25 ? 1089 LYS A CG  1 
ATOM   427  C CD  . LYS A 1 62  ? -15.071 20.895  -1.299  1.00 102.77 ? 1089 LYS A CD  1 
ATOM   428  C CE  . LYS A 1 62  ? -14.993 22.402  -1.431  1.00 99.29  ? 1089 LYS A CE  1 
ATOM   429  N NZ  . LYS A 1 62  ? -15.473 22.854  -2.753  1.00 104.08 ? 1089 LYS A NZ  1 
ATOM   430  N N   . SER A 1 63  ? -15.174 20.245  3.564   1.00 115.51 ? 1090 SER A N   1 
ATOM   431  C CA  . SER A 1 63  ? -16.422 20.319  4.315   1.00 113.61 ? 1090 SER A CA  1 
ATOM   432  C C   . SER A 1 63  ? -17.015 21.733  4.276   1.00 101.95 ? 1090 SER A C   1 
ATOM   433  O O   . SER A 1 63  ? -17.693 22.077  5.254   1.00 102.24 ? 1090 SER A O   1 
ATOM   434  C CB  . SER A 1 63  ? -16.226 19.834  5.736   1.00 105.46 ? 1090 SER A CB  1 
ATOM   435  O OG  . SER A 1 63  ? -15.605 18.557  5.739   1.00 100.32 ? 1090 SER A OG  1 
ATOM   436  N N   . GLN A 1 66  ? -18.617 17.092  3.514   1.00 94.78  ? 1093 GLN A N   1 
ATOM   437  C CA  . GLN A 1 66  ? -18.103 17.160  2.117   1.00 94.97  ? 1093 GLN A CA  1 
ATOM   438  C C   . GLN A 1 66  ? -16.590 16.904  2.073   1.00 105.26 ? 1093 GLN A C   1 
ATOM   439  O O   . GLN A 1 66  ? -15.863 17.252  3.006   1.00 103.66 ? 1093 GLN A O   1 
ATOM   440  C CB  . GLN A 1 66  ? -18.451 18.509  1.486   1.00 81.02  ? 1093 GLN A CB  1 
ATOM   441  C CG  . GLN A 1 66  ? -17.856 18.678  0.097   1.00 86.70  ? 1093 GLN A CG  1 
ATOM   442  C CD  . GLN A 1 66  ? -18.617 19.676  -0.731  1.00 90.04  ? 1093 GLN A CD  1 
ATOM   443  O OE1 . GLN A 1 66  ? -19.295 20.547  -0.193  1.00 96.36  ? 1093 GLN A OE1 1 
ATOM   444  N NE2 . GLN A 1 66  ? -18.485 19.564  -2.045  1.00 87.25  ? 1093 GLN A NE2 1 
ATOM   445  N N   . MET A 1 67  ? -16.152 16.287  0.959   1.00 100.02 ? 1094 MET A N   1 
ATOM   446  C CA  . MET A 1 67  ? -14.758 16.017  0.633   1.00 92.48  ? 1094 MET A CA  1 
ATOM   447  C C   . MET A 1 67  ? -14.457 16.629  -0.737  1.00 88.77  ? 1094 MET A C   1 
ATOM   448  O O   . MET A 1 67  ? -15.337 16.708  -1.587  1.00 96.71  ? 1094 MET A O   1 
ATOM   449  C CB  . MET A 1 67  ? -14.514 14.506  0.560   1.00 91.75  ? 1094 MET A CB  1 
ATOM   450  C CG  . MET A 1 67  ? -14.672 13.797  1.898   1.00 108.89 ? 1094 MET A CG  1 
ATOM   451  S SD  . MET A 1 67  ? -13.277 14.007  3.050   1.00 123.16 ? 1094 MET A SD  1 
ATOM   452  C CE  . MET A 1 67  ? -11.901 13.477  2.027   1.00 121.17 ? 1094 MET A CE  1 
ATOM   453  N N   . LYS A 1 68  ? -13.208 17.051  -0.960  1.00 83.49  ? 1095 LYS A N   1 
ATOM   454  C CA  . LYS A 1 68  ? -12.787 17.575  -2.253  1.00 75.60  ? 1095 LYS A CA  1 
ATOM   455  C C   . LYS A 1 68  ? -12.730 16.429  -3.262  1.00 69.57  ? 1095 LYS A C   1 
ATOM   456  O O   . LYS A 1 68  ? -12.529 15.271  -2.900  1.00 65.27  ? 1095 LYS A O   1 
ATOM   457  C CB  . LYS A 1 68  ? -11.405 18.229  -2.143  1.00 79.48  ? 1095 LYS A CB  1 
ATOM   458  C CG  . LYS A 1 68  ? -11.291 19.319  -1.086  1.00 78.18  ? 1095 LYS A CG  1 
ATOM   459  C CD  . LYS A 1 68  ? -9.869  19.686  -0.764  1.00 80.49  ? 1095 LYS A CD  1 
ATOM   460  C CE  . LYS A 1 68  ? -9.753  20.454  0.534   1.00 88.47  ? 1095 LYS A CE  1 
ATOM   461  N NZ  . LYS A 1 68  ? -8.364  20.905  0.766   1.00 96.87  ? 1095 LYS A NZ  1 
ATOM   462  N N   . LYS A 1 69  ? -12.856 16.758  -4.547  1.00 62.04  ? 1096 LYS A N   1 
ATOM   463  C CA  . LYS A 1 69  ? -12.800 15.721  -5.560  1.00 61.68  ? 1096 LYS A CA  1 
ATOM   464  C C   . LYS A 1 69  ? -11.358 15.236  -5.727  1.00 66.98  ? 1096 LYS A C   1 
ATOM   465  O O   . LYS A 1 69  ? -10.594 15.731  -6.558  1.00 68.91  ? 1096 LYS A O   1 
ATOM   466  C CB  . LYS A 1 69  ? -13.431 16.190  -6.867  1.00 59.24  ? 1096 LYS A CB  1 
ATOM   467  C CG  . LYS A 1 69  ? -14.923 16.445  -6.779  1.00 59.61  ? 1096 LYS A CG  1 
ATOM   468  C CD  . LYS A 1 69  ? -15.594 16.285  -8.118  1.00 61.36  ? 1096 LYS A CD  1 
ATOM   469  C CE  . LYS A 1 69  ? -17.048 16.708  -8.090  1.00 65.05  ? 1096 LYS A CE  1 
ATOM   470  N NZ  . LYS A 1 69  ? -17.743 16.424  -9.375  1.00 56.16  ? 1096 LYS A NZ  1 
ATOM   471  N N   . VAL A 1 70  ? -11.050 14.201  -4.949  1.00 57.53  ? 1097 VAL A N   1 
ATOM   472  C CA  . VAL A 1 70  ? -9.782  13.493  -4.960  1.00 54.81  ? 1097 VAL A CA  1 
ATOM   473  C C   . VAL A 1 70  ? -9.671  12.560  -6.173  1.00 50.54  ? 1097 VAL A C   1 
ATOM   474  O O   . VAL A 1 70  ? -10.640 11.922  -6.583  1.00 48.84  ? 1097 VAL A O   1 
ATOM   475  C CB  . VAL A 1 70  ? -9.678  12.732  -3.622  1.00 62.10  ? 1097 VAL A CB  1 
ATOM   476  C CG1 . VAL A 1 70  ? -9.292  11.275  -3.783  1.00 65.95  ? 1097 VAL A CG1 1 
ATOM   477  C CG2 . VAL A 1 70  ? -8.768  13.465  -2.654  1.00 61.18  ? 1097 VAL A CG2 1 
ATOM   478  N N   . PRO A 1 71  ? -8.457  12.401  -6.753  1.00 44.74  ? 1098 PRO A N   1 
ATOM   479  C CA  . PRO A 1 71  ? -8.272  11.562  -7.930  1.00 43.18  ? 1098 PRO A CA  1 
ATOM   480  C C   . PRO A 1 71  ? -8.447  10.065  -7.632  1.00 50.71  ? 1098 PRO A C   1 
ATOM   481  O O   . PRO A 1 71  ? -8.290  9.632   -6.503  1.00 45.61  ? 1098 PRO A O   1 
ATOM   482  C CB  . PRO A 1 71  ? -6.864  11.909  -8.398  1.00 42.58  ? 1098 PRO A CB  1 
ATOM   483  C CG  . PRO A 1 71  ? -6.148  12.417  -7.174  1.00 46.01  ? 1098 PRO A CG  1 
ATOM   484  C CD  . PRO A 1 71  ? -7.212  13.032  -6.287  1.00 43.98  ? 1098 PRO A CD  1 
ATOM   485  N N   . THR A 1 72  ? -8.864  9.312   -8.656  1.00 45.11  ? 1099 THR A N   1 
ATOM   486  C CA  . THR A 1 72  ? -8.865  7.861   -8.693  1.00 47.04  ? 1099 THR A CA  1 
ATOM   487  C C   . THR A 1 72  ? -7.513  7.400   -9.260  1.00 47.89  ? 1099 THR A C   1 
ATOM   488  O O   . THR A 1 72  ? -7.024  7.945   -10.252 1.00 41.95  ? 1099 THR A O   1 
ATOM   489  C CB  . THR A 1 72  ? -10.034 7.340   -9.543  1.00 45.36  ? 1099 THR A CB  1 
ATOM   490  O OG1 . THR A 1 72  ? -11.250 7.710   -8.899  1.00 46.45  ? 1099 THR A OG1 1 
ATOM   491  C CG2 . THR A 1 72  ? -10.014 5.839   -9.736  1.00 48.97  ? 1099 THR A CG2 1 
ATOM   492  N N   . ILE A 1 73  ? -6.873  6.441   -8.583  1.00 42.82  ? 1100 ILE A N   1 
ATOM   493  C CA  . ILE A 1 73  ? -5.604  5.905   -9.048  1.00 44.14  ? 1100 ILE A CA  1 
ATOM   494  C C   . ILE A 1 73  ? -5.778  4.410   -9.338  1.00 41.30  ? 1100 ILE A C   1 
ATOM   495  O O   . ILE A 1 73  ? -6.746  3.786   -8.900  1.00 39.77  ? 1100 ILE A O   1 
ATOM   496  C CB  . ILE A 1 73  ? -4.438  6.208   -8.078  1.00 46.12  ? 1100 ILE A CB  1 
ATOM   497  C CG1 . ILE A 1 73  ? -4.665  5.671   -6.656  1.00 47.53  ? 1100 ILE A CG1 1 
ATOM   498  C CG2 . ILE A 1 73  ? -4.129  7.698   -8.071  1.00 42.85  ? 1100 ILE A CG2 1 
ATOM   499  C CD1 . ILE A 1 73  ? -4.468  4.179   -6.487  1.00 50.79  ? 1100 ILE A CD1 1 
ATOM   500  N N   . ILE A 1 74  ? -4.873  3.882   -10.181 1.00 41.34  ? 1101 ILE A N   1 
ATOM   501  C CA  . ILE A 1 74  ? -4.708  2.456   -10.395 1.00 41.23  ? 1101 ILE A CA  1 
ATOM   502  C C   . ILE A 1 74  ? -3.447  2.023   -9.650  1.00 46.07  ? 1101 ILE A C   1 
ATOM   503  O O   . ILE A 1 74  ? -2.351  2.510   -9.944  1.00 43.00  ? 1101 ILE A O   1 
ATOM   504  C CB  . ILE A 1 74  ? -4.607  2.070   -11.876 1.00 44.05  ? 1101 ILE A CB  1 
ATOM   505  C CG1 . ILE A 1 74  ? -5.893  2.359   -12.643 1.00 46.39  ? 1101 ILE A CG1 1 
ATOM   506  C CG2 . ILE A 1 74  ? -4.215  0.613   -12.005 1.00 43.77  ? 1101 ILE A CG2 1 
ATOM   507  C CD1 . ILE A 1 74  ? -5.705  2.282   -14.124 1.00 46.29  ? 1101 ILE A CD1 1 
ATOM   508  N N   . LEU A 1 75  ? -3.635  1.097   -8.701  1.00 42.52  ? 1102 LEU A N   1 
ATOM   509  C CA  . LEU A 1 75  ? -2.556  0.564   -7.889  1.00 43.55  ? 1102 LEU A CA  1 
ATOM   510  C C   . LEU A 1 75  ? -2.152  -0.810  -8.433  1.00 42.40  ? 1102 LEU A C   1 
ATOM   511  O O   . LEU A 1 75  ? -3.002  -1.707  -8.470  1.00 39.29  ? 1102 LEU A O   1 
ATOM   512  C CB  . LEU A 1 75  ? -3.081  0.482   -6.457  1.00 45.67  ? 1102 LEU A CB  1 
ATOM   513  C CG  . LEU A 1 75  ? -2.051  0.208   -5.376  1.00 47.44  ? 1102 LEU A CG  1 
ATOM   514  C CD1 . LEU A 1 75  ? -1.181  1.430   -5.117  1.00 48.20  ? 1102 LEU A CD1 1 
ATOM   515  C CD2 . LEU A 1 75  ? -2.756  -0.233  -4.100  1.00 48.73  ? 1102 LEU A CD2 1 
ATOM   516  N N   . SER A 1 76  ? -0.879  -0.978  -8.859  1.00 35.33  ? 1103 SER A N   1 
ATOM   517  C CA  . SER A 1 76  ? -0.454  -2.224  -9.495  1.00 38.85  ? 1103 SER A CA  1 
ATOM   518  C C   . SER A 1 76  ? 0.547   -2.882  -8.568  1.00 36.82  ? 1103 SER A C   1 
ATOM   519  O O   . SER A 1 76  ? 1.541   -2.262  -8.218  1.00 39.53  ? 1103 SER A O   1 
ATOM   520  C CB  . SER A 1 76  ? 0.180   -2.061  -10.862 1.00 42.83  ? 1103 SER A CB  1 
ATOM   521  O OG  . SER A 1 76  ? -0.410  -1.014  -11.576 1.00 59.63  ? 1103 SER A OG  1 
ATOM   522  N N   . VAL A 1 77  ? 0.250   -4.112  -8.164  1.00 34.91  ? 1104 VAL A N   1 
ATOM   523  C CA  . VAL A 1 77  ? 1.022   -4.800  -7.136  1.00 32.98  ? 1104 VAL A CA  1 
ATOM   524  C C   . VAL A 1 77  ? 1.601   -6.066  -7.742  1.00 34.24  ? 1104 VAL A C   1 
ATOM   525  O O   . VAL A 1 77  ? 0.871   -6.856  -8.331  1.00 32.11  ? 1104 VAL A O   1 
ATOM   526  C CB  . VAL A 1 77  ? 0.187   -5.106  -5.880  1.00 35.42  ? 1104 VAL A CB  1 
ATOM   527  C CG1 . VAL A 1 77  ? 1.017   -5.690  -4.741  1.00 34.15  ? 1104 VAL A CG1 1 
ATOM   528  C CG2 . VAL A 1 77  ? -0.577  -3.882  -5.382  1.00 37.57  ? 1104 VAL A CG2 1 
ATOM   529  N N   . SER A 1 78  ? 2.941   -6.195  -7.679  1.00 34.75  ? 1105 SER A N   1 
ATOM   530  C CA  . SER A 1 78  ? 3.609   -7.447  -7.991  1.00 33.92  ? 1105 SER A CA  1 
ATOM   531  C C   . SER A 1 78  ? 4.760   -7.723  -7.016  1.00 35.13  ? 1105 SER A C   1 
ATOM   532  O O   . SER A 1 78  ? 5.045   -6.918  -6.116  1.00 35.36  ? 1105 SER A O   1 
ATOM   533  C CB  . SER A 1 78  ? 4.114   -7.434  -9.392  1.00 34.14  ? 1105 SER A CB  1 
ATOM   534  O OG  . SER A 1 78  ? 5.282   -6.631  -9.472  1.00 37.20  ? 1105 SER A OG  1 
ATOM   535  N N   . TYR A 1 79  ? 5.443   -8.860  -7.209  1.00 33.49  ? 1106 TYR A N   1 
ATOM   536  C CA  . TYR A 1 79  ? 6.615   -9.175  -6.371  1.00 38.94  ? 1106 TYR A CA  1 
ATOM   537  C C   . TYR A 1 79  ? 7.746   -8.145  -6.570  1.00 35.98  ? 1106 TYR A C   1 
ATOM   538  O O   . TYR A 1 79  ? 8.665   -8.060  -5.757  1.00 35.94  ? 1106 TYR A O   1 
ATOM   539  C CB  . TYR A 1 79  ? 7.168   -10.582 -6.637  1.00 38.29  ? 1106 TYR A CB  1 
ATOM   540  C CG  . TYR A 1 79  ? 8.005   -10.701 -7.887  1.00 40.23  ? 1106 TYR A CG  1 
ATOM   541  C CD1 . TYR A 1 79  ? 7.417   -10.758 -9.140  1.00 38.15  ? 1106 TYR A CD1 1 
ATOM   542  C CD2 . TYR A 1 79  ? 9.392   -10.706 -7.824  1.00 41.67  ? 1106 TYR A CD2 1 
ATOM   543  C CE1 . TYR A 1 79  ? 8.176   -10.827 -10.300 1.00 44.84  ? 1106 TYR A CE1 1 
ATOM   544  C CE2 . TYR A 1 79  ? 10.169  -10.812 -8.971  1.00 42.38  ? 1106 TYR A CE2 1 
ATOM   545  C CZ  . TYR A 1 79  ? 9.560   -10.857 -10.210 1.00 44.21  ? 1106 TYR A CZ  1 
ATOM   546  O OH  . TYR A 1 79  ? 10.291  -10.933 -11.354 1.00 47.11  ? 1106 TYR A OH  1 
ATOM   547  N N   . LYS A 1 80  ? 7.696   -7.367  -7.643  1.00 36.26  ? 1107 LYS A N   1 
ATOM   548  C CA  . LYS A 1 80  ? 8.730   -6.370  -7.929  1.00 42.15  ? 1107 LYS A CA  1 
ATOM   549  C C   . LYS A 1 80  ? 8.488   -5.072  -7.153  1.00 44.34  ? 1107 LYS A C   1 
ATOM   550  O O   . LYS A 1 80  ? 9.410   -4.294  -6.938  1.00 42.52  ? 1107 LYS A O   1 
ATOM   551  C CB  . LYS A 1 80  ? 8.820   -6.142  -9.442  1.00 42.37  ? 1107 LYS A CB  1 
ATOM   552  C CG  . LYS A 1 80  ? 9.341   -7.338  -10.231 1.00 51.88  ? 1107 LYS A CG  1 
ATOM   553  C CD  . LYS A 1 80  ? 9.494   -7.132  -11.746 1.00 59.61  ? 1107 LYS A CD  1 
ATOM   554  C CE  . LYS A 1 80  ? 10.837  -6.555  -12.165 1.00 76.83  ? 1107 LYS A CE  1 
ATOM   555  N NZ  . LYS A 1 80  ? 11.405  -7.196  -13.391 1.00 82.27  ? 1107 LYS A NZ  1 
ATOM   556  N N   . GLY A 1 81  ? 7.247   -4.817  -6.724  1.00 40.10  ? 1108 GLY A N   1 
ATOM   557  C CA  . GLY A 1 81  ? 6.924   -3.571  -6.044  1.00 40.58  ? 1108 GLY A CA  1 
ATOM   558  C C   . GLY A 1 81  ? 5.532   -3.056  -6.411  1.00 41.95  ? 1108 GLY A C   1 
ATOM   559  O O   . GLY A 1 81  ? 4.639   -3.827  -6.771  1.00 39.90  ? 1108 GLY A O   1 
ATOM   560  N N   . VAL A 1 82  ? 5.363   -1.732  -6.306  1.00 41.97  ? 1109 VAL A N   1 
ATOM   561  C CA  . VAL A 1 82  ? 4.061   -1.095  -6.378  1.00 40.33  ? 1109 VAL A CA  1 
ATOM   562  C C   . VAL A 1 82  ? 4.184   0.175   -7.211  1.00 50.78  ? 1109 VAL A C   1 
ATOM   563  O O   . VAL A 1 82  ? 5.132   0.958   -7.038  1.00 41.71  ? 1109 VAL A O   1 
ATOM   564  C CB  . VAL A 1 82  ? 3.515   -0.760  -4.989  1.00 39.68  ? 1109 VAL A CB  1 
ATOM   565  C CG1 . VAL A 1 82  ? 2.134   -0.120  -5.070  1.00 43.56  ? 1109 VAL A CG1 1 
ATOM   566  C CG2 . VAL A 1 82  ? 3.511   -1.979  -4.077  1.00 45.30  ? 1109 VAL A CG2 1 
ATOM   567  N N   . LYS A 1 83  ? 3.234   0.329   -8.137  1.00 47.60  ? 1110 LYS A N   1 
ATOM   568  C CA  . LYS A 1 83  ? 3.128   1.532   -8.952  1.00 44.60  ? 1110 LYS A CA  1 
ATOM   569  C C   . LYS A 1 83  ? 1.705   2.061   -8.830  1.00 44.26  ? 1110 LYS A C   1 
ATOM   570  O O   . LYS A 1 83  ? 0.754   1.273   -8.757  1.00 40.38  ? 1110 LYS A O   1 
ATOM   571  C CB  . LYS A 1 83  ? 3.482   1.205   -10.403 1.00 44.53  ? 1110 LYS A CB  1 
ATOM   572  C CG  . LYS A 1 83  ? 2.856   2.140   -11.413 1.00 55.23  ? 1110 LYS A CG  1 
ATOM   573  C CD  . LYS A 1 83  ? 3.555   2.180   -12.734 1.00 59.75  ? 1110 LYS A CD  1 
ATOM   574  C CE  . LYS A 1 83  ? 3.505   0.867   -13.468 1.00 63.46  ? 1110 LYS A CE  1 
ATOM   575  N NZ  . LYS A 1 83  ? 3.788   1.081   -14.905 1.00 70.66  ? 1110 LYS A NZ  1 
ATOM   576  N N   . PHE A 1 84  ? 1.547   3.389   -8.770  1.00 42.71  ? 1111 PHE A N   1 
ATOM   577  C CA  . PHE A 1 84  ? 0.200   3.911   -8.990  1.00 49.13  ? 1111 PHE A CA  1 
ATOM   578  C C   . PHE A 1 84  ? 0.265   5.075   -9.961  1.00 45.43  ? 1111 PHE A C   1 
ATOM   579  O O   . PHE A 1 84  ? 1.236   5.849   -9.967  1.00 45.22  ? 1111 PHE A O   1 
ATOM   580  C CB  . PHE A 1 84  ? -0.580  4.192   -7.703  1.00 45.77  ? 1111 PHE A CB  1 
ATOM   581  C CG  . PHE A 1 84  ? 0.012   5.193   -6.748  1.00 44.02  ? 1111 PHE A CG  1 
ATOM   582  C CD1 . PHE A 1 84  ? 0.943   4.801   -5.804  1.00 42.49  ? 1111 PHE A CD1 1 
ATOM   583  C CD2 . PHE A 1 84  ? -0.409  6.518   -6.762  1.00 48.66  ? 1111 PHE A CD2 1 
ATOM   584  C CE1 . PHE A 1 84  ? 1.470   5.716   -4.907  1.00 47.43  ? 1111 PHE A CE1 1 
ATOM   585  C CE2 . PHE A 1 84  ? 0.101   7.427   -5.853  1.00 49.49  ? 1111 PHE A CE2 1 
ATOM   586  C CZ  . PHE A 1 84  ? 1.055   7.025   -4.938  1.00 52.32  ? 1111 PHE A CZ  1 
ATOM   587  N N   . ILE A 1 85  ? -0.764  5.095   -10.814 1.00 49.16  ? 1112 ILE A N   1 
ATOM   588  C CA  . ILE A 1 85  ? -0.909  6.037   -11.909 1.00 48.27  ? 1112 ILE A CA  1 
ATOM   589  C C   . ILE A 1 85  ? -2.293  6.646   -11.780 1.00 49.12  ? 1112 ILE A C   1 
ATOM   590  O O   . ILE A 1 85  ? -3.161  6.041   -11.155 1.00 42.89  ? 1112 ILE A O   1 
ATOM   591  C CB  . ILE A 1 85  ? -0.740  5.330   -13.274 1.00 52.37  ? 1112 ILE A CB  1 
ATOM   592  C CG1 . ILE A 1 85  ? -1.939  4.457   -13.634 1.00 51.05  ? 1112 ILE A CG1 1 
ATOM   593  C CG2 . ILE A 1 85  ? 0.524   4.499   -13.325 1.00 53.44  ? 1112 ILE A CG2 1 
ATOM   594  C CD1 . ILE A 1 85  ? -1.901  3.960   -15.046 1.00 48.05  ? 1112 ILE A CD1 1 
ATOM   595  N N   . ASP A 1 86  ? -2.485  7.825   -12.389 1.00 49.16  ? 1113 ASP A N   1 
ATOM   596  C CA  . ASP A 1 86  ? -3.808  8.416   -12.488 1.00 47.41  ? 1113 ASP A CA  1 
ATOM   597  C C   . ASP A 1 86  ? -4.698  7.527   -13.362 1.00 42.04  ? 1113 ASP A C   1 
ATOM   598  O O   . ASP A 1 86  ? -4.366  7.234   -14.500 1.00 46.61  ? 1113 ASP A O   1 
ATOM   599  C CB  . ASP A 1 86  ? -3.734  9.850   -13.032 1.00 45.85  ? 1113 ASP A CB  1 
ATOM   600  C CG  . ASP A 1 86  ? -5.105  10.484  -13.038 1.00 44.77  ? 1113 ASP A CG  1 
ATOM   601  O OD1 . ASP A 1 86  ? -5.909  10.116  -13.924 1.00 50.07  ? 1113 ASP A OD1 1 
ATOM   602  O OD2 . ASP A 1 86  ? -5.410  11.193  -12.072 1.00 52.93  ? 1113 ASP A OD2 1 
ATOM   603  N N   . ALA A 1 87  ? -5.859  7.120   -12.838 1.00 43.08  ? 1114 ALA A N   1 
ATOM   604  C CA  . ALA A 1 87  ? -6.742  6.212   -13.553 1.00 44.08  ? 1114 ALA A CA  1 
ATOM   605  C C   . ALA A 1 87  ? -7.264  6.846   -14.853 1.00 49.08  ? 1114 ALA A C   1 
ATOM   606  O O   . ALA A 1 87  ? -7.505  6.146   -15.820 1.00 48.64  ? 1114 ALA A O   1 
ATOM   607  C CB  . ALA A 1 87  ? -7.887  5.826   -12.648 1.00 42.94  ? 1114 ALA A CB  1 
ATOM   608  N N   . ALA A 1 88  ? -7.460  8.171   -14.890 1.00 52.52  ? 1115 ALA A N   1 
ATOM   609  C CA  . ALA A 1 88  ? -8.023  8.812   -16.076 1.00 52.57  ? 1115 ALA A CA  1 
ATOM   610  C C   . ALA A 1 88  ? -6.908  9.212   -17.038 1.00 51.37  ? 1115 ALA A C   1 
ATOM   611  O O   . ALA A 1 88  ? -6.962  8.834   -18.194 1.00 46.24  ? 1115 ALA A O   1 
ATOM   612  C CB  . ALA A 1 88  ? -8.875  9.995   -15.689 1.00 52.67  ? 1115 ALA A CB  1 
ATOM   613  N N   . ASN A 1 89  ? -5.912  9.942   -16.518 1.00 48.92  ? 1116 ASN A N   1 
ATOM   614  C CA  . ASN A 1 89  ? -4.820  10.534  -17.282 1.00 60.51  ? 1116 ASN A CA  1 
ATOM   615  C C   . ASN A 1 89  ? -3.696  9.553   -17.602 1.00 62.40  ? 1116 ASN A C   1 
ATOM   616  O O   . ASN A 1 89  ? -2.912  9.846   -18.502 1.00 55.74  ? 1116 ASN A O   1 
ATOM   617  C CB  . ASN A 1 89  ? -4.059  11.585  -16.467 1.00 66.78  ? 1116 ASN A CB  1 
ATOM   618  C CG  . ASN A 1 89  ? -4.390  13.011  -16.805 1.00 76.17  ? 1116 ASN A CG  1 
ATOM   619  O OD1 . ASN A 1 89  ? -4.931  13.301  -17.871 1.00 86.41  ? 1116 ASN A OD1 1 
ATOM   620  N ND2 . ASN A 1 89  ? -4.020  13.907  -15.906 1.00 93.38  ? 1116 ASN A ND2 1 
ATOM   621  N N   . LYS A 1 90  ? -3.543  8.506   -16.760 1.00 54.46  ? 1117 LYS A N   1 
ATOM   622  C CA  . LYS A 1 90  ? -2.577  7.419   -16.920 1.00 48.73  ? 1117 LYS A CA  1 
ATOM   623  C C   . LYS A 1 90  ? -1.140  7.844   -16.624 1.00 50.55  ? 1117 LYS A C   1 
ATOM   624  O O   . LYS A 1 90  ? -0.214  7.077   -16.859 1.00 56.57  ? 1117 LYS A O   1 
ATOM   625  C CB  . LYS A 1 90  ? -2.666  6.792   -18.312 1.00 56.12  ? 1117 LYS A CB  1 
ATOM   626  C CG  . LYS A 1 90  ? -3.588  5.588   -18.451 1.00 60.98  ? 1117 LYS A CG  1 
ATOM   627  C CD  . LYS A 1 90  ? -4.738  5.554   -17.467 1.00 68.59  ? 1117 LYS A CD  1 
ATOM   628  C CE  . LYS A 1 90  ? -5.703  4.421   -17.733 1.00 73.17  ? 1117 LYS A CE  1 
ATOM   629  N NZ  . LYS A 1 90  ? -6.393  4.622   -19.025 1.00 75.61  ? 1117 LYS A NZ  1 
ATOM   630  N N   . ASN A 1 91  ? -0.925  9.017   -16.034 1.00 51.45  ? 1118 ASN A N   1 
ATOM   631  C CA  . ASN A 1 91  ? 0.436   9.433   -15.733 1.00 58.35  ? 1118 ASN A CA  1 
ATOM   632  C C   . ASN A 1 91  ? 0.870   8.751   -14.426 1.00 64.48  ? 1118 ASN A C   1 
ATOM   633  O O   . ASN A 1 91  ? 0.043   8.573   -13.522 1.00 54.83  ? 1118 ASN A O   1 
ATOM   634  C CB  . ASN A 1 91  ? 0.569   10.961  -15.723 1.00 63.23  ? 1118 ASN A CB  1 
ATOM   635  C CG  . ASN A 1 91  ? -0.593  11.655  -15.039 1.00 77.64  ? 1118 ASN A CG  1 
ATOM   636  O OD1 . ASN A 1 91  ? -0.975  11.305  -13.924 1.00 86.48  ? 1118 ASN A OD1 1 
ATOM   637  N ND2 . ASN A 1 91  ? -1.177  12.635  -15.715 1.00 92.43  ? 1118 ASN A ND2 1 
ATOM   638  N N   . ILE A 1 92  ? 2.182   8.450   -14.326 1.00 60.51  ? 1119 ILE A N   1 
ATOM   639  C CA  . ILE A 1 92  ? 2.784   7.724   -13.211 1.00 59.05  ? 1119 ILE A CA  1 
ATOM   640  C C   . ILE A 1 92  ? 2.933   8.677   -12.038 1.00 59.46  ? 1119 ILE A C   1 
ATOM   641  O O   . ILE A 1 92  ? 3.514   9.739   -12.185 1.00 68.11  ? 1119 ILE A O   1 
ATOM   642  C CB  . ILE A 1 92  ? 4.154   7.123   -13.586 1.00 57.17  ? 1119 ILE A CB  1 
ATOM   643  C CG1 . ILE A 1 92  ? 4.128   6.398   -14.939 1.00 62.68  ? 1119 ILE A CG1 1 
ATOM   644  C CG2 . ILE A 1 92  ? 4.676   6.218   -12.478 1.00 59.31  ? 1119 ILE A CG2 1 
ATOM   645  C CD1 . ILE A 1 92  ? 3.679   4.956   -14.887 1.00 66.28  ? 1119 ILE A CD1 1 
ATOM   646  N N   . ILE A 1 93  ? 2.383   8.311   -10.881 1.00 57.62  ? 1120 ILE A N   1 
ATOM   647  C CA  . ILE A 1 93  ? 2.516   9.139   -9.693  1.00 54.71  ? 1120 ILE A CA  1 
ATOM   648  C C   . ILE A 1 93  ? 3.703   8.657   -8.862  1.00 58.24  ? 1120 ILE A C   1 
ATOM   649  O O   . ILE A 1 93  ? 4.345   9.481   -8.223  1.00 58.46  ? 1120 ILE A O   1 
ATOM   650  C CB  . ILE A 1 93  ? 1.201   9.167   -8.887  1.00 54.53  ? 1120 ILE A CB  1 
ATOM   651  C CG1 . ILE A 1 93  ? -0.002  9.482   -9.787  1.00 58.78  ? 1120 ILE A CG1 1 
ATOM   652  C CG2 . ILE A 1 93  ? 1.284   10.135  -7.704  1.00 52.75  ? 1120 ILE A CG2 1 
ATOM   653  C CD1 . ILE A 1 93  ? -1.339  9.584   -9.059  1.00 56.66  ? 1120 ILE A CD1 1 
ATOM   654  N N   . ALA A 1 94  ? 3.972   7.337   -8.857  1.00 55.56  ? 1121 ALA A N   1 
ATOM   655  C CA  . ALA A 1 94  ? 5.039   6.754   -8.047  1.00 53.88  ? 1121 ALA A CA  1 
ATOM   656  C C   . ALA A 1 94  ? 5.258   5.289   -8.437  1.00 58.56  ? 1121 ALA A C   1 
ATOM   657  O O   . ALA A 1 94  ? 4.300   4.557   -8.687  1.00 52.95  ? 1121 ALA A O   1 
ATOM   658  C CB  . ALA A 1 94  ? 4.690   6.873   -6.584  1.00 51.05  ? 1121 ALA A CB  1 
ATOM   659  N N   . GLU A 1 95  ? 6.525   4.875   -8.521  1.00 60.99  ? 1122 GLU A N   1 
ATOM   660  C CA  . GLU A 1 95  ? 6.887   3.480   -8.682  1.00 61.47  ? 1122 GLU A CA  1 
ATOM   661  C C   . GLU A 1 95  ? 7.875   3.115   -7.596  1.00 58.22  ? 1122 GLU A C   1 
ATOM   662  O O   . GLU A 1 95  ? 8.930   3.721   -7.555  1.00 56.50  ? 1122 GLU A O   1 
ATOM   663  C CB  . GLU A 1 95  ? 7.606   3.223   -10.002 1.00 65.53  ? 1122 GLU A CB  1 
ATOM   664  C CG  . GLU A 1 95  ? 6.801   3.648   -11.193 1.00 72.40  ? 1122 GLU A CG  1 
ATOM   665  C CD  . GLU A 1 95  ? 7.397   3.150   -12.491 1.00 72.40  ? 1122 GLU A CD  1 
ATOM   666  O OE1 . GLU A 1 95  ? 7.817   3.993   -13.288 1.00 76.49  ? 1122 GLU A OE1 1 
ATOM   667  O OE2 . GLU A 1 95  ? 7.423   1.922   -12.693 1.00 79.81  ? 1122 GLU A OE2 1 
ATOM   668  N N   . HIS A 1 96  ? 7.529   2.134   -6.752  1.00 47.07  ? 1123 HIS A N   1 
ATOM   669  C CA  . HIS A 1 96  ? 8.322   1.803   -5.587  1.00 45.50  ? 1123 HIS A CA  1 
ATOM   670  C C   . HIS A 1 96  ? 8.745   0.342   -5.682  1.00 49.81  ? 1123 HIS A C   1 
ATOM   671  O O   . HIS A 1 96  ? 7.902   -0.554  -5.793  1.00 44.79  ? 1123 HIS A O   1 
ATOM   672  C CB  . HIS A 1 96  ? 7.522   2.075   -4.319  1.00 50.35  ? 1123 HIS A CB  1 
ATOM   673  C CG  . HIS A 1 96  ? 7.009   3.469   -4.169  1.00 59.55  ? 1123 HIS A CG  1 
ATOM   674  N ND1 . HIS A 1 96  ? 5.663   3.727   -3.955  1.00 62.29  ? 1123 HIS A ND1 1 
ATOM   675  C CD2 . HIS A 1 96  ? 7.641   4.670   -4.164  1.00 56.05  ? 1123 HIS A CD2 1 
ATOM   676  C CE1 . HIS A 1 96  ? 5.496   5.041   -3.818  1.00 63.43  ? 1123 HIS A CE1 1 
ATOM   677  N NE2 . HIS A 1 96  ? 6.680   5.631   -3.952  1.00 60.06  ? 1123 HIS A NE2 1 
ATOM   678  N N   . GLU A 1 97  ? 10.065  0.123   -5.692  1.00 49.07  ? 1124 GLU A N   1 
ATOM   679  C CA  . GLU A 1 97  ? 10.616  -1.218  -5.608  1.00 46.66  ? 1124 GLU A CA  1 
ATOM   680  C C   . GLU A 1 97  ? 10.253  -1.785  -4.253  1.00 40.98  ? 1124 GLU A C   1 
ATOM   681  O O   . GLU A 1 97  ? 10.295  -1.074  -3.242  1.00 44.83  ? 1124 GLU A O   1 
ATOM   682  C CB  . GLU A 1 97  ? 12.137  -1.211  -5.759  1.00 55.70  ? 1124 GLU A CB  1 
ATOM   683  C CG  . GLU A 1 97  ? 12.609  -0.999  -7.182  1.00 59.84  ? 1124 GLU A CG  1 
ATOM   684  C CD  . GLU A 1 97  ? 14.091  -1.285  -7.390  1.00 78.05  ? 1124 GLU A CD  1 
ATOM   685  O OE1 . GLU A 1 97  ? 14.747  -1.839  -6.459  1.00 84.99  ? 1124 GLU A OE1 1 
ATOM   686  O OE2 . GLU A 1 97  ? 14.595  -0.952  -8.480  1.00 79.26  ? 1124 GLU A OE2 1 
ATOM   687  N N   . ILE A 1 98  ? 9.949   -3.087  -4.222  1.00 38.84  ? 1125 ILE A N   1 
ATOM   688  C CA  . ILE A 1 98  ? 9.384   -3.692  -3.020  1.00 41.11  ? 1125 ILE A CA  1 
ATOM   689  C C   . ILE A 1 98  ? 10.349  -3.615  -1.826  1.00 45.08  ? 1125 ILE A C   1 
ATOM   690  O O   . ILE A 1 98  ? 9.894   -3.577  -0.680  1.00 39.69  ? 1125 ILE A O   1 
ATOM   691  C CB  . ILE A 1 98  ? 8.928   -5.139  -3.303  1.00 39.67  ? 1125 ILE A CB  1 
ATOM   692  C CG1 . ILE A 1 98  ? 7.863   -5.577  -2.300  1.00 44.25  ? 1125 ILE A CG1 1 
ATOM   693  C CG2 . ILE A 1 98  ? 10.122  -6.090  -3.359  1.00 44.45  ? 1125 ILE A CG2 1 
ATOM   694  C CD1 . ILE A 1 98  ? 6.726   -6.332  -2.895  1.00 43.13  ? 1125 ILE A CD1 1 
ATOM   695  N N   . ARG A 1 99  ? 11.672  -3.626  -2.085  1.00 44.53  ? 1126 ARG A N   1 
ATOM   696  C CA  . ARG A 1 99  ? 12.667  -3.550  -1.020  1.00 49.45  ? 1126 ARG A CA  1 
ATOM   697  C C   . ARG A 1 99  ? 12.520  -2.228  -0.255  1.00 51.78  ? 1126 ARG A C   1 
ATOM   698  O O   . ARG A 1 99  ? 12.844  -2.167  0.931   1.00 51.47  ? 1126 ARG A O   1 
ATOM   699  C CB  . ARG A 1 99  ? 14.087  -3.698  -1.599  1.00 46.18  ? 1126 ARG A CB  1 
ATOM   700  C CG  . ARG A 1 99  ? 14.487  -5.148  -1.825  1.00 52.72  ? 1126 ARG A CG  1 
ATOM   701  C CD  . ARG A 1 99  ? 15.789  -5.323  -2.575  1.00 56.01  ? 1126 ARG A CD  1 
ATOM   702  N NE  . ARG A 1 99  ? 16.318  -6.681  -2.474  1.00 59.52  ? 1126 ARG A NE  1 
ATOM   703  C CZ  . ARG A 1 99  ? 16.762  -7.287  -1.363  1.00 68.94  ? 1126 ARG A CZ  1 
ATOM   704  N NH1 . ARG A 1 99  ? 16.741  -6.676  -0.186  1.00 78.31  ? 1126 ARG A NH1 1 
ATOM   705  N NH2 . ARG A 1 99  ? 17.224  -8.530  -1.433  1.00 68.82  ? 1126 ARG A NH2 1 
ATOM   706  N N   . ASN A 1 100 ? 12.048  -1.173  -0.950  1.00 51.41  ? 1127 ASN A N   1 
ATOM   707  C CA  . ASN A 1 100 ? 11.894  0.156   -0.372  1.00 50.47  ? 1127 ASN A CA  1 
ATOM   708  C C   . ASN A 1 100 ? 10.533  0.356   0.293   1.00 51.53  ? 1127 ASN A C   1 
ATOM   709  O O   . ASN A 1 100 ? 10.216  1.483   0.678   1.00 49.65  ? 1127 ASN A O   1 
ATOM   710  C CB  . ASN A 1 100 ? 12.130  1.245   -1.419  1.00 49.35  ? 1127 ASN A CB  1 
ATOM   711  C CG  . ASN A 1 100 ? 13.548  1.187   -1.943  1.00 57.46  ? 1127 ASN A CG  1 
ATOM   712  O OD1 . ASN A 1 100 ? 14.470  0.877   -1.188  1.00 54.21  ? 1127 ASN A OD1 1 
ATOM   713  N ND2 . ASN A 1 100 ? 13.729  1.400   -3.233  1.00 51.31  ? 1127 ASN A ND2 1 
ATOM   714  N N   . ILE A 1 101 ? 9.743   -0.722  0.442   1.00 45.46  ? 1128 ILE A N   1 
ATOM   715  C CA  . ILE A 1 101 ? 8.444   -0.633  1.086   1.00 40.10  ? 1128 ILE A CA  1 
ATOM   716  C C   . ILE A 1 101 ? 8.527   -1.324  2.430   1.00 45.26  ? 1128 ILE A C   1 
ATOM   717  O O   . ILE A 1 101 ? 8.846   -2.518  2.500   1.00 43.49  ? 1128 ILE A O   1 
ATOM   718  C CB  . ILE A 1 101 ? 7.306   -1.219  0.224   1.00 41.82  ? 1128 ILE A CB  1 
ATOM   719  C CG1 . ILE A 1 101 ? 7.281   -0.558  -1.158  1.00 46.31  ? 1128 ILE A CG1 1 
ATOM   720  C CG2 . ILE A 1 101 ? 5.988   -1.088  0.976   1.00 41.58  ? 1128 ILE A CG2 1 
ATOM   721  C CD1 . ILE A 1 101 ? 6.419   -1.255  -2.178  1.00 49.77  ? 1128 ILE A CD1 1 
ATOM   722  N N   . SER A 1 102 ? 8.212   -0.566  3.492   1.00 44.90  ? 1129 SER A N   1 
ATOM   723  C CA  . SER A 1 102 ? 8.407   -1.081  4.839   1.00 45.87  ? 1129 SER A CA  1 
ATOM   724  C C   . SER A 1 102 ? 7.162   -1.799  5.305   1.00 43.25  ? 1129 SER A C   1 
ATOM   725  O O   . SER A 1 102 ? 7.278   -2.792  6.028   1.00 43.83  ? 1129 SER A O   1 
ATOM   726  C CB  . SER A 1 102 ? 8.782   -0.010  5.856   1.00 48.05  ? 1129 SER A CB  1 
ATOM   727  O OG  . SER A 1 102 ? 7.908   1.089   5.734   1.00 49.83  ? 1129 SER A OG  1 
ATOM   728  N N   . CYS A 1 103 ? 5.987   -1.262  4.951   1.00 41.11  ? 1130 CYS A N   1 
ATOM   729  C CA  . CYS A 1 103 ? 4.766   -1.755  5.558   1.00 38.88  ? 1130 CYS A CA  1 
ATOM   730  C C   . CYS A 1 103 ? 3.534   -1.195  4.844   1.00 38.63  ? 1130 CYS A C   1 
ATOM   731  O O   . CYS A 1 103 ? 3.602   -0.222  4.110   1.00 44.11  ? 1130 CYS A O   1 
ATOM   732  C CB  . CYS A 1 103 ? 4.720   -1.390  7.046   1.00 50.83  ? 1130 CYS A CB  1 
ATOM   733  S SG  . CYS A 1 103 ? 4.466   0.387   7.375   1.00 53.83  ? 1130 CYS A SG  1 
ATOM   734  N N   . ALA A 1 104 ? 2.393   -1.832  5.112   1.00 42.33  ? 1131 ALA A N   1 
ATOM   735  C CA  . ALA A 1 104 ? 1.091   -1.418  4.623   1.00 42.04  ? 1131 ALA A CA  1 
ATOM   736  C C   . ALA A 1 104 ? 0.133   -1.660  5.766   1.00 38.15  ? 1131 ALA A C   1 
ATOM   737  O O   . ALA A 1 104 ? 0.282   -2.650  6.461   1.00 47.97  ? 1131 ALA A O   1 
ATOM   738  C CB  . ALA A 1 104 ? 0.678   -2.199  3.389   1.00 40.67  ? 1131 ALA A CB  1 
ATOM   739  N N   . ALA A 1 105 ? -0.852  -0.779  5.942   1.00 40.54  ? 1132 ALA A N   1 
ATOM   740  C CA  . ALA A 1 105 ? -1.764  -0.866  7.072   1.00 41.74  ? 1132 ALA A CA  1 
ATOM   741  C C   . ALA A 1 105 ? -3.069  -0.154  6.744   1.00 42.10  ? 1132 ALA A C   1 
ATOM   742  O O   . ALA A 1 105 ? -3.084  0.736   5.914   1.00 45.56  ? 1132 ALA A O   1 
ATOM   743  C CB  . ALA A 1 105 ? -1.130  -0.244  8.300   1.00 41.47  ? 1132 ALA A CB  1 
ATOM   744  N N   . GLN A 1 106 ? -4.110  -0.541  7.469   1.00 42.83  ? 1133 GLN A N   1 
ATOM   745  C CA  . GLN A 1 106 ? -5.430  0.053   7.466   1.00 45.34  ? 1133 GLN A CA  1 
ATOM   746  C C   . GLN A 1 106 ? -5.494  1.172   8.513   1.00 50.81  ? 1133 GLN A C   1 
ATOM   747  O O   . GLN A 1 106 ? -4.857  1.077   9.560   1.00 46.49  ? 1133 GLN A O   1 
ATOM   748  C CB  . GLN A 1 106 ? -6.406  -1.057  7.829   1.00 45.74  ? 1133 GLN A CB  1 
ATOM   749  C CG  . GLN A 1 106 ? -7.781  -0.965  7.212   1.00 55.63  ? 1133 GLN A CG  1 
ATOM   750  C CD  . GLN A 1 106 ? -8.605  -2.195  7.514   1.00 56.34  ? 1133 GLN A CD  1 
ATOM   751  O OE1 . GLN A 1 106 ? -8.294  -2.980  8.407   1.00 58.76  ? 1133 GLN A OE1 1 
ATOM   752  N NE2 . GLN A 1 106 ? -9.686  -2.366  6.777   1.00 47.42  ? 1133 GLN A NE2 1 
ATOM   753  N N   . ASP A 1 107 ? -6.298  2.211   8.234   1.00 50.64  ? 1134 ASP A N   1 
ATOM   754  C CA  . ASP A 1 107 ? -6.605  3.270   9.188   1.00 51.22  ? 1134 ASP A CA  1 
ATOM   755  C C   . ASP A 1 107 ? -7.587  2.738   10.227  1.00 46.12  ? 1134 ASP A C   1 
ATOM   756  O O   . ASP A 1 107 ? -8.679  2.288   9.889   1.00 44.71  ? 1134 ASP A O   1 
ATOM   757  C CB  . ASP A 1 107 ? -7.123  4.524   8.475   1.00 53.47  ? 1134 ASP A CB  1 
ATOM   758  C CG  . ASP A 1 107 ? -7.476  5.672   9.408   1.00 60.23  ? 1134 ASP A CG  1 
ATOM   759  O OD1 . ASP A 1 107 ? -6.838  5.804   10.470  1.00 59.73  ? 1134 ASP A OD1 1 
ATOM   760  O OD2 . ASP A 1 107 ? -8.416  6.387   9.072   1.00 63.72  ? 1134 ASP A OD2 1 
ATOM   761  N N   . PRO A 1 108 ? -7.184  2.689   11.521  1.00 49.78  ? 1135 PRO A N   1 
ATOM   762  C CA  . PRO A 1 108 ? -8.086  2.277   12.599  1.00 53.83  ? 1135 PRO A CA  1 
ATOM   763  C C   . PRO A 1 108 ? -9.357  3.122   12.703  1.00 55.55  ? 1135 PRO A C   1 
ATOM   764  O O   . PRO A 1 108 ? -10.408 2.576   13.013  1.00 64.00  ? 1135 PRO A O   1 
ATOM   765  C CB  . PRO A 1 108 ? -7.263  2.448   13.887  1.00 56.17  ? 1135 PRO A CB  1 
ATOM   766  C CG  . PRO A 1 108 ? -5.807  2.538   13.425  1.00 57.05  ? 1135 PRO A CG  1 
ATOM   767  C CD  . PRO A 1 108 ? -5.837  3.042   11.999  1.00 49.42  ? 1135 PRO A CD  1 
ATOM   768  N N   . GLU A 1 109 ? -9.261  4.418   12.342  1.00 67.38  ? 1136 GLU A N   1 
ATOM   769  C CA  . GLU A 1 109 ? -10.368 5.367   12.407  1.00 65.43  ? 1136 GLU A CA  1 
ATOM   770  C C   . GLU A 1 109 ? -11.322 5.221   11.219  1.00 66.04  ? 1136 GLU A C   1 
ATOM   771  O O   . GLU A 1 109 ? -12.530 5.333   11.405  1.00 70.18  ? 1136 GLU A O   1 
ATOM   772  C CB  . GLU A 1 109 ? -9.833  6.802   12.497  1.00 72.23  ? 1136 GLU A CB  1 
ATOM   773  C CG  . GLU A 1 109 ? -8.959  7.057   13.727  1.00 80.97  ? 1136 GLU A CG  1 
ATOM   774  C CD  . GLU A 1 109 ? -9.466  6.465   15.038  1.00 83.19  ? 1136 GLU A CD  1 
ATOM   775  O OE1 . GLU A 1 109 ? -8.710  5.690   15.666  1.00 83.22  ? 1136 GLU A OE1 1 
ATOM   776  O OE2 . GLU A 1 109 ? -10.625 6.753   15.420  1.00 84.56  ? 1136 GLU A OE2 1 
ATOM   777  N N   . ASP A 1 110 ? -10.809 5.007   9.998   1.00 60.99  ? 1137 ASP A N   1 
ATOM   778  C CA  . ASP A 1 110 ? -11.674 4.711   8.854   1.00 55.58  ? 1137 ASP A CA  1 
ATOM   779  C C   . ASP A 1 110 ? -11.109 3.485   8.138   1.00 55.82  ? 1137 ASP A C   1 
ATOM   780  O O   . ASP A 1 110 ? -10.109 3.608   7.447   1.00 47.95  ? 1137 ASP A O   1 
ATOM   781  C CB  . ASP A 1 110 ? -11.773 5.917   7.906   1.00 49.41  ? 1137 ASP A CB  1 
ATOM   782  C CG  . ASP A 1 110 ? -12.427 5.655   6.558   1.00 49.23  ? 1137 ASP A CG  1 
ATOM   783  O OD1 . ASP A 1 110 ? -13.308 4.776   6.457   1.00 57.48  ? 1137 ASP A OD1 1 
ATOM   784  O OD2 . ASP A 1 110 ? -11.981 6.286   5.582   1.00 50.04  ? 1137 ASP A OD2 1 
ATOM   785  N N   . LEU A 1 111 ? -11.773 2.332   8.281   1.00 53.98  ? 1138 LEU A N   1 
ATOM   786  C CA  . LEU A 1 111 ? -11.255 1.045   7.828   1.00 55.66  ? 1138 LEU A CA  1 
ATOM   787  C C   . LEU A 1 111 ? -11.240 0.942   6.295   1.00 56.56  ? 1138 LEU A C   1 
ATOM   788  O O   . LEU A 1 111 ? -10.606 0.041   5.746   1.00 53.94  ? 1138 LEU A O   1 
ATOM   789  C CB  . LEU A 1 111 ? -12.107 -0.062  8.458   1.00 55.81  ? 1138 LEU A CB  1 
ATOM   790  C CG  . LEU A 1 111 ? -12.029 -0.147  9.987   1.00 58.09  ? 1138 LEU A CG  1 
ATOM   791  C CD1 . LEU A 1 111 ? -12.851 -1.308  10.504  1.00 58.45  ? 1138 LEU A CD1 1 
ATOM   792  C CD2 . LEU A 1 111 ? -10.580 -0.280  10.451  1.00 61.24  ? 1138 LEU A CD2 1 
ATOM   793  N N   . SER A 1 112 ? -11.917 1.878   5.613   1.00 48.36  ? 1139 SER A N   1 
ATOM   794  C CA  . SER A 1 112 ? -11.862 1.997   4.165   1.00 49.29  ? 1139 SER A CA  1 
ATOM   795  C C   . SER A 1 112 ? -10.550 2.615   3.721   1.00 44.56  ? 1139 SER A C   1 
ATOM   796  O O   . SER A 1 112 ? -10.189 2.463   2.564   1.00 40.67  ? 1139 SER A O   1 
ATOM   797  C CB  . SER A 1 112 ? -13.019 2.807   3.613   1.00 49.54  ? 1139 SER A CB  1 
ATOM   798  O OG  . SER A 1 112 ? -14.062 1.927   3.264   1.00 54.30  ? 1139 SER A OG  1 
ATOM   799  N N   . THR A 1 113 ? -9.903  3.370   4.624   1.00 42.16  ? 1140 THR A N   1 
ATOM   800  C CA  . THR A 1 113 ? -8.659  4.042   4.306   1.00 43.73  ? 1140 THR A CA  1 
ATOM   801  C C   . THR A 1 113 ? -7.469  3.131   4.676   1.00 44.06  ? 1140 THR A C   1 
ATOM   802  O O   . THR A 1 113 ? -7.512  2.393   5.671   1.00 41.28  ? 1140 THR A O   1 
ATOM   803  C CB  . THR A 1 113 ? -8.686  5.441   4.942   1.00 46.97  ? 1140 THR A CB  1 
ATOM   804  O OG1 . THR A 1 113 ? -9.686  6.201   4.263   1.00 49.09  ? 1140 THR A OG1 1 
ATOM   805  C CG2 . THR A 1 113 ? -7.359  6.167   4.865   1.00 46.17  ? 1140 THR A CG2 1 
ATOM   806  N N   . PHE A 1 114 ? -6.418  3.201   3.843   1.00 37.84  ? 1141 PHE A N   1 
ATOM   807  C CA  . PHE A 1 114 ? -5.241  2.346   3.955   1.00 41.38  ? 1141 PHE A CA  1 
ATOM   808  C C   . PHE A 1 114 ? -4.032  3.116   3.451   1.00 40.67  ? 1141 PHE A C   1 
ATOM   809  O O   . PHE A 1 114 ? -4.171  4.082   2.699   1.00 41.49  ? 1141 PHE A O   1 
ATOM   810  C CB  . PHE A 1 114 ? -5.403  1.001   3.228   1.00 38.54  ? 1141 PHE A CB  1 
ATOM   811  C CG  . PHE A 1 114 ? -5.516  1.058   1.722   1.00 42.34  ? 1141 PHE A CG  1 
ATOM   812  C CD1 . PHE A 1 114 ? -6.752  1.204   1.109   1.00 40.98  ? 1141 PHE A CD1 1 
ATOM   813  C CD2 . PHE A 1 114 ? -4.383  1.009   0.912   1.00 35.51  ? 1141 PHE A CD2 1 
ATOM   814  C CE1 . PHE A 1 114 ? -6.868  1.245   -0.276  1.00 41.33  ? 1141 PHE A CE1 1 
ATOM   815  C CE2 . PHE A 1 114 ? -4.497  1.089   -0.471  1.00 41.38  ? 1141 PHE A CE2 1 
ATOM   816  C CZ  . PHE A 1 114 ? -5.745  1.198   -1.069  1.00 38.18  ? 1141 PHE A CZ  1 
ATOM   817  N N   . ALA A 1 115 ? -2.835  2.674   3.864   1.00 40.23  ? 1142 ALA A N   1 
ATOM   818  C CA  . ALA A 1 115 ? -1.604  3.315   3.437   1.00 39.37  ? 1142 ALA A CA  1 
ATOM   819  C C   . ALA A 1 115 ? -0.443  2.326   3.356   1.00 41.79  ? 1142 ALA A C   1 
ATOM   820  O O   . ALA A 1 115 ? -0.490  1.212   3.893   1.00 40.78  ? 1142 ALA A O   1 
ATOM   821  C CB  . ALA A 1 115 ? -1.262  4.446   4.391   1.00 42.74  ? 1142 ALA A CB  1 
ATOM   822  N N   . TYR A 1 116 ? 0.604   2.753   2.659   1.00 38.36  ? 1143 TYR A N   1 
ATOM   823  C CA  . TYR A 1 116 ? 1.872   2.060   2.731   1.00 42.79  ? 1143 TYR A CA  1 
ATOM   824  C C   . TYR A 1 116 ? 2.990   3.085   2.779   1.00 41.65  ? 1143 TYR A C   1 
ATOM   825  O O   . TYR A 1 116 ? 2.822   4.209   2.314   1.00 44.03  ? 1143 TYR A O   1 
ATOM   826  C CB  . TYR A 1 116 ? 2.052   1.058   1.580   1.00 36.25  ? 1143 TYR A CB  1 
ATOM   827  C CG  . TYR A 1 116 ? 2.227   1.591   0.170   1.00 33.43  ? 1143 TYR A CG  1 
ATOM   828  C CD1 . TYR A 1 116 ? 1.138   1.873   -0.645  1.00 39.00  ? 1143 TYR A CD1 1 
ATOM   829  C CD2 . TYR A 1 116 ? 3.494   1.743   -0.373  1.00 39.41  ? 1143 TYR A CD2 1 
ATOM   830  C CE1 . TYR A 1 116 ? 1.304   2.315   -1.953  1.00 39.44  ? 1143 TYR A CE1 1 
ATOM   831  C CE2 . TYR A 1 116 ? 3.673   2.156   -1.685  1.00 38.86  ? 1143 TYR A CE2 1 
ATOM   832  C CZ  . TYR A 1 116 ? 2.579   2.449   -2.473  1.00 38.41  ? 1143 TYR A CZ  1 
ATOM   833  O OH  . TYR A 1 116 ? 2.767   2.914   -3.757  1.00 40.39  ? 1143 TYR A OH  1 
ATOM   834  N N   . ILE A 1 117 ? 4.140   2.649   3.299   1.00 43.31  ? 1144 ILE A N   1 
ATOM   835  C CA  . ILE A 1 117 ? 5.247   3.540   3.603   1.00 44.03  ? 1144 ILE A CA  1 
ATOM   836  C C   . ILE A 1 117 ? 6.441   3.098   2.782   1.00 46.61  ? 1144 ILE A C   1 
ATOM   837  O O   . ILE A 1 117 ? 6.729   1.901   2.760   1.00 42.90  ? 1144 ILE A O   1 
ATOM   838  C CB  . ILE A 1 117 ? 5.548   3.533   5.120   1.00 47.22  ? 1144 ILE A CB  1 
ATOM   839  C CG1 . ILE A 1 117 ? 4.477   4.317   5.882   1.00 50.86  ? 1144 ILE A CG1 1 
ATOM   840  C CG2 . ILE A 1 117 ? 6.949   4.065   5.408   1.00 51.50  ? 1144 ILE A CG2 1 
ATOM   841  C CD1 . ILE A 1 117 ? 4.403   4.027   7.348   1.00 50.44  ? 1144 ILE A CD1 1 
ATOM   842  N N   . THR A 1 118 ? 7.124   4.076   2.161   1.00 46.32  ? 1145 THR A N   1 
ATOM   843  C CA  . THR A 1 118 ? 8.317   3.856   1.356   1.00 55.19  ? 1145 THR A CA  1 
ATOM   844  C C   . THR A 1 118 ? 9.516   4.627   1.921   1.00 64.96  ? 1145 THR A C   1 
ATOM   845  O O   . THR A 1 118 ? 9.344   5.621   2.630   1.00 57.60  ? 1145 THR A O   1 
ATOM   846  C CB  . THR A 1 118 ? 8.074   4.247   -0.106  1.00 56.83  ? 1145 THR A CB  1 
ATOM   847  O OG1 . THR A 1 118 ? 7.789   5.648   -0.147  1.00 54.47  ? 1145 THR A OG1 1 
ATOM   848  C CG2 . THR A 1 118 ? 6.943   3.458   -0.729  1.00 59.36  ? 1145 THR A CG2 1 
ATOM   849  N N   . LYS A 1 119 ? 10.725  4.158   1.576   1.00 70.00  ? 1146 LYS A N   1 
ATOM   850  C CA  . LYS A 1 119 ? 11.978  4.790   1.951   1.00 75.75  ? 1146 LYS A CA  1 
ATOM   851  C C   . LYS A 1 119 ? 12.577  5.530   0.761   1.00 82.31  ? 1146 LYS A C   1 
ATOM   852  O O   . LYS A 1 119 ? 13.076  4.896   -0.162  1.00 87.55  ? 1146 LYS A O   1 
ATOM   853  C CB  . LYS A 1 119 ? 12.984  3.730   2.395   1.00 90.86  ? 1146 LYS A CB  1 
ATOM   854  C CG  . LYS A 1 119 ? 14.345  4.275   2.808   1.00 102.99 ? 1146 LYS A CG  1 
ATOM   855  C CD  . LYS A 1 119 ? 14.269  5.208   3.985   1.00 105.37 ? 1146 LYS A CD  1 
ATOM   856  C CE  . LYS A 1 119 ? 15.641  5.559   4.511   1.00 110.00 ? 1146 LYS A CE  1 
ATOM   857  N NZ  . LYS A 1 119 ? 15.540  6.515   5.634   1.00 116.01 ? 1146 LYS A NZ  1 
ATOM   858  N N   . ASP A 1 120 ? 12.596  6.868   0.833   1.00 97.21  ? 1147 ASP A N   1 
ATOM   859  C CA  . ASP A 1 120 ? 12.979  7.723   -0.283  1.00 101.73 ? 1147 ASP A CA  1 
ATOM   860  C C   . ASP A 1 120 ? 14.357  7.310   -0.830  1.00 100.90 ? 1147 ASP A C   1 
ATOM   861  O O   . ASP A 1 120 ? 15.369  7.529   -0.124  1.00 97.07  ? 1147 ASP A O   1 
ATOM   862  C CB  . ASP A 1 120 ? 12.909  9.196   0.141   1.00 107.41 ? 1147 ASP A CB  1 
ATOM   863  C CG  . ASP A 1 120 ? 12.984  10.165  -1.023  1.00 113.50 ? 1147 ASP A CG  1 
ATOM   864  O OD1 . ASP A 1 120 ? 14.098  10.398  -1.523  1.00 118.60 ? 1147 ASP A OD1 1 
ATOM   865  O OD2 . ASP A 1 120 ? 11.924  10.648  -1.447  1.00 121.36 ? 1147 ASP A OD2 1 
ATOM   866  N N   . SER A 1 123 ? 17.139  9.486   -0.833  1.00 101.79 ? 1150 SER A N   1 
ATOM   867  C CA  . SER A 1 123 ? 17.272  10.303  0.403   1.00 108.32 ? 1150 SER A CA  1 
ATOM   868  C C   . SER A 1 123 ? 17.210  9.406   1.641   1.00 115.41 ? 1150 SER A C   1 
ATOM   869  O O   . SER A 1 123 ? 17.573  8.233   1.582   1.00 122.71 ? 1150 SER A O   1 
ATOM   870  C CB  . SER A 1 123 ? 16.222  11.389  0.447   1.00 110.53 ? 1150 SER A CB  1 
ATOM   871  O OG  . SER A 1 123 ? 16.380  12.207  1.598   1.00 106.41 ? 1150 SER A OG  1 
ATOM   872  N N   . ASN A 1 124 ? 16.761  9.974   2.767   1.00 116.56 ? 1151 ASN A N   1 
ATOM   873  C CA  . ASN A 1 124 ? 16.823  9.297   4.052   1.00 115.99 ? 1151 ASN A CA  1 
ATOM   874  C C   . ASN A 1 124 ? 15.554  9.555   4.863   1.00 111.06 ? 1151 ASN A C   1 
ATOM   875  O O   . ASN A 1 124 ? 15.557  9.389   6.078   1.00 107.70 ? 1151 ASN A O   1 
ATOM   876  C CB  . ASN A 1 124 ? 18.056  9.735   4.850   1.00 122.42 ? 1151 ASN A CB  1 
ATOM   877  C CG  . ASN A 1 124 ? 18.178  11.243  4.955   1.00 133.25 ? 1151 ASN A CG  1 
ATOM   878  O OD1 . ASN A 1 124 ? 18.747  11.886  4.077   1.00 142.87 ? 1151 ASN A OD1 1 
ATOM   879  N ND2 . ASN A 1 124 ? 17.652  11.819  6.023   1.00 132.67 ? 1151 ASN A ND2 1 
ATOM   880  N N   . HIS A 1 125 ? 14.455  9.921   4.199   1.00 109.46 ? 1152 HIS A N   1 
ATOM   881  C CA  . HIS A 1 125 ? 13.182  10.118  4.881   1.00 104.70 ? 1152 HIS A CA  1 
ATOM   882  C C   . HIS A 1 125 ? 12.157  9.118   4.341   1.00 85.01  ? 1152 HIS A C   1 
ATOM   883  O O   . HIS A 1 125 ? 12.362  8.503   3.295   1.00 79.59  ? 1152 HIS A O   1 
ATOM   884  C CB  . HIS A 1 125 ? 12.733  11.589  4.821   1.00 113.09 ? 1152 HIS A CB  1 
ATOM   885  C CG  . HIS A 1 125 ? 13.074  12.304  3.553   1.00 125.96 ? 1152 HIS A CG  1 
ATOM   886  N ND1 . HIS A 1 125 ? 12.828  11.785  2.298   1.00 131.49 ? 1152 HIS A ND1 1 
ATOM   887  C CD2 . HIS A 1 125 ? 13.669  13.489  3.356   1.00 126.88 ? 1152 HIS A CD2 1 
ATOM   888  C CE1 . HIS A 1 125 ? 13.249  12.641  1.378   1.00 131.05 ? 1152 HIS A CE1 1 
ATOM   889  N NE2 . HIS A 1 125 ? 13.760  13.684  2.001   1.00 132.91 ? 1152 HIS A NE2 1 
ATOM   890  N N   . HIS A 1 126 ? 11.049  8.970   5.076   1.00 74.36  ? 1153 HIS A N   1 
ATOM   891  C CA  . HIS A 1 126 ? 9.971   8.063   4.707   1.00 75.47  ? 1153 HIS A CA  1 
ATOM   892  C C   . HIS A 1 126 ? 8.774   8.855   4.159   1.00 71.23  ? 1153 HIS A C   1 
ATOM   893  O O   . HIS A 1 126 ? 8.535   9.985   4.567   1.00 69.84  ? 1153 HIS A O   1 
ATOM   894  C CB  . HIS A 1 126 ? 9.625   7.152   5.896   1.00 78.26  ? 1153 HIS A CB  1 
ATOM   895  C CG  . HIS A 1 126 ? 10.731  6.209   6.273   1.00 90.14  ? 1153 HIS A CG  1 
ATOM   896  N ND1 . HIS A 1 126 ? 11.844  6.589   6.991   1.00 95.39  ? 1153 HIS A ND1 1 
ATOM   897  C CD2 . HIS A 1 126 ? 10.897  4.901   6.027   1.00 95.83  ? 1153 HIS A CD2 1 
ATOM   898  C CE1 . HIS A 1 126 ? 12.646  5.548   7.154   1.00 92.54  ? 1153 HIS A CE1 1 
ATOM   899  N NE2 . HIS A 1 126 ? 12.093  4.513   6.579   1.00 94.10  ? 1153 HIS A NE2 1 
ATOM   900  N N   . TYR A 1 127 ? 8.044   8.259   3.202   1.00 65.50  ? 1154 TYR A N   1 
ATOM   901  C CA  . TYR A 1 127 ? 6.792   8.813   2.703   1.00 62.87  ? 1154 TYR A CA  1 
ATOM   902  C C   . TYR A 1 127 ? 5.674   7.804   2.968   1.00 58.76  ? 1154 TYR A C   1 
ATOM   903  O O   . TYR A 1 127 ? 5.889   6.603   2.857   1.00 58.32  ? 1154 TYR A O   1 
ATOM   904  C CB  . TYR A 1 127 ? 6.913   9.225   1.230   1.00 63.75  ? 1154 TYR A CB  1 
ATOM   905  C CG  . TYR A 1 127 ? 7.818   10.411  1.004   1.00 77.13  ? 1154 TYR A CG  1 
ATOM   906  C CD1 . TYR A 1 127 ? 9.195   10.268  1.088   1.00 84.64  ? 1154 TYR A CD1 1 
ATOM   907  C CD2 . TYR A 1 127 ? 7.313   11.682  0.748   1.00 79.60  ? 1154 TYR A CD2 1 
ATOM   908  C CE1 . TYR A 1 127 ? 10.046  11.348  0.913   1.00 92.38  ? 1154 TYR A CE1 1 
ATOM   909  C CE2 . TYR A 1 127 ? 8.151   12.774  0.560   1.00 78.57  ? 1154 TYR A CE2 1 
ATOM   910  C CZ  . TYR A 1 127 ? 9.525   12.603  0.653   1.00 90.31  ? 1154 TYR A CZ  1 
ATOM   911  O OH  . TYR A 1 127 ? 10.419  13.634  0.492   1.00 93.42  ? 1154 TYR A OH  1 
ATOM   912  N N   . CYS A 1 128 ? 4.511   8.313   3.397   1.00 49.11  ? 1155 CYS A N   1 
ATOM   913  C CA  . CYS A 1 128 ? 3.318   7.530   3.650   1.00 46.52  ? 1155 CYS A CA  1 
ATOM   914  C C   . CYS A 1 128 ? 2.268   7.907   2.615   1.00 54.65  ? 1155 CYS A C   1 
ATOM   915  O O   . CYS A 1 128 ? 1.871   9.058   2.553   1.00 58.23  ? 1155 CYS A O   1 
ATOM   916  C CB  . CYS A 1 128 ? 2.795   7.759   5.062   1.00 51.85  ? 1155 CYS A CB  1 
ATOM   917  S SG  . CYS A 1 128 ? 1.355   6.750   5.521   1.00 55.29  ? 1155 CYS A SG  1 
ATOM   918  N N   . HIS A 1 129 ? 1.855   6.924   1.798   1.00 51.12  ? 1156 HIS A N   1 
ATOM   919  C CA  . HIS A 1 129 ? 0.942   7.104   0.679   1.00 44.35  ? 1156 HIS A CA  1 
ATOM   920  C C   . HIS A 1 129 ? -0.427  6.596   1.111   1.00 47.16  ? 1156 HIS A C   1 
ATOM   921  O O   . HIS A 1 129 ? -0.537  5.449   1.579   1.00 46.00  ? 1156 HIS A O   1 
ATOM   922  C CB  . HIS A 1 129 ? 1.459   6.353   -0.557  1.00 45.52  ? 1156 HIS A CB  1 
ATOM   923  C CG  . HIS A 1 129 ? 2.914   6.519   -0.770  1.00 42.82  ? 1156 HIS A CG  1 
ATOM   924  N ND1 . HIS A 1 129 ? 3.470   7.593   -1.422  1.00 45.75  ? 1156 HIS A ND1 1 
ATOM   925  C CD2 . HIS A 1 129 ? 3.943   5.748   -0.384  1.00 52.52  ? 1156 HIS A CD2 1 
ATOM   926  C CE1 . HIS A 1 129 ? 4.790   7.462   -1.428  1.00 47.03  ? 1156 HIS A CE1 1 
ATOM   927  N NE2 . HIS A 1 129 ? 5.105   6.347   -0.804  1.00 48.06  ? 1156 HIS A NE2 1 
ATOM   928  N N   . VAL A 1 130 ? -1.441  7.474   1.002   1.00 42.30  ? 1157 VAL A N   1 
ATOM   929  C CA  . VAL A 1 130 ? -2.720  7.285   1.659   1.00 40.90  ? 1157 VAL A CA  1 
ATOM   930  C C   . VAL A 1 130 ? -3.829  7.172   0.622   1.00 44.75  ? 1157 VAL A C   1 
ATOM   931  O O   . VAL A 1 130 ? -3.886  7.959   -0.323  1.00 44.75  ? 1157 VAL A O   1 
ATOM   932  C CB  . VAL A 1 130 ? -3.052  8.401   2.666   1.00 47.38  ? 1157 VAL A CB  1 
ATOM   933  C CG1 . VAL A 1 130 ? -4.396  8.144   3.339   1.00 47.00  ? 1157 VAL A CG1 1 
ATOM   934  C CG2 . VAL A 1 130 ? -1.965  8.545   3.701   1.00 50.51  ? 1157 VAL A CG2 1 
ATOM   935  N N   . PHE A 1 131 ? -4.719  6.189   0.834   1.00 37.05  ? 1158 PHE A N   1 
ATOM   936  C CA  . PHE A 1 131 ? -5.738  5.858   -0.138  1.00 41.08  ? 1158 PHE A CA  1 
ATOM   937  C C   . PHE A 1 131 ? -7.015  5.514   0.609   1.00 38.75  ? 1158 PHE A C   1 
ATOM   938  O O   . PHE A 1 131 ? -6.988  5.177   1.793   1.00 44.79  ? 1158 PHE A O   1 
ATOM   939  C CB  . PHE A 1 131 ? -5.335  4.687   -1.043  1.00 40.18  ? 1158 PHE A CB  1 
ATOM   940  C CG  . PHE A 1 131 ? -3.960  4.767   -1.645  1.00 42.32  ? 1158 PHE A CG  1 
ATOM   941  C CD1 . PHE A 1 131 ? -2.846  4.346   -0.927  1.00 40.24  ? 1158 PHE A CD1 1 
ATOM   942  C CD2 . PHE A 1 131 ? -3.782  5.230   -2.941  1.00 43.29  ? 1158 PHE A CD2 1 
ATOM   943  C CE1 . PHE A 1 131 ? -1.583  4.429   -1.482  1.00 43.50  ? 1158 PHE A CE1 1 
ATOM   944  C CE2 . PHE A 1 131 ? -2.513  5.325   -3.489  1.00 43.22  ? 1158 PHE A CE2 1 
ATOM   945  C CZ  . PHE A 1 131 ? -1.417  4.911   -2.759  1.00 43.47  ? 1158 PHE A CZ  1 
ATOM   946  N N   . THR A 1 132 ? -8.133  5.633   -0.095  1.00 39.51  ? 1159 THR A N   1 
ATOM   947  C CA  . THR A 1 132 ? -9.425  5.248   0.429   1.00 43.82  ? 1159 THR A CA  1 
ATOM   948  C C   . THR A 1 132 ? -10.062 4.330   -0.600  1.00 38.34  ? 1159 THR A C   1 
ATOM   949  O O   . THR A 1 132 ? -10.240 4.740   -1.741  1.00 42.62  ? 1159 THR A O   1 
ATOM   950  C CB  . THR A 1 132 ? -10.282 6.500   0.737   1.00 41.81  ? 1159 THR A CB  1 
ATOM   951  O OG1 . THR A 1 132 ? -9.666  7.228   1.801   1.00 45.29  ? 1159 THR A OG1 1 
ATOM   952  C CG2 . THR A 1 132 ? -11.712 6.155   1.106   1.00 43.70  ? 1159 THR A CG2 1 
ATOM   953  N N   . ALA A 1 133 ? -10.395 3.100   -0.208  1.00 42.86  ? 1160 ALA A N   1 
ATOM   954  C CA  . ALA A 1 133 ? -10.969 2.135   -1.140  1.00 44.54  ? 1160 ALA A CA  1 
ATOM   955  C C   . ALA A 1 133 ? -12.427 2.483   -1.438  1.00 53.44  ? 1160 ALA A C   1 
ATOM   956  O O   . ALA A 1 133 ? -13.063 3.145   -0.614  1.00 49.31  ? 1160 ALA A O   1 
ATOM   957  C CB  . ALA A 1 133 ? -10.867 0.745   -0.568  1.00 41.57  ? 1160 ALA A CB  1 
ATOM   958  N N   . PHE A 1 134 ? -12.945 1.987   -2.575  1.00 52.70  ? 1161 PHE A N   1 
ATOM   959  C CA  . PHE A 1 134 ? -14.333 2.229   -2.950  1.00 63.91  ? 1161 PHE A CA  1 
ATOM   960  C C   . PHE A 1 134 ? -15.253 1.299   -2.176  1.00 60.72  ? 1161 PHE A C   1 
ATOM   961  O O   . PHE A 1 134 ? -16.417 1.189   -2.556  1.00 74.84  ? 1161 PHE A O   1 
ATOM   962  C CB  . PHE A 1 134 ? -14.590 2.021   -4.450  1.00 66.43  ? 1161 PHE A CB  1 
ATOM   963  C CG  . PHE A 1 134 ? -13.724 2.828   -5.382  1.00 61.46  ? 1161 PHE A CG  1 
ATOM   964  C CD1 . PHE A 1 134 ? -13.300 4.091   -5.034  1.00 69.38  ? 1161 PHE A CD1 1 
ATOM   965  C CD2 . PHE A 1 134 ? -13.333 2.324   -6.611  1.00 68.72  ? 1161 PHE A CD2 1 
ATOM   966  C CE1 . PHE A 1 134 ? -12.481 4.831   -5.879  1.00 71.52  ? 1161 PHE A CE1 1 
ATOM   967  C CE2 . PHE A 1 134 ? -12.521 3.066   -7.456  1.00 72.57  ? 1161 PHE A CE2 1 
ATOM   968  C CZ  . PHE A 1 134 ? -12.086 4.317   -7.082  1.00 71.48  ? 1161 PHE A CZ  1 
ATOM   969  N N   . ASP A 1 135 ? -14.701 0.638   -1.144  1.00 67.09  ? 1162 ASP A N   1 
ATOM   970  C CA  . ASP A 1 135 ? -15.404 -0.307  -0.289  1.00 66.67  ? 1162 ASP A CA  1 
ATOM   971  C C   . ASP A 1 135 ? -14.463 -0.733  0.843   1.00 66.79  ? 1162 ASP A C   1 
ATOM   972  O O   . ASP A 1 135 ? -13.257 -0.849  0.657   1.00 57.87  ? 1162 ASP A O   1 
ATOM   973  C CB  . ASP A 1 135 ? -15.850 -1.534  -1.097  1.00 82.17  ? 1162 ASP A CB  1 
ATOM   974  C CG  . ASP A 1 135 ? -16.635 -2.564  -0.307  1.00 77.72  ? 1162 ASP A CG  1 
ATOM   975  O OD1 . ASP A 1 135 ? -17.052 -2.243  0.818   1.00 91.12  ? 1162 ASP A OD1 1 
ATOM   976  O OD2 . ASP A 1 135 ? -16.817 -3.668  -0.837  1.00 95.96  ? 1162 ASP A OD2 1 
ATOM   977  N N   . VAL A 1 136 ? -15.019 -0.973  2.028   1.00 61.67  ? 1163 VAL A N   1 
ATOM   978  C CA  . VAL A 1 136 ? -14.239 -1.438  3.169   1.00 62.47  ? 1163 VAL A CA  1 
ATOM   979  C C   . VAL A 1 136 ? -13.674 -2.838  2.897   1.00 57.55  ? 1163 VAL A C   1 
ATOM   980  O O   . VAL A 1 136 ? -12.541 -3.142  3.267   1.00 57.50  ? 1163 VAL A O   1 
ATOM   981  C CB  . VAL A 1 136 ? -15.073 -1.390  4.466   1.00 62.19  ? 1163 VAL A CB  1 
ATOM   982  C CG1 . VAL A 1 136 ? -16.528 -1.798  4.209   1.00 63.42  ? 1163 VAL A CG1 1 
ATOM   983  C CG2 . VAL A 1 136 ? -14.442 -2.207  5.599   1.00 60.60  ? 1163 VAL A CG2 1 
ATOM   984  N N   . ASN A 1 137 ? -14.449 -3.685  2.212   1.00 56.86  ? 1164 ASN A N   1 
ATOM   985  C CA  . ASN A 1 137 ? -13.990 -5.017  1.838   1.00 49.68  ? 1164 ASN A CA  1 
ATOM   986  C C   . ASN A 1 137 ? -12.744 -4.925  0.962   1.00 47.54  ? 1164 ASN A C   1 
ATOM   987  O O   . ASN A 1 137 ? -11.836 -5.735  1.079   1.00 47.22  ? 1164 ASN A O   1 
ATOM   988  C CB  . ASN A 1 137 ? -15.032 -5.791  1.031   1.00 48.73  ? 1164 ASN A CB  1 
ATOM   989  C CG  . ASN A 1 137 ? -16.276 -6.061  1.842   1.00 62.86  ? 1164 ASN A CG  1 
ATOM   990  O OD1 . ASN A 1 137 ? -16.784 -5.173  2.532   1.00 74.26  ? 1164 ASN A OD1 1 
ATOM   991  N ND2 . ASN A 1 137 ? -16.753 -7.292  1.796   1.00 57.41  ? 1164 ASN A ND2 1 
ATOM   992  N N   . LEU A 1 138 ? -12.734 -3.935  0.068   1.00 44.83  ? 1165 LEU A N   1 
ATOM   993  C CA  . LEU A 1 138 ? -11.630 -3.713  -0.832  1.00 42.79  ? 1165 LEU A CA  1 
ATOM   994  C C   . LEU A 1 138 ? -10.390 -3.236  -0.093  1.00 38.77  ? 1165 LEU A C   1 
ATOM   995  O O   . LEU A 1 138 ? -9.293  -3.556  -0.544  1.00 38.64  ? 1165 LEU A O   1 
ATOM   996  C CB  . LEU A 1 138 ? -12.049 -2.725  -1.921  1.00 49.12  ? 1165 LEU A CB  1 
ATOM   997  C CG  . LEU A 1 138 ? -12.739 -3.415  -3.083  1.00 56.46  ? 1165 LEU A CG  1 
ATOM   998  C CD1 . LEU A 1 138 ? -13.425 -2.409  -3.996  1.00 62.79  ? 1165 LEU A CD1 1 
ATOM   999  C CD2 . LEU A 1 138 ? -11.727 -4.270  -3.838  1.00 50.68  ? 1165 LEU A CD2 1 
ATOM   1000 N N   . ALA A 1 139 ? -10.558 -2.507  1.016   1.00 37.89  ? 1166 ALA A N   1 
ATOM   1001 C CA  . ALA A 1 139 ? -9.414  -2.054  1.784   1.00 41.11  ? 1166 ALA A CA  1 
ATOM   1002 C C   . ALA A 1 139 ? -8.693  -3.267  2.363   1.00 41.26  ? 1166 ALA A C   1 
ATOM   1003 O O   . ALA A 1 139 ? -7.462  -3.307  2.295   1.00 37.81  ? 1166 ALA A O   1 
ATOM   1004 C CB  . ALA A 1 139 ? -9.801  -1.107  2.880   1.00 39.67  ? 1166 ALA A CB  1 
ATOM   1005 N N   . TYR A 1 140 ? -9.465  -4.232  2.886   1.00 42.86  ? 1167 TYR A N   1 
ATOM   1006 C CA  . TYR A 1 140 ? -8.926  -5.497  3.396   1.00 48.98  ? 1167 TYR A CA  1 
ATOM   1007 C C   . TYR A 1 140 ? -8.205  -6.236  2.267   1.00 46.78  ? 1167 TYR A C   1 
ATOM   1008 O O   . TYR A 1 140 ? -7.055  -6.660  2.426   1.00 40.92  ? 1167 TYR A O   1 
ATOM   1009 C CB  . TYR A 1 140 ? -10.022 -6.395  3.996   1.00 47.67  ? 1167 TYR A CB  1 
ATOM   1010 C CG  . TYR A 1 140 ? -10.564 -5.920  5.321   1.00 62.32  ? 1167 TYR A CG  1 
ATOM   1011 C CD1 . TYR A 1 140 ? -9.894  -6.195  6.504   1.00 68.80  ? 1167 TYR A CD1 1 
ATOM   1012 C CD2 . TYR A 1 140 ? -11.740 -5.181  5.403   1.00 74.50  ? 1167 TYR A CD2 1 
ATOM   1013 C CE1 . TYR A 1 140 ? -10.378 -5.759  7.729   1.00 73.05  ? 1167 TYR A CE1 1 
ATOM   1014 C CE2 . TYR A 1 140 ? -12.239 -4.737  6.620   1.00 77.16  ? 1167 TYR A CE2 1 
ATOM   1015 C CZ  . TYR A 1 140 ? -11.555 -5.036  7.784   1.00 78.12  ? 1167 TYR A CZ  1 
ATOM   1016 O OH  . TYR A 1 140 ? -12.025 -4.610  8.997   1.00 96.24  ? 1167 TYR A OH  1 
ATOM   1017 N N   . GLU A 1 141 ? -8.874  -6.374  1.121   1.00 38.57  ? 1168 GLU A N   1 
ATOM   1018 C CA  . GLU A 1 141 ? -8.311  -7.166  0.033   1.00 40.19  ? 1168 GLU A CA  1 
ATOM   1019 C C   . GLU A 1 141 ? -7.006  -6.541  -0.491  1.00 38.11  ? 1168 GLU A C   1 
ATOM   1020 O O   . GLU A 1 141 ? -6.011  -7.255  -0.686  1.00 38.61  ? 1168 GLU A O   1 
ATOM   1021 C CB  . GLU A 1 141 ? -9.339  -7.378  -1.066  1.00 40.69  ? 1168 GLU A CB  1 
ATOM   1022 C CG  . GLU A 1 141 ? -8.798  -8.191  -2.214  1.00 39.88  ? 1168 GLU A CG  1 
ATOM   1023 C CD  . GLU A 1 141 ? -9.778  -8.417  -3.357  1.00 46.27  ? 1168 GLU A CD  1 
ATOM   1024 O OE1 . GLU A 1 141 ? -9.339  -8.715  -4.486  1.00 42.29  ? 1168 GLU A OE1 1 
ATOM   1025 O OE2 . GLU A 1 141 ? -10.966 -8.328  -3.097  1.00 47.42  ? 1168 GLU A OE2 1 
ATOM   1026 N N   . ILE A 1 142 ? -6.981  -5.218  -0.672  1.00 35.80  ? 1169 ILE A N   1 
ATOM   1027 C CA  . ILE A 1 142 ? -5.790  -4.516  -1.112  1.00 35.40  ? 1169 ILE A CA  1 
ATOM   1028 C C   . ILE A 1 142 ? -4.631  -4.628  -0.105  1.00 37.07  ? 1169 ILE A C   1 
ATOM   1029 O O   . ILE A 1 142 ? -3.485  -4.806  -0.516  1.00 33.63  ? 1169 ILE A O   1 
ATOM   1030 C CB  . ILE A 1 142 ? -6.090  -3.048  -1.466  1.00 34.50  ? 1169 ILE A CB  1 
ATOM   1031 C CG1 . ILE A 1 142 ? -7.029  -2.938  -2.669  1.00 35.86  ? 1169 ILE A CG1 1 
ATOM   1032 C CG2 . ILE A 1 142 ? -4.807  -2.288  -1.739  1.00 36.46  ? 1169 ILE A CG2 1 
ATOM   1033 C CD1 . ILE A 1 142 ? -7.544  -1.517  -2.937  1.00 37.67  ? 1169 ILE A CD1 1 
ATOM   1034 N N   . ILE A 1 143 ? -4.873  -4.430  1.195   1.00 36.00  ? 1170 ILE A N   1 
ATOM   1035 C CA  . ILE A 1 143 ? -3.817  -4.580  2.188   1.00 37.14  ? 1170 ILE A CA  1 
ATOM   1036 C C   . ILE A 1 143 ? -3.272  -6.016  2.216   1.00 35.27  ? 1170 ILE A C   1 
ATOM   1037 O O   . ILE A 1 143 ? -2.068  -6.242  2.294   1.00 34.42  ? 1170 ILE A O   1 
ATOM   1038 C CB  . ILE A 1 143 ? -4.299  -4.147  3.579   1.00 39.73  ? 1170 ILE A CB  1 
ATOM   1039 C CG1 . ILE A 1 143 ? -4.483  -2.618  3.657   1.00 44.14  ? 1170 ILE A CG1 1 
ATOM   1040 C CG2 . ILE A 1 143 ? -3.313  -4.626  4.633   1.00 37.38  ? 1170 ILE A CG2 1 
ATOM   1041 C CD1 . ILE A 1 143 ? -5.427  -2.213  4.759   1.00 55.16  ? 1170 ILE A CD1 1 
ATOM   1042 N N   . LEU A 1 144 ? -4.170  -6.971  2.165   1.00 34.52  ? 1171 LEU A N   1 
ATOM   1043 C CA  . LEU A 1 144 ? -3.816  -8.389  2.072   1.00 38.38  ? 1171 LEU A CA  1 
ATOM   1044 C C   . LEU A 1 144 ? -2.975  -8.684  0.840   1.00 34.27  ? 1171 LEU A C   1 
ATOM   1045 O O   . LEU A 1 144 ? -2.103  -9.553  0.873   1.00 36.79  ? 1171 LEU A O   1 
ATOM   1046 C CB  . LEU A 1 144 ? -5.105  -9.205  2.051   1.00 38.91  ? 1171 LEU A CB  1 
ATOM   1047 C CG  . LEU A 1 144 ? -5.493  -10.012 3.282   1.00 47.96  ? 1171 LEU A CG  1 
ATOM   1048 C CD1 . LEU A 1 144 ? -4.825  -9.585  4.554   1.00 51.77  ? 1171 LEU A CD1 1 
ATOM   1049 C CD2 . LEU A 1 144 ? -7.000  -10.027 3.413   1.00 43.76  ? 1171 LEU A CD2 1 
ATOM   1050 N N   . THR A 1 145 ? -3.228  -7.969  -0.244  1.00 32.48  ? 1172 THR A N   1 
ATOM   1051 C CA  . THR A 1 145 ? -2.522  -8.193  -1.497  1.00 32.22  ? 1172 THR A CA  1 
ATOM   1052 C C   . THR A 1 145 ? -1.096  -7.651  -1.375  1.00 32.33  ? 1172 THR A C   1 
ATOM   1053 O O   . THR A 1 145 ? -0.136  -8.256  -1.875  1.00 33.66  ? 1172 THR A O   1 
ATOM   1054 C CB  . THR A 1 145 ? -3.309  -7.579  -2.674  1.00 32.52  ? 1172 THR A CB  1 
ATOM   1055 O OG1 . THR A 1 145 ? -4.561  -8.237  -2.910  1.00 34.34  ? 1172 THR A OG1 1 
ATOM   1056 C CG2 . THR A 1 145 ? -2.521  -7.628  -3.958  1.00 35.97  ? 1172 THR A CG2 1 
ATOM   1057 N N   . LEU A 1 146 ? -0.971  -6.475  -0.757  1.00 33.53  ? 1173 LEU A N   1 
ATOM   1058 C CA  . LEU A 1 146 ? 0.321   -5.866  -0.515  1.00 36.61  ? 1173 LEU A CA  1 
ATOM   1059 C C   . LEU A 1 146 ? 1.132   -6.787  0.408   1.00 35.45  ? 1173 LEU A C   1 
ATOM   1060 O O   . LEU A 1 146 ? 2.270   -7.108  0.078   1.00 35.05  ? 1173 LEU A O   1 
ATOM   1061 C CB  . LEU A 1 146 ? 0.122   -4.454  0.054   1.00 34.98  ? 1173 LEU A CB  1 
ATOM   1062 C CG  . LEU A 1 146 ? -0.383  -3.359  -0.911  1.00 38.88  ? 1173 LEU A CG  1 
ATOM   1063 C CD1 . LEU A 1 146 ? -0.992  -2.192  -0.133  1.00 39.57  ? 1173 LEU A CD1 1 
ATOM   1064 C CD2 . LEU A 1 146 ? 0.719   -2.826  -1.811  1.00 38.26  ? 1173 LEU A CD2 1 
ATOM   1065 N N   . GLY A 1 147 ? 0.509   -7.255  1.496   1.00 33.45  ? 1174 GLY A N   1 
ATOM   1066 C CA  . GLY A 1 147 ? 1.079   -8.232  2.420   1.00 36.62  ? 1174 GLY A CA  1 
ATOM   1067 C C   . GLY A 1 147 ? 1.610   -9.499  1.715   1.00 40.10  ? 1174 GLY A C   1 
ATOM   1068 O O   . GLY A 1 147 ? 2.740   -9.944  1.967   1.00 35.75  ? 1174 GLY A O   1 
ATOM   1069 N N   . GLN A 1 148 ? 0.763   -10.077 0.848   1.00 36.81  ? 1175 GLN A N   1 
ATOM   1070 C CA  . GLN A 1 148 ? 1.107   -11.250 0.053   1.00 37.26  ? 1175 GLN A CA  1 
ATOM   1071 C C   . GLN A 1 148 ? 2.268   -10.943 -0.864  1.00 33.70  ? 1175 GLN A C   1 
ATOM   1072 O O   . GLN A 1 148 ? 3.185   -11.759 -0.945  1.00 33.43  ? 1175 GLN A O   1 
ATOM   1073 C CB  . GLN A 1 148 ? -0.090  -11.801 -0.725  1.00 36.91  ? 1175 GLN A CB  1 
ATOM   1074 C CG  . GLN A 1 148 ? 0.290   -12.997 -1.605  1.00 34.17  ? 1175 GLN A CG  1 
ATOM   1075 C CD  . GLN A 1 148 ? -0.871  -13.564 -2.397  1.00 38.22  ? 1175 GLN A CD  1 
ATOM   1076 O OE1 . GLN A 1 148 ? -1.997  -13.071 -2.330  1.00 31.07  ? 1175 GLN A OE1 1 
ATOM   1077 N NE2 . GLN A 1 148 ? -0.600  -14.605 -3.185  1.00 33.41  ? 1175 GLN A NE2 1 
ATOM   1078 N N   . ALA A 1 149 ? 2.276   -9.758  -1.492  1.00 31.14  ? 1176 ALA A N   1 
ATOM   1079 C CA  . ALA A 1 149 ? 3.362   -9.435  -2.380  1.00 31.13  ? 1176 ALA A CA  1 
ATOM   1080 C C   . ALA A 1 149 ? 4.695   -9.383  -1.626  1.00 33.43  ? 1176 ALA A C   1 
ATOM   1081 O O   . ALA A 1 149 ? 5.711   -9.755  -2.222  1.00 31.28  ? 1176 ALA A O   1 
ATOM   1082 C CB  . ALA A 1 149 ? 3.146   -8.180  -3.168  1.00 29.73  ? 1176 ALA A CB  1 
ATOM   1083 N N   . PHE A 1 150 ? 4.697   -8.842  -0.397  1.00 33.21  ? 1177 PHE A N   1 
ATOM   1084 C CA  . PHE A 1 150 ? 5.871   -8.864  0.468   1.00 39.61  ? 1177 PHE A CA  1 
ATOM   1085 C C   . PHE A 1 150 ? 6.364   -10.301 0.701   1.00 38.89  ? 1177 PHE A C   1 
ATOM   1086 O O   . PHE A 1 150 ? 7.556   -10.583 0.605   1.00 37.36  ? 1177 PHE A O   1 
ATOM   1087 C CB  . PHE A 1 150 ? 5.565   -8.283  1.856   1.00 38.87  ? 1177 PHE A CB  1 
ATOM   1088 C CG  . PHE A 1 150 ? 5.149   -6.831  1.912   1.00 37.16  ? 1177 PHE A CG  1 
ATOM   1089 C CD1 . PHE A 1 150 ? 5.446   -5.956  0.879   1.00 36.36  ? 1177 PHE A CD1 1 
ATOM   1090 C CD2 . PHE A 1 150 ? 4.450   -6.353  3.004   1.00 36.86  ? 1177 PHE A CD2 1 
ATOM   1091 C CE1 . PHE A 1 150 ? 5.045   -4.625  0.941   1.00 39.50  ? 1177 PHE A CE1 1 
ATOM   1092 C CE2 . PHE A 1 150 ? 4.056   -5.024  3.064   1.00 38.49  ? 1177 PHE A CE2 1 
ATOM   1093 C CZ  . PHE A 1 150 ? 4.330   -4.172  2.027   1.00 38.03  ? 1177 PHE A CZ  1 
ATOM   1094 N N   . GLU A 1 151 ? 5.440   -11.189 1.075   1.00 34.08  ? 1178 GLU A N   1 
ATOM   1095 C CA  . GLU A 1 151 ? 5.792   -12.564 1.390   1.00 35.28  ? 1178 GLU A CA  1 
ATOM   1096 C C   . GLU A 1 151 ? 6.254   -13.317 0.146   1.00 38.82  ? 1178 GLU A C   1 
ATOM   1097 O O   . GLU A 1 151 ? 7.195   -14.102 0.200   1.00 37.48  ? 1178 GLU A O   1 
ATOM   1098 C CB  . GLU A 1 151 ? 4.594   -13.231 2.037   1.00 38.17  ? 1178 GLU A CB  1 
ATOM   1099 C CG  . GLU A 1 151 ? 4.901   -14.623 2.550   1.00 49.60  ? 1178 GLU A CG  1 
ATOM   1100 C CD  . GLU A 1 151 ? 6.035   -14.712 3.574   1.00 50.81  ? 1178 GLU A CD  1 
ATOM   1101 O OE1 . GLU A 1 151 ? 6.433   -13.651 4.174   1.00 44.73  ? 1178 GLU A OE1 1 
ATOM   1102 O OE2 . GLU A 1 151 ? 6.576   -15.824 3.697   1.00 43.39  ? 1178 GLU A OE2 1 
ATOM   1103 N N   . VAL A 1 152 ? 5.605   -13.090 -0.995  1.00 36.22  ? 1179 VAL A N   1 
ATOM   1104 C CA  . VAL A 1 152 ? 6.013   -13.782 -2.207  1.00 32.96  ? 1179 VAL A CA  1 
ATOM   1105 C C   . VAL A 1 152 ? 7.407   -13.311 -2.640  1.00 40.01  ? 1179 VAL A C   1 
ATOM   1106 O O   . VAL A 1 152 ? 8.239   -14.124 -3.034  1.00 37.75  ? 1179 VAL A O   1 
ATOM   1107 C CB  . VAL A 1 152 ? 4.967   -13.613 -3.315  1.00 32.25  ? 1179 VAL A CB  1 
ATOM   1108 C CG1 . VAL A 1 152 ? 5.484   -13.999 -4.691  1.00 34.56  ? 1179 VAL A CG1 1 
ATOM   1109 C CG2 . VAL A 1 152 ? 3.720   -14.397 -2.964  1.00 36.73  ? 1179 VAL A CG2 1 
ATOM   1110 N N   . ALA A 1 153 ? 7.645   -11.997 -2.619  1.00 34.75  ? 1180 ALA A N   1 
ATOM   1111 C CA  . ALA A 1 153 ? 8.952   -11.442 -2.904  1.00 36.16  ? 1180 ALA A CA  1 
ATOM   1112 C C   . ALA A 1 153 ? 10.006  -12.063 -1.993  1.00 33.93  ? 1180 ALA A C   1 
ATOM   1113 O O   . ALA A 1 153 ? 11.080  -12.419 -2.482  1.00 36.24  ? 1180 ALA A O   1 
ATOM   1114 C CB  . ALA A 1 153 ? 8.938   -9.941  -2.775  1.00 38.02  ? 1180 ALA A CB  1 
ATOM   1115 N N   . TYR A 1 154 ? 9.697   -12.163 -0.699  1.00 38.58  ? 1181 TYR A N   1 
ATOM   1116 C CA  . TYR A 1 154 ? 10.587  -12.758 0.277   1.00 39.93  ? 1181 TYR A CA  1 
ATOM   1117 C C   . TYR A 1 154 ? 10.936  -14.207 -0.082  1.00 43.40  ? 1181 TYR A C   1 
ATOM   1118 O O   . TYR A 1 154 ? 12.093  -14.602 -0.075  1.00 40.21  ? 1181 TYR A O   1 
ATOM   1119 C CB  . TYR A 1 154 ? 9.977   -12.666 1.671   1.00 39.50  ? 1181 TYR A CB  1 
ATOM   1120 C CG  . TYR A 1 154 ? 10.949  -13.007 2.774   1.00 42.36  ? 1181 TYR A CG  1 
ATOM   1121 C CD1 . TYR A 1 154 ? 12.133  -12.294 2.920   1.00 50.44  ? 1181 TYR A CD1 1 
ATOM   1122 C CD2 . TYR A 1 154 ? 10.733  -14.077 3.625   1.00 51.20  ? 1181 TYR A CD2 1 
ATOM   1123 C CE1 . TYR A 1 154 ? 13.050  -12.607 3.918   1.00 54.74  ? 1181 TYR A CE1 1 
ATOM   1124 C CE2 . TYR A 1 154 ? 11.630  -14.396 4.637   1.00 55.71  ? 1181 TYR A CE2 1 
ATOM   1125 C CZ  . TYR A 1 154 ? 12.794  -13.660 4.780   1.00 56.97  ? 1181 TYR A CZ  1 
ATOM   1126 O OH  . TYR A 1 154 ? 13.699  -13.961 5.771   1.00 67.37  ? 1181 TYR A OH  1 
ATOM   1127 N N   . GLN A 1 155 ? 9.919   -15.004 -0.393  1.00 35.45  ? 1182 GLN A N   1 
ATOM   1128 C CA  . GLN A 1 155 ? 10.090  -16.414 -0.680  1.00 36.36  ? 1182 GLN A CA  1 
ATOM   1129 C C   . GLN A 1 155 ? 10.921  -16.582 -1.945  1.00 36.43  ? 1182 GLN A C   1 
ATOM   1130 O O   . GLN A 1 155 ? 11.755  -17.480 -2.025  1.00 39.69  ? 1182 GLN A O   1 
ATOM   1131 C CB  . GLN A 1 155 ? 8.717   -17.075 -0.755  1.00 37.16  ? 1182 GLN A CB  1 
ATOM   1132 C CG  . GLN A 1 155 ? 8.083   -17.276 0.631   1.00 39.40  ? 1182 GLN A CG  1 
ATOM   1133 C CD  . GLN A 1 155 ? 6.793   -18.051 0.628   1.00 42.26  ? 1182 GLN A CD  1 
ATOM   1134 O OE1 . GLN A 1 155 ? 6.560   -18.901 -0.243  1.00 42.90  ? 1182 GLN A OE1 1 
ATOM   1135 N NE2 . GLN A 1 155 ? 5.978   -17.804 1.656   1.00 41.82  ? 1182 GLN A NE2 1 
ATOM   1136 N N   . LEU A 1 156 ? 10.719  -15.724 -2.938  1.00 35.36  ? 1183 LEU A N   1 
ATOM   1137 C CA  . LEU A 1 156 ? 11.494  -15.842 -4.160  1.00 36.37  ? 1183 LEU A CA  1 
ATOM   1138 C C   . LEU A 1 156 ? 12.963  -15.497 -3.905  1.00 41.24  ? 1183 LEU A C   1 
ATOM   1139 O O   . LEU A 1 156 ? 13.853  -16.122 -4.482  1.00 43.75  ? 1183 LEU A O   1 
ATOM   1140 C CB  . LEU A 1 156 ? 10.914  -14.922 -5.222  1.00 35.98  ? 1183 LEU A CB  1 
ATOM   1141 C CG  . LEU A 1 156 ? 9.578   -15.363 -5.808  1.00 39.10  ? 1183 LEU A CG  1 
ATOM   1142 C CD1 . LEU A 1 156 ? 9.039   -14.249 -6.700  1.00 38.79  ? 1183 LEU A CD1 1 
ATOM   1143 C CD2 . LEU A 1 156 ? 9.764   -16.670 -6.578  1.00 39.87  ? 1183 LEU A CD2 1 
ATOM   1144 N N   . ALA A 1 157 ? 13.189  -14.523 -3.022  1.00 39.60  ? 1184 ALA A N   1 
ATOM   1145 C CA  . ALA A 1 157 ? 14.535  -14.050 -2.714  1.00 48.43  ? 1184 ALA A CA  1 
ATOM   1146 C C   . ALA A 1 157 ? 15.322  -15.105 -1.925  1.00 43.05  ? 1184 ALA A C   1 
ATOM   1147 O O   . ALA A 1 157 ? 16.486  -15.310 -2.216  1.00 46.70  ? 1184 ALA A O   1 
ATOM   1148 C CB  . ALA A 1 157 ? 14.471  -12.749 -1.946  1.00 41.27  ? 1184 ALA A CB  1 
ATOM   1149 N N   . LEU A 1 158 ? 14.683  -15.719 -0.918  1.00 42.11  ? 1185 LEU A N   1 
ATOM   1150 C CA  . LEU A 1 158 ? 15.230  -16.822 -0.150  1.00 47.90  ? 1185 LEU A CA  1 
ATOM   1151 C C   . LEU A 1 158 ? 15.706  -17.914 -1.096  1.00 43.87  ? 1185 LEU A C   1 
ATOM   1152 O O   . LEU A 1 158 ? 16.786  -18.420 -0.918  1.00 45.27  ? 1185 LEU A O   1 
ATOM   1153 C CB  . LEU A 1 158 ? 14.179  -17.425 0.791   1.00 52.61  ? 1185 LEU A CB  1 
ATOM   1154 C CG  . LEU A 1 158 ? 13.814  -16.603 2.027   1.00 59.40  ? 1185 LEU A CG  1 
ATOM   1155 C CD1 . LEU A 1 158 ? 12.589  -17.206 2.723   1.00 67.32  ? 1185 LEU A CD1 1 
ATOM   1156 C CD2 . LEU A 1 158 ? 14.977  -16.508 2.996   1.00 57.32  ? 1185 LEU A CD2 1 
ATOM   1157 N N   . GLN A 1 159 ? 14.904  -18.316 -2.075  1.00 42.96  ? 1186 GLN A N   1 
ATOM   1158 C CA  . GLN A 1 159 ? 15.305  -19.458 -2.888  1.00 49.95  ? 1186 GLN A CA  1 
ATOM   1159 C C   . GLN A 1 159 ? 16.379  -19.093 -3.924  1.00 55.95  ? 1186 GLN A C   1 
ATOM   1160 O O   . GLN A 1 159 ? 16.911  -19.982 -4.586  1.00 55.98  ? 1186 GLN A O   1 
ATOM   1161 C CB  . GLN A 1 159 ? 14.071  -20.059 -3.546  1.00 50.58  ? 1186 GLN A CB  1 
ATOM   1162 C CG  . GLN A 1 159 ? 13.542  -19.158 -4.619  1.00 64.50  ? 1186 GLN A CG  1 
ATOM   1163 C CD  . GLN A 1 159 ? 12.556  -19.911 -5.451  1.00 61.69  ? 1186 GLN A CD  1 
ATOM   1164 O OE1 . GLN A 1 159 ? 12.933  -20.724 -6.300  1.00 43.63  ? 1186 GLN A OE1 1 
ATOM   1165 N NE2 . GLN A 1 159 ? 11.298  -19.602 -5.190  1.00 62.98  ? 1186 GLN A NE2 1 
ATOM   1166 N N   . ALA A 1 160 ? 16.731  -17.808 -4.055  1.00 54.66  ? 1187 ALA A N   1 
ATOM   1167 C CA  . ALA A 1 160 ? 17.571  -17.348 -5.144  1.00 58.06  ? 1187 ALA A CA  1 
ATOM   1168 C C   . ALA A 1 160 ? 19.052  -17.643 -4.891  1.00 53.65  ? 1187 ALA A C   1 
ATOM   1169 O O   . ALA A 1 160 ? 19.790  -17.822 -5.845  1.00 46.20  ? 1187 ALA A O   1 
ATOM   1170 C CB  . ALA A 1 160 ? 17.360  -15.874 -5.334  1.00 65.56  ? 1187 ALA A CB  1 
ATOM   1171 N N   . ARG A 1 161 ? 19.482  -17.641 -3.626  1.00 51.09  ? 1188 ARG A N   1 
ATOM   1172 C CA  . ARG A 1 161 ? 20.876  -17.778 -3.260  1.00 61.01  ? 1188 ARG A CA  1 
ATOM   1173 C C   . ARG A 1 161 ? 21.072  -19.132 -2.609  1.00 62.55  ? 1188 ARG A C   1 
ATOM   1174 O O   . ARG A 1 161 ? 20.299  -19.500 -1.728  1.00 62.75  ? 1188 ARG A O   1 
ATOM   1175 C CB  . ARG A 1 161 ? 21.304  -16.701 -2.256  1.00 66.55  ? 1188 ARG A CB  1 
ATOM   1176 C CG  . ARG A 1 161 ? 22.189  -15.616 -2.847  1.00 74.15  ? 1188 ARG A CG  1 
ATOM   1177 C CD  . ARG A 1 161 ? 22.274  -14.353 -2.002  1.00 77.65  ? 1188 ARG A CD  1 
ATOM   1178 N NE  . ARG A 1 161 ? 20.959  -13.709 -1.970  1.00 94.53  ? 1188 ARG A NE  1 
ATOM   1179 C CZ  . ARG A 1 161 ? 20.662  -12.513 -2.479  1.00 93.22  ? 1188 ARG A CZ  1 
ATOM   1180 N NH1 . ARG A 1 161 ? 21.622  -11.695 -2.868  1.00 97.06  ? 1188 ARG A NH1 1 
ATOM   1181 N NH2 . ARG A 1 161 ? 19.398  -12.133 -2.579  1.00 89.69  ? 1188 ARG A NH2 1 
ATOM   1182 N N   . LYS A 1 162 ? 22.092  -19.850 -3.082  1.00 71.87  ? 1189 LYS A N   1 
ATOM   1183 C CA  . LYS A 1 162 ? 22.613  -21.014 -2.394  1.00 71.92  ? 1189 LYS A CA  1 
ATOM   1184 C C   . LYS A 1 162 ? 23.501  -20.533 -1.248  1.00 58.12  ? 1189 LYS A C   1 
ATOM   1185 O O   . LYS A 1 162 ? 23.091  -20.801 -0.108  1.00 68.80  ? 1189 LYS A O   1 
ATOM   1186 C CB  . LYS A 1 162 ? 23.429  -21.894 -3.342  1.00 78.60  ? 1189 LYS A CB  1 
ATOM   1187 C CG  . LYS A 1 162 ? 23.899  -23.203 -2.730  1.00 77.87  ? 1189 LYS A CG  1 
ATOM   1188 C CD  . LYS A 1 162 ? 25.185  -23.706 -3.339  1.00 91.10  ? 1189 LYS A CD  1 
ATOM   1189 C CE  . LYS A 1 162 ? 25.695  -24.980 -2.698  1.00 96.37  ? 1189 LYS A CE  1 
ATOM   1190 N NZ  . LYS A 1 162 ? 26.235  -24.741 -1.334  1.00 100.54 ? 1189 LYS A NZ  1 
ATOM   1191 N N   . PRO B 2 1   ? -7.014  -3.242  13.494  1.00 55.13  ? 924  PRO B N   1 
ATOM   1192 C CA  . PRO B 2 1   ? -7.056  -3.524  12.049  1.00 59.41  ? 924  PRO B CA  1 
ATOM   1193 C C   . PRO B 2 1   ? -5.768  -4.097  11.445  1.00 56.57  ? 924  PRO B C   1 
ATOM   1194 O O   . PRO B 2 1   ? -4.830  -4.448  12.152  1.00 57.47  ? 924  PRO B O   1 
ATOM   1195 C CB  . PRO B 2 1   ? -7.356  -2.134  11.476  1.00 59.15  ? 924  PRO B CB  1 
ATOM   1196 C CG  . PRO B 2 1   ? -6.474  -1.242  12.307  1.00 60.14  ? 924  PRO B CG  1 
ATOM   1197 C CD  . PRO B 2 1   ? -6.458  -1.889  13.681  1.00 58.70  ? 924  PRO B CD  1 
ATOM   1198 N N   . LEU B 2 2   ? -5.762  -4.223  10.112  1.00 51.82  ? 925  LEU B N   1 
ATOM   1199 C CA  . LEU B 2 2   ? -4.723  -4.928  9.378   1.00 45.28  ? 925  LEU B CA  1 
ATOM   1200 C C   . LEU B 2 2   ? -3.438  -4.115  9.314   1.00 44.20  ? 925  LEU B C   1 
ATOM   1201 O O   . LEU B 2 2   ? -3.455  -2.934  8.998   1.00 50.17  ? 925  LEU B O   1 
ATOM   1202 C CB  . LEU B 2 2   ? -5.227  -5.163  7.955   1.00 51.71  ? 925  LEU B CB  1 
ATOM   1203 C CG  . LEU B 2 2   ? -5.566  -6.583  7.529   1.00 51.35  ? 925  LEU B CG  1 
ATOM   1204 C CD1 . LEU B 2 2   ? -6.133  -7.444  8.642   1.00 55.85  ? 925  LEU B CD1 1 
ATOM   1205 C CD2 . LEU B 2 2   ? -6.529  -6.518  6.374   1.00 49.08  ? 925  LEU B CD2 1 
ATOM   1206 N N   . SER B 2 3   ? -2.311  -4.793  9.491   1.00 39.50  ? 926  SER B N   1 
ATOM   1207 C CA  . SER B 2 3   ? -0.995  -4.197  9.388   1.00 44.49  ? 926  SER B CA  1 
ATOM   1208 C C   . SER B 2 3   ? 0.022   -5.298  9.063   1.00 48.24  ? 926  SER B C   1 
ATOM   1209 O O   . SER B 2 3   ? 0.022   -6.321  9.729   1.00 47.09  ? 926  SER B O   1 
ATOM   1210 C CB  . SER B 2 3   ? -0.675  -3.523  10.694  1.00 50.39  ? 926  SER B CB  1 
ATOM   1211 O OG  . SER B 2 3   ? 0.425   -2.654  10.534  1.00 58.01  ? 926  SER B OG  1 
ATOM   1212 N N   . PHE B 2 4   ? 0.891   -5.082  8.077   1.00 41.23  ? 927  PHE B N   1 
ATOM   1213 C CA  . PHE B 2 4   ? 1.821   -6.089  7.609   1.00 43.98  ? 927  PHE B CA  1 
ATOM   1214 C C   . PHE B 2 4   ? 3.141   -5.399  7.363   1.00 44.77  ? 927  PHE B C   1 
ATOM   1215 O O   . PHE B 2 4   ? 3.156   -4.357  6.688   1.00 45.15  ? 927  PHE B O   1 
ATOM   1216 C CB  . PHE B 2 4   ? 1.367   -6.765  6.304   1.00 42.53  ? 927  PHE B CB  1 
ATOM   1217 C CG  . PHE B 2 4   ? 0.151   -7.625  6.501   1.00 41.00  ? 927  PHE B CG  1 
ATOM   1218 C CD1 . PHE B 2 4   ? 0.202   -8.736  7.330   1.00 40.44  ? 927  PHE B CD1 1 
ATOM   1219 C CD2 . PHE B 2 4   ? -1.044  -7.319  5.882   1.00 40.38  ? 927  PHE B CD2 1 
ATOM   1220 C CE1 . PHE B 2 4   ? -0.924  -9.512  7.539   1.00 41.14  ? 927  PHE B CE1 1 
ATOM   1221 C CE2 . PHE B 2 4   ? -2.172  -8.082  6.115   1.00 42.83  ? 927  PHE B CE2 1 
ATOM   1222 C CZ  . PHE B 2 4   ? -2.115  -9.184  6.944   1.00 44.94  ? 927  PHE B CZ  1 
ATOM   1223 N N   . GLN B 2 5   ? 4.217   -6.027  7.869   1.00 46.51  ? 928  GLN B N   1 
ATOM   1224 C CA  . GLN B 2 5   ? 5.577   -5.558  7.623   1.00 49.08  ? 928  GLN B CA  1 
ATOM   1225 C C   . GLN B 2 5   ? 6.192   -6.418  6.528   1.00 43.09  ? 928  GLN B C   1 
ATOM   1226 O O   . GLN B 2 5   ? 5.918   -7.612  6.438   1.00 45.77  ? 928  GLN B O   1 
ATOM   1227 C CB  . GLN B 2 5   ? 6.463   -5.632  8.874   1.00 54.65  ? 928  GLN B CB  1 
ATOM   1228 C CG  . GLN B 2 5   ? 5.704   -5.486  10.187  1.00 72.28  ? 928  GLN B CG  1 
ATOM   1229 C CD  . GLN B 2 5   ? 5.035   -4.139  10.300  1.00 82.84  ? 928  GLN B CD  1 
ATOM   1230 O OE1 . GLN B 2 5   ? 5.703   -3.108  10.260  1.00 87.85  ? 928  GLN B OE1 1 
ATOM   1231 N NE2 . GLN B 2 5   ? 3.714   -4.141  10.449  1.00 90.60  ? 928  GLN B NE2 1 
ATOM   1232 N N   . ASN B 2 6   ? 7.042   -5.768  5.741   1.00 41.57  ? 929  ASN B N   1 
ATOM   1233 C CA  . ASN B 2 6   ? 7.746   -6.340  4.614   1.00 46.22  ? 929  ASN B CA  1 
ATOM   1234 C C   . ASN B 2 6   ? 9.071   -6.931  5.113   1.00 49.53  ? 929  ASN B C   1 
ATOM   1235 O O   . ASN B 2 6   ? 9.943   -6.177  5.532   1.00 45.74  ? 929  ASN B O   1 
ATOM   1236 C CB  . ASN B 2 6   ? 7.991   -5.281  3.531   1.00 39.05  ? 929  ASN B CB  1 
ATOM   1237 C CG  . ASN B 2 6   ? 8.736   -5.829  2.342   1.00 39.17  ? 929  ASN B CG  1 
ATOM   1238 O OD1 . ASN B 2 6   ? 8.885   -7.037  2.252   1.00 40.90  ? 929  ASN B OD1 1 
ATOM   1239 N ND2 . ASN B 2 6   ? 9.152   -4.986  1.405   1.00 38.00  ? 929  ASN B ND2 1 
ATOM   1240 N N   . PRO B 2 7   ? 9.256   -8.278  5.063   1.00 53.44  ? 930  PRO B N   1 
ATOM   1241 C CA  . PRO B 2 7   ? 10.514  -8.916  5.474   1.00 52.55  ? 930  PRO B CA  1 
ATOM   1242 C C   . PRO B 2 7   ? 11.714  -8.485  4.636   1.00 49.66  ? 930  PRO B C   1 
ATOM   1243 O O   . PRO B 2 7   ? 12.829  -8.567  5.122   1.00 46.47  ? 930  PRO B O   1 
ATOM   1244 C CB  . PRO B 2 7   ? 10.295  -10.433 5.335   1.00 50.83  ? 930  PRO B CB  1 
ATOM   1245 C CG  . PRO B 2 7   ? 8.847   -10.626 4.917   1.00 57.70  ? 930  PRO B CG  1 
ATOM   1246 C CD  . PRO B 2 7   ? 8.267   -9.265  4.600   1.00 52.74  ? 930  PRO B CD  1 
ATOM   1247 N N   . LEU B 2 8   ? 11.480  -7.968  3.418   1.00 49.04  ? 931  LEU B N   1 
ATOM   1248 C CA  . LEU B 2 8   ? 12.554  -7.580  2.506   1.00 53.84  ? 931  LEU B CA  1 
ATOM   1249 C C   . LEU B 2 8   ? 13.051  -6.169  2.783   1.00 52.42  ? 931  LEU B C   1 
ATOM   1250 O O   . LEU B 2 8   ? 13.977  -5.729  2.110   1.00 53.52  ? 931  LEU B O   1 
ATOM   1251 C CB  . LEU B 2 8   ? 12.088  -7.660  1.046   1.00 53.43  ? 931  LEU B CB  1 
ATOM   1252 C CG  . LEU B 2 8   ? 12.294  -8.990  0.324   1.00 56.51  ? 931  LEU B CG  1 
ATOM   1253 C CD1 . LEU B 2 8   ? 11.882  -8.843  -1.132  1.00 53.12  ? 931  LEU B CD1 1 
ATOM   1254 C CD2 . LEU B 2 8   ? 13.749  -9.460  0.424   1.00 57.97  ? 931  LEU B CD2 1 
ATOM   1255 N N   . PHE B 2 9   ? 12.380  -5.462  3.704   1.00 53.89  ? 932  PHE B N   1 
ATOM   1256 C CA  . PHE B 2 9   ? 12.786  -4.136  4.115   1.00 59.50  ? 932  PHE B CA  1 
ATOM   1257 C C   . PHE B 2 9   ? 13.773  -4.265  5.285   1.00 54.34  ? 932  PHE B C   1 
ATOM   1258 O O   . PHE B 2 9   ? 14.833  -3.716  5.009   1.00 60.64  ? 932  PHE B O   1 
ATOM   1259 C CB  . PHE B 2 9   ? 11.562  -3.302  4.506   1.00 56.47  ? 932  PHE B CB  1 
ATOM   1260 C CG  . PHE B 2 9   ? 11.867  -1.847  4.757   1.00 56.43  ? 932  PHE B CG  1 
ATOM   1261 C CD1 . PHE B 2 9   ? 11.897  -0.938  3.711   1.00 54.53  ? 932  PHE B CD1 1 
ATOM   1262 C CD2 . PHE B 2 9   ? 12.211  -1.402  6.027   1.00 64.19  ? 932  PHE B CD2 1 
ATOM   1263 C CE1 . PHE B 2 9   ? 12.213  0.398   3.940   1.00 64.30  ? 932  PHE B CE1 1 
ATOM   1264 C CE2 . PHE B 2 9   ? 12.529  -0.068  6.257   1.00 61.08  ? 932  PHE B CE2 1 
ATOM   1265 C CZ  . PHE B 2 9   ? 12.535  0.830   5.215   1.00 54.87  ? 932  PHE B CZ  1 
HETATM 1266 O O   . HOH C 3 .   ? -8.707  -13.919 10.627  1.00 53.75  ? 1201 HOH A O   1 
HETATM 1267 O O   . HOH C 3 .   ? -9.672  -3.981  10.245  1.00 85.88  ? 1202 HOH A O   1 
HETATM 1268 O O   . HOH C 3 .   ? 11.918  -4.776  -7.170  1.00 42.49  ? 1203 HOH A O   1 
HETATM 1269 O O   . HOH C 3 .   ? -10.914 0.308   -3.973  1.00 49.68  ? 1204 HOH A O   1 
HETATM 1270 O O   . HOH C 3 .   ? -18.880 0.607   -3.104  1.00 48.47  ? 1205 HOH A O   1 
HETATM 1271 O O   . HOH C 3 .   ? 19.006  7.579   -0.523  1.00 89.20  ? 1206 HOH A O   1 
HETATM 1272 O O   . HOH C 3 .   ? 11.281  -8.368  -5.795  1.00 38.40  ? 1207 HOH A O   1 
HETATM 1273 O O   . HOH C 3 .   ? 0.304   -16.413 -14.775 1.00 54.53  ? 1208 HOH A O   1 
HETATM 1274 O O   . HOH C 3 .   ? 9.834   7.265   -0.815  1.00 53.03  ? 1209 HOH A O   1 
HETATM 1275 O O   . HOH C 3 .   ? -7.033  -13.339 -7.848  1.00 52.46  ? 1210 HOH A O   1 
HETATM 1276 O O   . HOH C 3 .   ? -7.995  -16.080 8.897   1.00 84.28  ? 1211 HOH A O   1 
HETATM 1277 O O   . HOH C 3 .   ? -5.018  -18.932 1.054   1.00 56.17  ? 1212 HOH A O   1 
HETATM 1278 O O   . HOH C 3 .   ? -3.554  -11.444 -0.711  1.00 40.62  ? 1213 HOH A O   1 
HETATM 1279 O O   . HOH C 3 .   ? 11.604  -19.664 -0.381  1.00 51.05  ? 1214 HOH A O   1 
HETATM 1280 O O   . HOH C 3 .   ? -12.605 19.460  -5.070  1.00 71.78  ? 1215 HOH A O   1 
HETATM 1281 O O   . HOH C 3 .   ? -11.929 10.398  -8.503  1.00 44.83  ? 1216 HOH A O   1 
HETATM 1282 O O   . HOH C 3 .   ? 8.246   -20.481 -1.800  1.00 44.05  ? 1217 HOH A O   1 
HETATM 1283 O O   . HOH C 3 .   ? 8.407   6.992   -8.119  1.00 60.85  ? 1218 HOH A O   1 
HETATM 1284 O O   . HOH C 3 .   ? -6.177  -15.943 -7.854  1.00 45.31  ? 1219 HOH A O   1 
HETATM 1285 O O   . HOH C 3 .   ? -3.141  -21.368 -13.226 1.00 64.28  ? 1220 HOH A O   1 
HETATM 1286 O O   . HOH C 3 .   ? -9.179  -15.909 -2.591  1.00 50.70  ? 1221 HOH A O   1 
HETATM 1287 O O   . HOH C 3 .   ? -8.303  -16.685 5.875   1.00 53.79  ? 1222 HOH A O   1 
HETATM 1288 O O   . HOH C 3 .   ? -14.432 2.409   9.704   1.00 61.30  ? 1223 HOH A O   1 
HETATM 1289 O O   . HOH C 3 .   ? 0.298   14.316  -2.142  1.00 61.04  ? 1224 HOH A O   1 
HETATM 1290 O O   . HOH C 3 .   ? -13.296 18.445  7.706   1.00 71.94  ? 1225 HOH A O   1 
HETATM 1291 O O   . HOH C 3 .   ? -0.111  -7.685  -15.335 1.00 54.39  ? 1226 HOH A O   1 
HETATM 1292 O O   . HOH C 3 .   ? 3.512   9.104   -17.022 1.00 63.21  ? 1227 HOH A O   1 
HETATM 1293 O O   . HOH C 3 .   ? 13.170  -4.431  -4.682  1.00 52.43  ? 1228 HOH A O   1 
HETATM 1294 O O   . HOH D 3 .   ? 10.752  -5.358  7.954   1.00 54.13  ? 1001 HOH B O   1 
HETATM 1295 O O   . HOH D 3 .   ? 16.802  -5.109  2.644   1.00 69.15  ? 1002 HOH B O   1 
# 
